data_2E7H
#
_entry.id   2E7H
#
_entity_poly.entity_id   1
_entity_poly.type   'polypeptide(L)'
_entity_poly.pdbx_seq_one_letter_code
;GSSGSSGPPAVSDIRVTRSSPSSLSLAWAVPRAPSGAVLDYEVKYHEKGAEGPSSVRFLKTSENRAELRGLKRGASYLVQ
VRARSEAGYGPFGQEHHSQTQLDSGPSSG
;
_entity_poly.pdbx_strand_id   A
#
# COMPACT_ATOMS: atom_id res chain seq x y z
N GLY A 1 11.52 14.69 17.64
CA GLY A 1 11.80 13.47 16.89
C GLY A 1 11.89 12.25 17.78
N SER A 2 11.70 11.08 17.19
CA SER A 2 11.77 9.83 17.94
C SER A 2 13.19 9.27 17.96
N SER A 3 13.71 9.04 19.16
CA SER A 3 15.06 8.52 19.32
C SER A 3 15.12 7.05 18.91
N GLY A 4 15.80 6.76 17.81
CA GLY A 4 15.93 5.40 17.34
C GLY A 4 14.76 4.98 16.47
N SER A 5 14.96 5.05 15.15
CA SER A 5 13.92 4.69 14.20
C SER A 5 13.83 3.17 14.05
N SER A 6 12.64 2.69 13.72
CA SER A 6 12.41 1.25 13.54
C SER A 6 12.69 0.83 12.10
N GLY A 7 12.30 1.68 11.15
CA GLY A 7 12.52 1.39 9.75
C GLY A 7 12.47 2.63 8.88
N PRO A 8 12.20 2.44 7.58
CA PRO A 8 12.13 3.53 6.62
C PRO A 8 10.91 4.42 6.84
N PRO A 9 10.88 5.57 6.14
CA PRO A 9 9.78 6.53 6.24
C PRO A 9 8.49 6.00 5.63
N ALA A 10 7.37 6.29 6.28
CA ALA A 10 6.07 5.85 5.79
C ALA A 10 5.90 6.18 4.31
N VAL A 11 5.82 5.14 3.48
CA VAL A 11 5.65 5.32 2.04
C VAL A 11 4.65 6.43 1.75
N SER A 12 5.00 7.30 0.81
CA SER A 12 4.13 8.41 0.42
C SER A 12 3.99 8.48 -1.10
N ASP A 13 3.17 9.42 -1.56
CA ASP A 13 2.93 9.60 -2.98
C ASP A 13 2.67 8.25 -3.67
N ILE A 14 1.69 7.52 -3.15
CA ILE A 14 1.35 6.21 -3.71
C ILE A 14 0.33 6.35 -4.83
N ARG A 15 0.80 6.25 -6.07
CA ARG A 15 -0.06 6.37 -7.23
C ARG A 15 -0.48 5.00 -7.75
N VAL A 16 -1.72 4.89 -8.21
CA VAL A 16 -2.25 3.63 -8.72
C VAL A 16 -2.56 3.73 -10.21
N THR A 17 -1.84 2.97 -11.02
CA THR A 17 -2.03 2.97 -12.46
C THR A 17 -2.56 1.62 -12.94
N ARG A 18 -3.00 1.59 -14.20
CA ARG A 18 -3.53 0.36 -14.79
C ARG A 18 -4.63 -0.24 -13.91
N SER A 19 -5.63 0.58 -13.61
CA SER A 19 -6.75 0.13 -12.78
C SER A 19 -7.52 -1.00 -13.45
N SER A 20 -8.30 -1.73 -12.66
CA SER A 20 -9.08 -2.84 -13.17
C SER A 20 -10.17 -3.25 -12.18
N PRO A 21 -11.19 -3.94 -12.69
CA PRO A 21 -12.32 -4.41 -11.87
C PRO A 21 -11.91 -5.53 -10.91
N SER A 22 -11.10 -6.45 -11.40
CA SER A 22 -10.64 -7.58 -10.60
C SER A 22 -9.12 -7.52 -10.40
N SER A 23 -8.58 -6.31 -10.35
CA SER A 23 -7.14 -6.13 -10.18
C SER A 23 -6.81 -4.65 -10.03
N LEU A 24 -5.76 -4.36 -9.25
CA LEU A 24 -5.33 -2.98 -9.01
C LEU A 24 -3.83 -2.91 -8.83
N SER A 25 -3.14 -2.32 -9.79
CA SER A 25 -1.69 -2.18 -9.73
C SER A 25 -1.29 -0.94 -8.94
N LEU A 26 -0.42 -1.13 -7.95
CA LEU A 26 0.04 -0.04 -7.10
C LEU A 26 1.53 0.23 -7.34
N ALA A 27 1.92 1.49 -7.15
CA ALA A 27 3.32 1.88 -7.32
C ALA A 27 3.65 3.13 -6.52
N TRP A 28 4.70 3.05 -5.73
CA TRP A 28 5.13 4.17 -4.90
C TRP A 28 6.46 4.73 -5.37
N ALA A 29 6.84 5.88 -4.84
CA ALA A 29 8.10 6.52 -5.20
C ALA A 29 9.21 6.15 -4.23
N VAL A 30 10.20 5.42 -4.72
CA VAL A 30 11.32 4.99 -3.90
C VAL A 30 11.67 6.04 -2.86
N PRO A 31 11.16 5.86 -1.63
CA PRO A 31 11.41 6.78 -0.53
C PRO A 31 12.86 6.74 -0.03
N ARG A 32 13.28 7.81 0.62
CA ARG A 32 14.65 7.89 1.15
C ARG A 32 14.72 7.29 2.55
N ALA A 33 15.54 6.25 2.69
CA ALA A 33 15.72 5.58 3.98
C ALA A 33 16.82 6.25 4.79
N PRO A 34 16.63 6.28 6.12
CA PRO A 34 17.60 6.89 7.05
C PRO A 34 18.88 6.08 7.15
N SER A 35 18.93 4.96 6.42
CA SER A 35 20.10 4.09 6.43
C SER A 35 20.09 3.14 5.24
N GLY A 36 21.28 2.71 4.82
CA GLY A 36 21.38 1.81 3.70
C GLY A 36 20.33 2.08 2.63
N ALA A 37 19.47 1.10 2.39
CA ALA A 37 18.42 1.24 1.38
C ALA A 37 17.30 0.23 1.62
N VAL A 38 16.13 0.52 1.07
CA VAL A 38 14.98 -0.36 1.21
C VAL A 38 15.26 -1.75 0.64
N LEU A 39 14.55 -2.75 1.14
CA LEU A 39 14.72 -4.12 0.68
C LEU A 39 13.47 -4.62 -0.02
N ASP A 40 12.40 -4.80 0.75
CA ASP A 40 11.14 -5.28 0.20
C ASP A 40 9.98 -4.41 0.67
N TYR A 41 8.77 -4.79 0.30
CA TYR A 41 7.58 -4.04 0.67
C TYR A 41 6.39 -4.97 0.89
N GLU A 42 5.39 -4.49 1.62
CA GLU A 42 4.20 -5.28 1.91
C GLU A 42 2.93 -4.47 1.64
N VAL A 43 1.94 -5.12 1.02
CA VAL A 43 0.69 -4.45 0.70
C VAL A 43 -0.48 -5.13 1.40
N LYS A 44 -1.06 -4.44 2.38
CA LYS A 44 -2.19 -4.98 3.14
C LYS A 44 -3.49 -4.34 2.68
N TYR A 45 -4.35 -5.12 2.04
CA TYR A 45 -5.63 -4.64 1.56
C TYR A 45 -6.78 -5.47 2.12
N HIS A 46 -7.67 -4.81 2.85
CA HIS A 46 -8.81 -5.49 3.45
C HIS A 46 -10.09 -4.65 3.29
N GLU A 47 -11.16 -5.28 2.86
CA GLU A 47 -12.43 -4.59 2.68
C GLU A 47 -12.66 -3.57 3.79
N LYS A 48 -13.48 -2.56 3.49
CA LYS A 48 -13.78 -1.52 4.47
C LYS A 48 -15.01 -1.89 5.30
N GLY A 49 -15.00 -3.09 5.86
CA GLY A 49 -16.12 -3.54 6.67
C GLY A 49 -16.00 -5.01 7.04
N ALA A 50 -14.85 -5.40 7.55
CA ALA A 50 -14.62 -6.78 7.95
C ALA A 50 -13.79 -6.86 9.23
N GLU A 51 -13.72 -8.06 9.81
CA GLU A 51 -12.96 -8.25 11.04
C GLU A 51 -12.22 -9.58 11.02
N GLY A 52 -11.07 -9.63 11.70
CA GLY A 52 -10.29 -10.84 11.75
C GLY A 52 -8.95 -10.69 11.02
N PRO A 53 -7.93 -11.40 11.51
CA PRO A 53 -6.59 -11.36 10.93
C PRO A 53 -6.53 -12.03 9.56
N SER A 54 -7.32 -13.08 9.39
CA SER A 54 -7.36 -13.81 8.12
C SER A 54 -8.07 -13.00 7.05
N SER A 55 -9.15 -12.32 7.43
CA SER A 55 -9.92 -11.52 6.50
C SER A 55 -9.01 -10.66 5.63
N VAL A 56 -8.00 -10.05 6.26
CA VAL A 56 -7.05 -9.21 5.55
C VAL A 56 -6.01 -10.05 4.83
N ARG A 57 -5.60 -9.60 3.65
CA ARG A 57 -4.61 -10.31 2.86
C ARG A 57 -3.26 -9.62 2.93
N PHE A 58 -2.20 -10.33 2.54
CA PHE A 58 -0.85 -9.78 2.57
C PHE A 58 -0.10 -10.10 1.27
N LEU A 59 0.65 -9.13 0.78
CA LEU A 59 1.41 -9.31 -0.45
C LEU A 59 2.87 -8.90 -0.26
N LYS A 60 3.78 -9.84 -0.45
CA LYS A 60 5.20 -9.58 -0.30
C LYS A 60 5.86 -9.33 -1.66
N THR A 61 6.44 -8.15 -1.82
CA THR A 61 7.11 -7.80 -3.07
C THR A 61 8.47 -7.18 -2.81
N SER A 62 9.43 -7.49 -3.67
CA SER A 62 10.79 -6.97 -3.54
C SER A 62 10.98 -5.73 -4.41
N GLU A 63 9.87 -5.16 -4.87
CA GLU A 63 9.92 -3.96 -5.71
C GLU A 63 8.99 -2.88 -5.17
N ASN A 64 8.95 -1.75 -5.86
CA ASN A 64 8.11 -0.63 -5.45
C ASN A 64 6.80 -0.63 -6.24
N ARG A 65 6.37 -1.81 -6.67
CA ARG A 65 5.12 -1.94 -7.43
C ARG A 65 4.53 -3.33 -7.26
N ALA A 66 3.21 -3.41 -7.25
CA ALA A 66 2.50 -4.67 -7.10
C ALA A 66 1.24 -4.71 -7.94
N GLU A 67 0.79 -5.92 -8.29
CA GLU A 67 -0.41 -6.08 -9.10
C GLU A 67 -1.42 -6.97 -8.38
N LEU A 68 -2.40 -6.34 -7.74
CA LEU A 68 -3.44 -7.07 -7.01
C LEU A 68 -4.45 -7.68 -7.98
N ARG A 69 -5.03 -8.81 -7.59
CA ARG A 69 -6.01 -9.50 -8.42
C ARG A 69 -7.20 -9.96 -7.58
N GLY A 70 -8.28 -10.33 -8.25
CA GLY A 70 -9.46 -10.79 -7.55
C GLY A 70 -9.89 -9.84 -6.45
N LEU A 71 -10.59 -8.78 -6.84
CA LEU A 71 -11.07 -7.79 -5.88
C LEU A 71 -12.51 -7.38 -6.18
N LYS A 72 -13.18 -6.83 -5.18
CA LYS A 72 -14.57 -6.39 -5.34
C LYS A 72 -14.63 -4.97 -5.89
N ARG A 73 -14.72 -4.86 -7.22
CA ARG A 73 -14.79 -3.55 -7.86
C ARG A 73 -15.85 -2.67 -7.20
N GLY A 74 -15.53 -1.40 -7.03
CA GLY A 74 -16.46 -0.47 -6.41
C GLY A 74 -16.32 -0.43 -4.90
N ALA A 75 -16.43 -1.59 -4.26
CA ALA A 75 -16.32 -1.68 -2.81
C ALA A 75 -15.01 -1.06 -2.33
N SER A 76 -15.13 -0.02 -1.48
CA SER A 76 -13.96 0.67 -0.95
C SER A 76 -12.95 -0.34 -0.39
N TYR A 77 -11.68 -0.07 -0.63
CA TYR A 77 -10.62 -0.94 -0.15
C TYR A 77 -9.45 -0.13 0.42
N LEU A 78 -9.17 -0.33 1.70
CA LEU A 78 -8.09 0.39 2.36
C LEU A 78 -6.76 -0.36 2.21
N VAL A 79 -5.93 0.12 1.29
CA VAL A 79 -4.63 -0.49 1.03
C VAL A 79 -3.51 0.28 1.74
N GLN A 80 -2.55 -0.46 2.28
CA GLN A 80 -1.42 0.15 2.98
C GLN A 80 -0.11 -0.47 2.52
N VAL A 81 0.78 0.37 1.98
CA VAL A 81 2.08 -0.08 1.51
C VAL A 81 3.18 0.31 2.48
N ARG A 82 3.92 -0.69 2.96
CA ARG A 82 5.02 -0.45 3.89
C ARG A 82 6.35 -0.90 3.30
N ALA A 83 7.43 -0.30 3.76
CA ALA A 83 8.77 -0.64 3.29
C ALA A 83 9.58 -1.36 4.36
N ARG A 84 10.45 -2.27 3.93
CA ARG A 84 11.27 -3.03 4.86
C ARG A 84 12.75 -2.76 4.63
N SER A 85 13.47 -2.45 5.70
CA SER A 85 14.89 -2.15 5.60
C SER A 85 15.70 -3.07 6.52
N GLU A 86 17.02 -2.94 6.47
CA GLU A 86 17.90 -3.75 7.30
C GLU A 86 17.54 -3.61 8.78
N ALA A 87 17.08 -2.43 9.16
CA ALA A 87 16.70 -2.16 10.55
C ALA A 87 15.50 -2.99 10.95
N GLY A 88 14.39 -2.84 10.22
CA GLY A 88 13.19 -3.58 10.53
C GLY A 88 11.98 -3.09 9.75
N TYR A 89 10.84 -3.72 9.97
CA TYR A 89 9.61 -3.33 9.29
C TYR A 89 9.18 -1.92 9.67
N GLY A 90 9.02 -1.06 8.67
CA GLY A 90 8.61 0.31 8.92
C GLY A 90 7.10 0.46 9.05
N PRO A 91 6.66 1.63 9.53
CA PRO A 91 5.24 1.92 9.71
C PRO A 91 4.51 2.07 8.38
N PHE A 92 3.30 1.51 8.31
CA PHE A 92 2.49 1.58 7.10
C PHE A 92 2.27 3.02 6.68
N GLY A 93 2.61 3.32 5.42
CA GLY A 93 2.44 4.68 4.92
C GLY A 93 1.03 5.20 5.13
N GLN A 94 0.82 6.47 4.78
CA GLN A 94 -0.49 7.09 4.94
C GLN A 94 -1.55 6.31 4.17
N GLU A 95 -2.66 6.01 4.84
CA GLU A 95 -3.75 5.26 4.23
C GLU A 95 -3.89 5.64 2.75
N HIS A 96 -4.24 4.66 1.93
CA HIS A 96 -4.41 4.87 0.50
C HIS A 96 -5.76 4.36 0.02
N HIS A 97 -6.50 5.20 -0.68
CA HIS A 97 -7.81 4.83 -1.20
C HIS A 97 -7.82 4.82 -2.72
N SER A 98 -8.36 3.75 -3.31
CA SER A 98 -8.42 3.62 -4.75
C SER A 98 -9.71 4.21 -5.30
N GLN A 99 -9.80 4.32 -6.62
CA GLN A 99 -10.99 4.87 -7.27
C GLN A 99 -11.93 3.75 -7.69
N THR A 100 -11.37 2.68 -8.24
CA THR A 100 -12.16 1.54 -8.70
C THR A 100 -13.47 2.01 -9.34
N GLN A 101 -13.43 3.17 -9.98
CA GLN A 101 -14.61 3.73 -10.62
C GLN A 101 -15.31 2.68 -11.47
N LEU A 102 -16.49 3.01 -11.96
CA LEU A 102 -17.27 2.08 -12.79
C LEU A 102 -17.77 2.79 -14.06
N ASP A 103 -17.37 4.04 -14.24
CA ASP A 103 -17.77 4.81 -15.41
C ASP A 103 -16.94 4.42 -16.63
N SER A 104 -17.42 4.81 -17.81
CA SER A 104 -16.72 4.49 -19.05
C SER A 104 -16.23 5.76 -19.72
N GLY A 105 -17.14 6.70 -19.99
CA GLY A 105 -16.77 7.94 -20.63
C GLY A 105 -16.92 9.14 -19.70
N PRO A 106 -15.89 9.36 -18.86
CA PRO A 106 -15.89 10.48 -17.91
C PRO A 106 -15.76 11.83 -18.60
N SER A 107 -16.59 12.78 -18.18
CA SER A 107 -16.57 14.12 -18.76
C SER A 107 -15.55 15.02 -18.04
N SER A 108 -14.62 15.57 -18.81
CA SER A 108 -13.59 16.44 -18.25
C SER A 108 -14.08 17.88 -18.17
N GLY A 109 -14.46 18.43 -19.33
CA GLY A 109 -14.93 19.80 -19.38
C GLY A 109 -13.83 20.78 -19.69
N GLY A 1 12.04 9.82 21.29
CA GLY A 1 12.87 8.63 21.34
C GLY A 1 12.17 7.46 22.00
N SER A 2 11.63 6.56 21.17
CA SER A 2 10.93 5.39 21.68
C SER A 2 11.54 4.11 21.14
N SER A 3 11.30 3.01 21.83
CA SER A 3 11.84 1.71 21.42
C SER A 3 10.74 0.81 20.85
N GLY A 4 10.85 0.50 19.56
CA GLY A 4 9.86 -0.35 18.92
C GLY A 4 10.26 -0.73 17.51
N SER A 5 9.63 -0.08 16.52
CA SER A 5 9.92 -0.37 15.13
C SER A 5 10.97 0.60 14.58
N SER A 6 11.84 0.10 13.71
CA SER A 6 12.88 0.92 13.12
C SER A 6 13.05 0.60 11.63
N GLY A 7 13.13 1.65 10.82
CA GLY A 7 13.28 1.46 9.38
C GLY A 7 13.05 2.74 8.60
N PRO A 8 12.72 2.59 7.31
CA PRO A 8 12.45 3.73 6.42
C PRO A 8 11.15 4.44 6.77
N PRO A 9 10.99 5.66 6.24
CA PRO A 9 9.78 6.47 6.48
C PRO A 9 8.55 5.89 5.79
N ALA A 10 7.41 5.98 6.48
CA ALA A 10 6.16 5.46 5.94
C ALA A 10 6.01 5.82 4.46
N VAL A 11 5.82 4.80 3.63
CA VAL A 11 5.67 5.01 2.19
C VAL A 11 4.72 6.15 1.90
N SER A 12 5.23 7.18 1.22
CA SER A 12 4.42 8.35 0.89
C SER A 12 4.19 8.44 -0.62
N ASP A 13 3.43 9.44 -1.04
CA ASP A 13 3.13 9.64 -2.45
C ASP A 13 2.85 8.30 -3.14
N ILE A 14 1.96 7.51 -2.54
CA ILE A 14 1.59 6.22 -3.10
C ILE A 14 0.58 6.36 -4.22
N ARG A 15 1.07 6.31 -5.46
CA ARG A 15 0.20 6.43 -6.62
C ARG A 15 -0.27 5.06 -7.11
N VAL A 16 -1.51 4.99 -7.56
CA VAL A 16 -2.08 3.74 -8.05
C VAL A 16 -2.55 3.87 -9.49
N THR A 17 -1.86 3.18 -10.40
CA THR A 17 -2.20 3.22 -11.82
C THR A 17 -2.84 1.90 -12.26
N ARG A 18 -3.40 1.91 -13.46
CA ARG A 18 -4.05 0.72 -14.01
C ARG A 18 -5.17 0.25 -13.09
N SER A 19 -6.08 1.16 -12.77
CA SER A 19 -7.21 0.83 -11.91
C SER A 19 -8.17 -0.13 -12.60
N SER A 20 -7.86 -1.43 -12.52
CA SER A 20 -8.69 -2.45 -13.14
C SER A 20 -9.87 -2.82 -12.23
N PRO A 21 -10.92 -3.39 -12.84
CA PRO A 21 -12.12 -3.80 -12.11
C PRO A 21 -11.87 -4.99 -11.19
N SER A 22 -11.24 -6.03 -11.75
CA SER A 22 -10.94 -7.23 -10.98
C SER A 22 -9.55 -7.14 -10.35
N SER A 23 -8.68 -6.35 -10.96
CA SER A 23 -7.32 -6.18 -10.47
C SER A 23 -7.03 -4.71 -10.16
N LEU A 24 -5.95 -4.47 -9.42
CA LEU A 24 -5.57 -3.12 -9.05
C LEU A 24 -4.05 -3.01 -8.86
N SER A 25 -3.39 -2.34 -9.79
CA SER A 25 -1.95 -2.17 -9.72
C SER A 25 -1.58 -0.98 -8.84
N LEU A 26 -0.40 -1.04 -8.22
CA LEU A 26 0.07 0.02 -7.35
C LEU A 26 1.52 0.38 -7.66
N ALA A 27 1.97 1.50 -7.10
CA ALA A 27 3.34 1.95 -7.32
C ALA A 27 3.65 3.17 -6.45
N TRP A 28 4.73 3.08 -5.68
CA TRP A 28 5.14 4.17 -4.80
C TRP A 28 6.46 4.78 -5.27
N ALA A 29 6.82 5.91 -4.69
CA ALA A 29 8.06 6.59 -5.05
C ALA A 29 9.17 6.27 -4.05
N VAL A 30 10.23 5.64 -4.54
CA VAL A 30 11.35 5.28 -3.69
C VAL A 30 11.63 6.35 -2.65
N PRO A 31 11.13 6.12 -1.42
CA PRO A 31 11.30 7.05 -0.30
C PRO A 31 12.75 7.11 0.18
N ARG A 32 13.05 8.12 1.00
CA ARG A 32 14.40 8.29 1.53
C ARG A 32 14.52 7.62 2.90
N ALA A 33 15.43 6.65 3.00
CA ALA A 33 15.66 5.94 4.25
C ALA A 33 16.89 6.46 4.97
N PRO A 34 16.93 6.29 6.30
CA PRO A 34 18.04 6.74 7.13
C PRO A 34 19.31 5.93 6.90
N SER A 35 19.18 4.60 6.96
CA SER A 35 20.31 3.71 6.75
C SER A 35 20.05 2.76 5.58
N GLY A 36 21.04 2.64 4.70
CA GLY A 36 20.90 1.77 3.55
C GLY A 36 19.67 2.09 2.73
N ALA A 37 19.40 1.26 1.72
CA ALA A 37 18.24 1.45 0.86
C ALA A 37 17.17 0.40 1.13
N VAL A 38 15.95 0.66 0.68
CA VAL A 38 14.84 -0.26 0.87
C VAL A 38 15.10 -1.59 0.18
N LEU A 39 14.73 -2.68 0.83
CA LEU A 39 14.92 -4.01 0.27
C LEU A 39 13.65 -4.51 -0.41
N ASP A 40 12.59 -4.68 0.37
CA ASP A 40 11.32 -5.14 -0.16
C ASP A 40 10.16 -4.35 0.44
N TYR A 41 8.94 -4.76 0.11
CA TYR A 41 7.74 -4.09 0.62
C TYR A 41 6.65 -5.10 0.94
N GLU A 42 5.63 -4.65 1.67
CA GLU A 42 4.52 -5.51 2.04
C GLU A 42 3.18 -4.80 1.85
N VAL A 43 2.43 -5.23 0.85
CA VAL A 43 1.13 -4.64 0.56
C VAL A 43 0.02 -5.36 1.32
N LYS A 44 -0.47 -4.73 2.38
CA LYS A 44 -1.54 -5.30 3.20
C LYS A 44 -2.89 -4.69 2.81
N TYR A 45 -3.76 -5.52 2.25
CA TYR A 45 -5.09 -5.07 1.84
C TYR A 45 -6.18 -5.87 2.55
N HIS A 46 -7.06 -5.16 3.25
CA HIS A 46 -8.15 -5.80 3.98
C HIS A 46 -9.49 -5.20 3.58
N GLU A 47 -10.46 -6.07 3.28
CA GLU A 47 -11.79 -5.61 2.88
C GLU A 47 -12.45 -4.81 3.99
N LYS A 48 -12.87 -3.59 3.67
CA LYS A 48 -13.52 -2.72 4.64
C LYS A 48 -14.71 -3.42 5.28
N GLY A 49 -15.72 -3.72 4.46
CA GLY A 49 -16.92 -4.38 4.96
C GLY A 49 -16.60 -5.40 6.04
N ALA A 50 -15.73 -6.36 5.72
CA ALA A 50 -15.35 -7.39 6.67
C ALA A 50 -15.09 -6.81 8.05
N GLU A 51 -15.47 -7.56 9.08
CA GLU A 51 -15.28 -7.11 10.46
C GLU A 51 -13.99 -7.65 11.04
N GLY A 52 -13.06 -6.75 11.36
CA GLY A 52 -11.79 -7.16 11.92
C GLY A 52 -10.77 -7.52 10.85
N PRO A 53 -9.54 -7.84 11.28
CA PRO A 53 -8.45 -8.21 10.36
C PRO A 53 -8.68 -9.58 9.72
N SER A 54 -9.66 -10.30 10.23
CA SER A 54 -9.98 -11.63 9.70
C SER A 54 -9.80 -11.67 8.19
N SER A 55 -10.16 -10.57 7.53
CA SER A 55 -10.05 -10.48 6.07
C SER A 55 -8.87 -9.60 5.68
N VAL A 56 -7.66 -10.02 6.09
CA VAL A 56 -6.45 -9.28 5.77
C VAL A 56 -5.47 -10.14 4.98
N ARG A 57 -5.01 -9.61 3.85
CA ARG A 57 -4.07 -10.32 3.00
C ARG A 57 -2.70 -9.67 3.03
N PHE A 58 -1.68 -10.40 2.60
CA PHE A 58 -0.31 -9.89 2.58
C PHE A 58 0.38 -10.23 1.26
N LEU A 59 1.14 -9.28 0.73
CA LEU A 59 1.85 -9.48 -0.53
C LEU A 59 3.30 -9.03 -0.40
N LYS A 60 4.22 -9.95 -0.63
CA LYS A 60 5.65 -9.65 -0.55
C LYS A 60 6.21 -9.34 -1.94
N THR A 61 6.76 -8.13 -2.08
CA THR A 61 7.34 -7.71 -3.35
C THR A 61 8.66 -6.98 -3.14
N SER A 62 9.66 -7.34 -3.94
CA SER A 62 10.98 -6.73 -3.84
C SER A 62 11.10 -5.54 -4.78
N GLU A 63 9.97 -4.93 -5.11
CA GLU A 63 9.95 -3.78 -6.01
C GLU A 63 8.97 -2.72 -5.52
N ASN A 64 8.93 -1.59 -6.22
CA ASN A 64 8.04 -0.50 -5.84
C ASN A 64 6.78 -0.51 -6.69
N ARG A 65 6.37 -1.71 -7.12
CA ARG A 65 5.18 -1.86 -7.94
C ARG A 65 4.59 -3.26 -7.80
N ALA A 66 3.31 -3.33 -7.51
CA ALA A 66 2.62 -4.62 -7.36
C ALA A 66 1.27 -4.61 -8.07
N GLU A 67 0.72 -5.81 -8.27
CA GLU A 67 -0.57 -5.95 -8.94
C GLU A 67 -1.47 -6.91 -8.19
N LEU A 68 -2.54 -6.38 -7.59
CA LEU A 68 -3.49 -7.19 -6.84
C LEU A 68 -4.58 -7.74 -7.75
N ARG A 69 -4.59 -9.06 -7.93
CA ARG A 69 -5.58 -9.70 -8.78
C ARG A 69 -6.65 -10.39 -7.94
N GLY A 70 -7.86 -10.50 -8.49
CA GLY A 70 -8.95 -11.13 -7.78
C GLY A 70 -9.53 -10.23 -6.70
N LEU A 71 -10.36 -9.27 -7.12
CA LEU A 71 -10.99 -8.33 -6.19
C LEU A 71 -12.40 -7.99 -6.63
N LYS A 72 -13.04 -7.10 -5.90
CA LYS A 72 -14.41 -6.67 -6.22
C LYS A 72 -14.44 -5.20 -6.59
N ARG A 73 -14.89 -4.91 -7.81
CA ARG A 73 -14.98 -3.53 -8.28
C ARG A 73 -16.20 -2.82 -7.69
N GLY A 74 -16.39 -2.98 -6.38
CA GLY A 74 -17.52 -2.36 -5.72
C GLY A 74 -17.45 -2.50 -4.21
N ALA A 75 -16.24 -2.42 -3.66
CA ALA A 75 -16.06 -2.55 -2.22
C ALA A 75 -14.84 -1.74 -1.75
N SER A 76 -15.04 -0.93 -0.72
CA SER A 76 -13.98 -0.11 -0.17
C SER A 76 -12.79 -0.96 0.25
N TYR A 77 -11.66 -0.77 -0.43
CA TYR A 77 -10.44 -1.52 -0.12
C TYR A 77 -9.34 -0.60 0.39
N LEU A 78 -8.84 -0.90 1.58
CA LEU A 78 -7.78 -0.10 2.19
C LEU A 78 -6.41 -0.73 1.94
N VAL A 79 -5.69 -0.19 0.95
CA VAL A 79 -4.37 -0.70 0.60
C VAL A 79 -3.28 0.07 1.34
N GLN A 80 -2.39 -0.66 2.01
CA GLN A 80 -1.30 -0.04 2.76
C GLN A 80 0.04 -0.63 2.34
N VAL A 81 0.90 0.22 1.79
CA VAL A 81 2.21 -0.20 1.34
C VAL A 81 3.30 0.29 2.29
N ARG A 82 4.09 -0.64 2.82
CA ARG A 82 5.18 -0.30 3.74
C ARG A 82 6.51 -0.81 3.21
N ALA A 83 7.60 -0.18 3.66
CA ALA A 83 8.93 -0.58 3.25
C ALA A 83 9.72 -1.18 4.41
N ARG A 84 10.74 -1.96 4.09
CA ARG A 84 11.56 -2.60 5.11
C ARG A 84 13.04 -2.51 4.75
N SER A 85 13.89 -2.32 5.75
CA SER A 85 15.32 -2.20 5.55
C SER A 85 16.09 -3.14 6.48
N GLU A 86 17.40 -3.21 6.29
CA GLU A 86 18.24 -4.07 7.12
C GLU A 86 17.76 -4.08 8.57
N ALA A 87 17.48 -2.89 9.10
CA ALA A 87 17.00 -2.76 10.47
C ALA A 87 15.78 -3.64 10.72
N GLY A 88 14.72 -3.40 9.94
CA GLY A 88 13.51 -4.19 10.09
C GLY A 88 12.38 -3.66 9.24
N TYR A 89 11.17 -3.71 9.77
CA TYR A 89 9.99 -3.23 9.05
C TYR A 89 9.60 -1.83 9.49
N GLY A 90 9.42 -0.94 8.52
CA GLY A 90 9.05 0.43 8.83
C GLY A 90 7.55 0.60 9.01
N PRO A 91 7.13 1.82 9.37
CA PRO A 91 5.72 2.14 9.57
C PRO A 91 4.93 2.14 8.27
N PHE A 92 3.66 1.75 8.35
CA PHE A 92 2.80 1.70 7.17
C PHE A 92 2.49 3.12 6.67
N GLY A 93 2.66 3.32 5.37
CA GLY A 93 2.41 4.62 4.78
C GLY A 93 0.96 5.05 4.95
N GLN A 94 0.71 6.36 4.77
CA GLN A 94 -0.63 6.89 4.92
C GLN A 94 -1.63 6.08 4.10
N GLU A 95 -2.47 5.32 4.79
CA GLU A 95 -3.48 4.48 4.13
C GLU A 95 -4.01 5.18 2.89
N HIS A 96 -4.37 4.40 1.88
CA HIS A 96 -4.91 4.93 0.64
C HIS A 96 -6.30 4.37 0.35
N HIS A 97 -7.05 5.06 -0.50
CA HIS A 97 -8.39 4.62 -0.85
C HIS A 97 -8.56 4.54 -2.38
N SER A 98 -8.46 3.32 -2.92
CA SER A 98 -8.59 3.11 -4.35
C SER A 98 -10.03 3.34 -4.81
N GLN A 99 -10.19 3.80 -6.04
CA GLN A 99 -11.51 4.05 -6.60
C GLN A 99 -11.77 3.17 -7.81
N THR A 100 -12.25 1.96 -7.55
CA THR A 100 -12.53 1.01 -8.62
C THR A 100 -13.78 1.42 -9.40
N GLN A 101 -13.61 2.31 -10.37
CA GLN A 101 -14.72 2.78 -11.18
C GLN A 101 -15.89 3.22 -10.31
N LEU A 102 -15.57 3.89 -9.20
CA LEU A 102 -16.59 4.38 -8.28
C LEU A 102 -16.70 5.89 -8.31
N ASP A 103 -15.56 6.56 -8.09
CA ASP A 103 -15.52 8.02 -8.10
C ASP A 103 -14.15 8.51 -8.52
N SER A 104 -14.03 9.83 -8.72
CA SER A 104 -12.77 10.44 -9.13
C SER A 104 -12.07 11.07 -7.93
N GLY A 105 -10.82 11.48 -8.14
CA GLY A 105 -10.05 12.11 -7.07
C GLY A 105 -9.51 13.47 -7.46
N PRO A 106 -10.34 14.50 -7.31
CA PRO A 106 -9.96 15.88 -7.65
C PRO A 106 -8.91 16.44 -6.68
N SER A 107 -8.53 17.69 -6.91
CA SER A 107 -7.53 18.35 -6.05
C SER A 107 -7.86 19.83 -5.89
N SER A 108 -7.41 20.40 -4.78
CA SER A 108 -7.66 21.81 -4.50
C SER A 108 -9.02 22.25 -5.03
N GLY A 109 -10.02 21.41 -4.83
CA GLY A 109 -11.36 21.73 -5.30
C GLY A 109 -12.38 21.74 -4.18
N GLY A 1 5.44 7.69 24.02
CA GLY A 1 5.76 6.30 24.23
C GLY A 1 6.10 5.57 22.94
N SER A 2 7.05 4.64 23.02
CA SER A 2 7.47 3.88 21.85
C SER A 2 7.69 4.81 20.65
N SER A 3 8.32 5.95 20.91
CA SER A 3 8.58 6.93 19.86
C SER A 3 9.83 6.54 19.07
N GLY A 4 10.14 7.31 18.03
CA GLY A 4 11.30 7.04 17.22
C GLY A 4 11.08 5.89 16.26
N SER A 5 10.86 6.20 14.99
CA SER A 5 10.63 5.17 13.97
C SER A 5 11.89 4.35 13.74
N SER A 6 11.74 3.03 13.76
CA SER A 6 12.87 2.13 13.54
C SER A 6 12.85 1.55 12.13
N GLY A 7 13.57 2.21 11.22
CA GLY A 7 13.62 1.75 9.85
C GLY A 7 13.35 2.86 8.85
N PRO A 8 12.94 2.49 7.64
CA PRO A 8 12.64 3.46 6.57
C PRO A 8 11.38 4.28 6.86
N PRO A 9 11.25 5.42 6.16
CA PRO A 9 10.10 6.31 6.32
C PRO A 9 8.82 5.71 5.77
N ALA A 10 7.68 6.16 6.31
CA ALA A 10 6.38 5.66 5.86
C ALA A 10 6.16 5.95 4.39
N VAL A 11 5.96 4.89 3.61
CA VAL A 11 5.73 5.03 2.17
C VAL A 11 4.76 6.19 1.88
N SER A 12 5.17 7.07 0.97
CA SER A 12 4.34 8.21 0.60
C SER A 12 4.15 8.27 -0.91
N ASP A 13 3.38 9.26 -1.37
CA ASP A 13 3.11 9.44 -2.78
C ASP A 13 2.76 8.11 -3.44
N ILE A 14 1.78 7.41 -2.88
CA ILE A 14 1.35 6.13 -3.41
C ILE A 14 0.23 6.30 -4.44
N ARG A 15 0.60 6.25 -5.72
CA ARG A 15 -0.36 6.41 -6.80
C ARG A 15 -0.86 5.05 -7.27
N VAL A 16 -2.06 5.04 -7.85
CA VAL A 16 -2.66 3.80 -8.34
C VAL A 16 -2.94 3.89 -9.84
N THR A 17 -1.99 3.41 -10.64
CA THR A 17 -2.12 3.43 -12.09
C THR A 17 -2.45 2.05 -12.63
N ARG A 18 -2.84 1.99 -13.90
CA ARG A 18 -3.18 0.72 -14.53
C ARG A 18 -4.28 -0.01 -13.77
N SER A 19 -5.35 0.72 -13.46
CA SER A 19 -6.46 0.16 -12.72
C SER A 19 -7.23 -0.84 -13.58
N SER A 20 -7.67 -1.92 -12.96
CA SER A 20 -8.41 -2.96 -13.66
C SER A 20 -9.73 -3.28 -12.97
N PRO A 21 -10.69 -3.82 -13.72
CA PRO A 21 -12.01 -4.18 -13.18
C PRO A 21 -11.95 -5.36 -12.22
N SER A 22 -10.95 -6.21 -12.41
CA SER A 22 -10.79 -7.39 -11.56
C SER A 22 -9.39 -7.43 -10.96
N SER A 23 -8.75 -6.27 -10.88
CA SER A 23 -7.40 -6.17 -10.33
C SER A 23 -7.02 -4.71 -10.08
N LEU A 24 -6.05 -4.50 -9.20
CA LEU A 24 -5.60 -3.16 -8.87
C LEU A 24 -4.07 -3.10 -8.78
N SER A 25 -3.46 -2.30 -9.64
CA SER A 25 -2.01 -2.16 -9.66
C SER A 25 -1.55 -1.02 -8.75
N LEU A 26 -0.55 -1.31 -7.92
CA LEU A 26 -0.02 -0.31 -7.00
C LEU A 26 1.42 0.04 -7.33
N ALA A 27 1.86 1.22 -6.92
CA ALA A 27 3.22 1.67 -7.17
C ALA A 27 3.55 2.92 -6.35
N TRP A 28 4.64 2.84 -5.60
CA TRP A 28 5.06 3.96 -4.76
C TRP A 28 6.37 4.56 -5.28
N ALA A 29 6.74 5.71 -4.74
CA ALA A 29 7.97 6.38 -5.14
C ALA A 29 9.12 6.03 -4.20
N VAL A 30 10.12 5.33 -4.73
CA VAL A 30 11.27 4.93 -3.93
C VAL A 30 11.64 6.01 -2.91
N PRO A 31 11.19 5.82 -1.67
CA PRO A 31 11.46 6.77 -0.58
C PRO A 31 12.93 6.76 -0.16
N ARG A 32 13.31 7.75 0.65
CA ARG A 32 14.68 7.85 1.13
C ARG A 32 14.79 7.42 2.59
N ALA A 33 15.50 6.32 2.82
CA ALA A 33 15.68 5.81 4.18
C ALA A 33 17.06 6.18 4.72
N PRO A 34 17.12 6.45 6.03
CA PRO A 34 18.36 6.82 6.71
C PRO A 34 19.34 5.65 6.81
N SER A 35 18.80 4.43 6.78
CA SER A 35 19.62 3.24 6.88
C SER A 35 19.80 2.59 5.51
N GLY A 36 20.83 3.01 4.78
CA GLY A 36 21.09 2.45 3.46
C GLY A 36 19.97 2.74 2.49
N ALA A 37 19.34 1.68 1.98
CA ALA A 37 18.25 1.82 1.03
C ALA A 37 17.23 0.70 1.21
N VAL A 38 15.94 1.05 1.05
CA VAL A 38 14.88 0.08 1.20
C VAL A 38 15.23 -1.24 0.52
N LEU A 39 14.58 -2.32 0.97
CA LEU A 39 14.83 -3.64 0.40
C LEU A 39 13.55 -4.21 -0.23
N ASP A 40 12.53 -4.41 0.59
CA ASP A 40 11.26 -4.93 0.11
C ASP A 40 10.09 -4.17 0.70
N TYR A 41 8.88 -4.57 0.34
CA TYR A 41 7.68 -3.91 0.83
C TYR A 41 6.59 -4.93 1.18
N GLU A 42 5.53 -4.46 1.81
CA GLU A 42 4.42 -5.34 2.20
C GLU A 42 3.08 -4.69 1.88
N VAL A 43 2.38 -5.25 0.89
CA VAL A 43 1.09 -4.73 0.49
C VAL A 43 -0.04 -5.36 1.30
N LYS A 44 -0.61 -4.60 2.22
CA LYS A 44 -1.70 -5.08 3.06
C LYS A 44 -3.03 -4.48 2.63
N TYR A 45 -4.05 -5.32 2.49
CA TYR A 45 -5.37 -4.87 2.08
C TYR A 45 -6.45 -5.72 2.73
N HIS A 46 -7.61 -5.11 2.99
CA HIS A 46 -8.73 -5.80 3.60
C HIS A 46 -10.02 -5.04 3.39
N GLU A 47 -11.07 -5.76 2.99
CA GLU A 47 -12.37 -5.16 2.74
C GLU A 47 -12.74 -4.18 3.87
N LYS A 48 -12.96 -2.93 3.50
CA LYS A 48 -13.32 -1.91 4.48
C LYS A 48 -14.47 -2.38 5.37
N GLY A 49 -14.26 -2.29 6.68
CA GLY A 49 -15.28 -2.72 7.62
C GLY A 49 -15.03 -4.11 8.16
N ALA A 50 -14.94 -5.09 7.26
CA ALA A 50 -14.70 -6.46 7.65
C ALA A 50 -13.56 -6.56 8.66
N GLU A 51 -13.90 -6.88 9.90
CA GLU A 51 -12.92 -7.00 10.96
C GLU A 51 -12.51 -8.46 11.16
N GLY A 52 -11.21 -8.69 11.35
CA GLY A 52 -10.72 -10.04 11.55
C GLY A 52 -9.31 -10.22 11.01
N PRO A 53 -8.61 -11.25 11.50
CA PRO A 53 -7.25 -11.56 11.08
C PRO A 53 -7.19 -12.08 9.64
N SER A 54 -8.10 -13.00 9.32
CA SER A 54 -8.16 -13.58 7.98
C SER A 54 -8.64 -12.56 6.97
N SER A 55 -9.65 -11.79 7.33
CA SER A 55 -10.21 -10.78 6.45
C SER A 55 -9.10 -10.01 5.73
N VAL A 56 -8.07 -9.63 6.48
CA VAL A 56 -6.95 -8.89 5.92
C VAL A 56 -5.89 -9.84 5.39
N ARG A 57 -5.50 -9.65 4.13
CA ARG A 57 -4.48 -10.49 3.50
C ARG A 57 -3.11 -9.83 3.57
N PHE A 58 -2.12 -10.46 2.95
CA PHE A 58 -0.76 -9.94 2.94
C PHE A 58 -0.02 -10.37 1.68
N LEU A 59 0.60 -9.40 1.01
CA LEU A 59 1.34 -9.68 -0.22
C LEU A 59 2.78 -9.19 -0.11
N LYS A 60 3.72 -10.12 -0.12
CA LYS A 60 5.13 -9.79 -0.03
C LYS A 60 5.73 -9.55 -1.41
N THR A 61 6.33 -8.39 -1.60
CA THR A 61 6.95 -8.02 -2.87
C THR A 61 8.35 -7.47 -2.67
N SER A 62 9.18 -7.57 -3.72
CA SER A 62 10.54 -7.07 -3.66
C SER A 62 10.75 -5.92 -4.63
N GLU A 63 9.73 -5.09 -4.77
CA GLU A 63 9.79 -3.93 -5.67
C GLU A 63 8.87 -2.82 -5.20
N ASN A 64 8.83 -1.73 -5.96
CA ASN A 64 7.99 -0.59 -5.61
C ASN A 64 6.65 -0.64 -6.36
N ARG A 65 6.24 -1.85 -6.71
CA ARG A 65 4.98 -2.04 -7.43
C ARG A 65 4.40 -3.43 -7.15
N ALA A 66 3.08 -3.49 -7.02
CA ALA A 66 2.40 -4.76 -6.75
C ALA A 66 1.01 -4.77 -7.37
N GLU A 67 0.68 -5.86 -8.06
CA GLU A 67 -0.62 -6.00 -8.70
C GLU A 67 -1.48 -7.03 -7.97
N LEU A 68 -2.77 -6.72 -7.84
CA LEU A 68 -3.71 -7.61 -7.16
C LEU A 68 -4.76 -8.14 -8.13
N ARG A 69 -5.19 -9.38 -7.92
CA ARG A 69 -6.20 -10.00 -8.77
C ARG A 69 -7.35 -10.56 -7.93
N GLY A 70 -8.54 -10.54 -8.50
CA GLY A 70 -9.70 -11.05 -7.79
C GLY A 70 -10.31 -10.03 -6.85
N LEU A 71 -10.87 -8.96 -7.42
CA LEU A 71 -11.48 -7.91 -6.62
C LEU A 71 -12.75 -7.39 -7.28
N LYS A 72 -13.45 -6.49 -6.59
CA LYS A 72 -14.69 -5.90 -7.11
C LYS A 72 -14.52 -4.41 -7.36
N ARG A 73 -14.53 -4.02 -8.63
CA ARG A 73 -14.39 -2.62 -9.00
C ARG A 73 -15.52 -1.78 -8.40
N GLY A 74 -15.30 -1.29 -7.18
CA GLY A 74 -16.31 -0.48 -6.52
C GLY A 74 -16.25 -0.62 -5.01
N ALA A 75 -16.33 -1.85 -4.52
CA ALA A 75 -16.30 -2.11 -3.09
C ALA A 75 -15.12 -1.39 -2.43
N SER A 76 -15.33 -0.93 -1.19
CA SER A 76 -14.30 -0.21 -0.46
C SER A 76 -13.10 -1.12 -0.19
N TYR A 77 -11.90 -0.58 -0.42
CA TYR A 77 -10.68 -1.34 -0.21
C TYR A 77 -9.59 -0.45 0.36
N LEU A 78 -9.16 -0.77 1.58
CA LEU A 78 -8.11 0.00 2.26
C LEU A 78 -6.74 -0.60 1.98
N VAL A 79 -6.02 -0.01 1.03
CA VAL A 79 -4.68 -0.48 0.67
C VAL A 79 -3.62 0.24 1.49
N GLN A 80 -2.69 -0.53 2.04
CA GLN A 80 -1.61 0.04 2.85
C GLN A 80 -0.28 -0.65 2.53
N VAL A 81 0.70 0.14 2.09
CA VAL A 81 2.01 -0.38 1.76
C VAL A 81 3.08 0.15 2.71
N ARG A 82 3.91 -0.74 3.22
CA ARG A 82 4.97 -0.36 4.14
C ARG A 82 6.33 -0.80 3.62
N ALA A 83 7.38 -0.06 3.98
CA ALA A 83 8.73 -0.39 3.54
C ALA A 83 9.61 -0.76 4.74
N ARG A 84 10.64 -1.56 4.47
CA ARG A 84 11.55 -2.00 5.52
C ARG A 84 13.00 -1.88 5.06
N SER A 85 13.93 -1.99 6.01
CA SER A 85 15.36 -1.88 5.70
C SER A 85 16.13 -3.02 6.36
N GLU A 86 17.45 -2.99 6.21
CA GLU A 86 18.31 -4.01 6.79
C GLU A 86 18.12 -4.08 8.30
N ALA A 87 17.64 -2.99 8.89
CA ALA A 87 17.41 -2.94 10.32
C ALA A 87 16.09 -3.60 10.69
N GLY A 88 14.99 -3.06 10.18
CA GLY A 88 13.68 -3.63 10.47
C GLY A 88 12.60 -3.08 9.56
N TYR A 89 11.35 -3.27 9.95
CA TYR A 89 10.22 -2.80 9.16
C TYR A 89 9.74 -1.44 9.66
N GLY A 90 9.30 -0.60 8.74
CA GLY A 90 8.82 0.73 9.11
C GLY A 90 7.31 0.78 9.21
N PRO A 91 6.79 1.93 9.66
CA PRO A 91 5.35 2.14 9.81
C PRO A 91 4.62 2.24 8.47
N PHE A 92 3.41 1.71 8.42
CA PHE A 92 2.62 1.73 7.20
C PHE A 92 2.47 3.15 6.67
N GLY A 93 2.13 3.28 5.38
CA GLY A 93 1.96 4.59 4.78
C GLY A 93 0.52 5.07 4.83
N GLN A 94 0.33 6.37 4.64
CA GLN A 94 -1.02 6.95 4.66
C GLN A 94 -2.01 6.05 3.92
N GLU A 95 -3.06 5.63 4.63
CA GLU A 95 -4.08 4.78 4.05
C GLU A 95 -4.55 5.33 2.70
N HIS A 96 -4.75 4.44 1.75
CA HIS A 96 -5.20 4.84 0.41
C HIS A 96 -6.52 4.14 0.06
N HIS A 97 -7.34 4.81 -0.74
CA HIS A 97 -8.62 4.26 -1.16
C HIS A 97 -8.72 4.19 -2.68
N SER A 98 -8.70 2.97 -3.21
CA SER A 98 -8.79 2.78 -4.66
C SER A 98 -10.14 3.25 -5.19
N GLN A 99 -10.13 4.42 -5.82
CA GLN A 99 -11.35 5.00 -6.39
C GLN A 99 -12.26 3.90 -6.96
N THR A 100 -11.69 3.07 -7.83
CA THR A 100 -12.43 1.99 -8.45
C THR A 100 -13.83 2.45 -8.87
N GLN A 101 -13.89 3.57 -9.57
CA GLN A 101 -15.16 4.12 -10.04
C GLN A 101 -15.64 3.39 -11.29
N LEU A 102 -16.94 3.16 -11.37
CA LEU A 102 -17.53 2.47 -12.52
C LEU A 102 -17.93 3.47 -13.59
N ASP A 103 -16.95 3.99 -14.31
CA ASP A 103 -17.20 4.96 -15.38
C ASP A 103 -16.00 5.04 -16.32
N SER A 104 -16.19 5.73 -17.44
CA SER A 104 -15.12 5.89 -18.43
C SER A 104 -15.01 7.34 -18.88
N GLY A 105 -13.81 7.90 -18.76
CA GLY A 105 -13.60 9.28 -19.17
C GLY A 105 -12.45 9.92 -18.42
N PRO A 106 -11.93 11.03 -18.97
CA PRO A 106 -10.81 11.76 -18.37
C PRO A 106 -11.21 12.47 -17.08
N SER A 107 -10.25 13.16 -16.47
CA SER A 107 -10.51 13.88 -15.23
C SER A 107 -9.92 15.29 -15.28
N SER A 108 -10.62 16.24 -14.68
CA SER A 108 -10.16 17.62 -14.67
C SER A 108 -9.63 18.01 -13.29
N GLY A 109 -9.07 19.21 -13.20
CA GLY A 109 -8.52 19.68 -11.93
C GLY A 109 -7.70 18.61 -11.22
N GLY A 1 10.12 -0.46 26.13
CA GLY A 1 11.19 0.25 26.80
C GLY A 1 12.34 0.59 25.87
N SER A 2 13.27 -0.34 25.74
CA SER A 2 14.44 -0.13 24.87
C SER A 2 14.00 0.23 23.46
N SER A 3 14.69 1.20 22.87
CA SER A 3 14.37 1.65 21.52
C SER A 3 15.62 2.20 20.82
N GLY A 4 16.07 1.50 19.80
CA GLY A 4 17.25 1.93 19.06
C GLY A 4 16.92 2.35 17.64
N SER A 5 16.14 1.54 16.94
CA SER A 5 15.77 1.84 15.57
C SER A 5 14.29 1.55 15.33
N SER A 6 13.75 2.10 14.25
CA SER A 6 12.34 1.91 13.92
C SER A 6 12.19 1.29 12.54
N GLY A 7 12.98 1.77 11.59
CA GLY A 7 12.92 1.24 10.23
C GLY A 7 12.81 2.34 9.19
N PRO A 8 12.48 1.95 7.95
CA PRO A 8 12.33 2.89 6.84
C PRO A 8 11.11 3.79 7.00
N PRO A 9 11.04 4.84 6.16
CA PRO A 9 9.92 5.79 6.18
C PRO A 9 8.62 5.18 5.68
N ALA A 10 7.51 5.56 6.28
CA ALA A 10 6.20 5.05 5.90
C ALA A 10 5.88 5.40 4.45
N VAL A 11 5.68 4.37 3.63
CA VAL A 11 5.36 4.56 2.23
C VAL A 11 4.32 5.65 2.03
N SER A 12 4.63 6.62 1.18
CA SER A 12 3.72 7.73 0.92
C SER A 12 3.58 7.97 -0.58
N ASP A 13 2.71 8.91 -0.94
CA ASP A 13 2.49 9.23 -2.35
C ASP A 13 2.33 7.97 -3.18
N ILE A 14 1.41 7.10 -2.76
CA ILE A 14 1.16 5.86 -3.47
C ILE A 14 0.15 6.05 -4.59
N ARG A 15 0.62 6.02 -5.83
CA ARG A 15 -0.24 6.20 -6.99
C ARG A 15 -0.66 4.85 -7.55
N VAL A 16 -1.90 4.77 -8.04
CA VAL A 16 -2.42 3.54 -8.62
C VAL A 16 -2.91 3.77 -10.04
N THR A 17 -2.23 3.13 -11.01
CA THR A 17 -2.59 3.26 -12.41
C THR A 17 -3.12 1.95 -12.97
N ARG A 18 -3.69 2.00 -14.17
CA ARG A 18 -4.24 0.81 -14.81
C ARG A 18 -5.36 0.20 -13.97
N SER A 19 -6.21 1.06 -13.42
CA SER A 19 -7.32 0.60 -12.58
C SER A 19 -8.20 -0.36 -13.35
N SER A 20 -8.04 -1.65 -13.06
CA SER A 20 -8.81 -2.69 -13.74
C SER A 20 -10.03 -3.09 -12.89
N PRO A 21 -11.06 -3.65 -13.55
CA PRO A 21 -12.28 -4.08 -12.88
C PRO A 21 -12.06 -5.29 -12.00
N SER A 22 -10.98 -6.02 -12.24
CA SER A 22 -10.66 -7.21 -11.47
C SER A 22 -9.20 -7.20 -11.04
N SER A 23 -8.60 -6.02 -11.00
CA SER A 23 -7.20 -5.88 -10.63
C SER A 23 -6.85 -4.40 -10.37
N LEU A 24 -5.75 -4.18 -9.65
CA LEU A 24 -5.31 -2.83 -9.33
C LEU A 24 -3.80 -2.78 -9.16
N SER A 25 -3.11 -2.17 -10.13
CA SER A 25 -1.66 -2.05 -10.09
C SER A 25 -1.24 -0.89 -9.19
N LEU A 26 -0.51 -1.20 -8.13
CA LEU A 26 -0.04 -0.17 -7.20
C LEU A 26 1.44 0.13 -7.44
N ALA A 27 1.82 1.38 -7.18
CA ALA A 27 3.20 1.80 -7.36
C ALA A 27 3.52 3.02 -6.49
N TRP A 28 4.61 2.93 -5.74
CA TRP A 28 5.03 4.03 -4.87
C TRP A 28 6.32 4.65 -5.36
N ALA A 29 6.68 5.80 -4.78
CA ALA A 29 7.89 6.50 -5.16
C ALA A 29 9.05 6.14 -4.23
N VAL A 30 10.06 5.48 -4.77
CA VAL A 30 11.22 5.07 -4.00
C VAL A 30 11.56 6.11 -2.94
N PRO A 31 11.12 5.87 -1.70
CA PRO A 31 11.36 6.77 -0.57
C PRO A 31 12.82 6.78 -0.14
N ARG A 32 13.20 7.78 0.65
CA ARG A 32 14.57 7.91 1.13
C ARG A 32 14.68 7.45 2.59
N ALA A 33 15.57 6.51 2.85
CA ALA A 33 15.77 5.99 4.19
C ALA A 33 16.99 6.64 4.85
N PRO A 34 16.93 6.80 6.18
CA PRO A 34 18.01 7.41 6.95
C PRO A 34 19.25 6.51 7.02
N SER A 35 19.09 5.26 6.58
CA SER A 35 20.20 4.32 6.60
C SER A 35 20.02 3.27 5.49
N GLY A 36 21.14 2.80 4.95
CA GLY A 36 21.08 1.79 3.89
C GLY A 36 20.06 2.14 2.83
N ALA A 37 19.29 1.12 2.42
CA ALA A 37 18.27 1.31 1.40
C ALA A 37 17.16 0.27 1.54
N VAL A 38 16.01 0.55 0.93
CA VAL A 38 14.88 -0.36 0.99
C VAL A 38 15.19 -1.67 0.28
N LEU A 39 14.75 -2.77 0.86
CA LEU A 39 14.99 -4.09 0.28
C LEU A 39 13.70 -4.65 -0.32
N ASP A 40 12.70 -4.87 0.52
CA ASP A 40 11.42 -5.40 0.07
C ASP A 40 10.26 -4.57 0.61
N TYR A 41 9.05 -4.95 0.24
CA TYR A 41 7.85 -4.23 0.69
C TYR A 41 6.75 -5.20 1.09
N GLU A 42 5.72 -4.68 1.76
CA GLU A 42 4.60 -5.51 2.20
C GLU A 42 3.27 -4.81 1.94
N VAL A 43 2.45 -5.42 1.09
CA VAL A 43 1.14 -4.86 0.76
C VAL A 43 0.02 -5.55 1.52
N LYS A 44 -0.65 -4.80 2.39
CA LYS A 44 -1.74 -5.35 3.18
C LYS A 44 -3.07 -4.70 2.81
N TYR A 45 -4.01 -5.49 2.32
CA TYR A 45 -5.32 -4.99 1.94
C TYR A 45 -6.43 -5.73 2.66
N HIS A 46 -7.58 -5.08 2.82
CA HIS A 46 -8.72 -5.68 3.49
C HIS A 46 -9.98 -4.83 3.29
N GLU A 47 -11.05 -5.49 2.84
CA GLU A 47 -12.31 -4.80 2.60
C GLU A 47 -12.71 -3.95 3.81
N LYS A 48 -12.81 -2.65 3.60
CA LYS A 48 -13.19 -1.73 4.67
C LYS A 48 -14.23 -2.35 5.59
N GLY A 49 -15.39 -2.69 5.02
CA GLY A 49 -16.45 -3.29 5.79
C GLY A 49 -15.97 -4.48 6.61
N ALA A 50 -15.40 -5.47 5.94
CA ALA A 50 -14.88 -6.65 6.62
C ALA A 50 -13.79 -6.30 7.61
N GLU A 51 -13.84 -6.93 8.78
CA GLU A 51 -12.85 -6.67 9.83
C GLU A 51 -12.33 -7.98 10.42
N GLY A 52 -11.12 -7.94 10.96
CA GLY A 52 -10.53 -9.12 11.55
C GLY A 52 -9.10 -9.35 11.09
N PRO A 53 -8.32 -10.05 11.91
CA PRO A 53 -6.91 -10.36 11.61
C PRO A 53 -6.77 -11.36 10.48
N SER A 54 -7.82 -12.15 10.25
CA SER A 54 -7.80 -13.15 9.19
C SER A 54 -8.38 -12.57 7.89
N SER A 55 -9.41 -11.76 8.02
CA SER A 55 -10.05 -11.15 6.86
C SER A 55 -9.01 -10.46 5.97
N VAL A 56 -8.05 -9.78 6.60
CA VAL A 56 -7.01 -9.09 5.86
C VAL A 56 -5.95 -10.07 5.36
N ARG A 57 -5.44 -9.82 4.16
CA ARG A 57 -4.42 -10.67 3.57
C ARG A 57 -3.06 -9.97 3.54
N PHE A 58 -2.05 -10.68 3.04
CA PHE A 58 -0.70 -10.12 2.97
C PHE A 58 -0.04 -10.47 1.64
N LEU A 59 0.74 -9.55 1.11
CA LEU A 59 1.44 -9.76 -0.16
C LEU A 59 2.90 -9.34 -0.06
N LYS A 60 3.81 -10.29 -0.19
CA LYS A 60 5.24 -10.01 -0.12
C LYS A 60 5.81 -9.77 -1.52
N THR A 61 6.32 -8.55 -1.74
CA THR A 61 6.89 -8.19 -3.02
C THR A 61 8.12 -7.31 -2.84
N SER A 62 9.24 -7.73 -3.44
CA SER A 62 10.49 -6.99 -3.35
C SER A 62 10.60 -5.98 -4.48
N GLU A 63 9.51 -5.29 -4.77
CA GLU A 63 9.48 -4.28 -5.84
C GLU A 63 8.58 -3.12 -5.46
N ASN A 64 8.80 -1.98 -6.12
CA ASN A 64 8.01 -0.78 -5.86
C ASN A 64 6.72 -0.77 -6.69
N ARG A 65 6.33 -1.96 -7.15
CA ARG A 65 5.12 -2.09 -7.96
C ARG A 65 4.55 -3.50 -7.85
N ALA A 66 3.22 -3.58 -7.69
CA ALA A 66 2.54 -4.86 -7.57
C ALA A 66 1.17 -4.83 -8.24
N GLU A 67 0.62 -6.01 -8.49
CA GLU A 67 -0.69 -6.11 -9.13
C GLU A 67 -1.63 -7.01 -8.32
N LEU A 68 -2.64 -6.41 -7.72
CA LEU A 68 -3.61 -7.15 -6.91
C LEU A 68 -4.71 -7.72 -7.79
N ARG A 69 -4.55 -8.98 -8.20
CA ARG A 69 -5.54 -9.64 -9.04
C ARG A 69 -6.62 -10.31 -8.19
N GLY A 70 -7.86 -10.21 -8.64
CA GLY A 70 -8.96 -10.82 -7.90
C GLY A 70 -9.46 -9.93 -6.78
N LEU A 71 -10.31 -8.97 -7.12
CA LEU A 71 -10.87 -8.04 -6.13
C LEU A 71 -12.31 -7.70 -6.45
N LYS A 72 -12.91 -6.87 -5.62
CA LYS A 72 -14.30 -6.46 -5.81
C LYS A 72 -14.38 -5.00 -6.25
N ARG A 73 -14.65 -4.79 -7.54
CA ARG A 73 -14.74 -3.45 -8.09
C ARG A 73 -15.91 -2.68 -7.46
N GLY A 74 -15.70 -1.39 -7.21
CA GLY A 74 -16.73 -0.57 -6.61
C GLY A 74 -16.71 -0.61 -5.10
N ALA A 75 -16.35 -1.77 -4.55
CA ALA A 75 -16.29 -1.94 -3.11
C ALA A 75 -15.09 -1.20 -2.53
N SER A 76 -15.29 -0.54 -1.39
CA SER A 76 -14.22 0.21 -0.74
C SER A 76 -13.10 -0.72 -0.30
N TYR A 77 -11.87 -0.36 -0.65
CA TYR A 77 -10.70 -1.17 -0.30
C TYR A 77 -9.59 -0.30 0.27
N LEU A 78 -9.22 -0.59 1.52
CA LEU A 78 -8.18 0.17 2.20
C LEU A 78 -6.85 -0.58 2.16
N VAL A 79 -6.00 -0.21 1.20
CA VAL A 79 -4.69 -0.85 1.05
C VAL A 79 -3.60 -0.05 1.75
N GLN A 80 -2.69 -0.75 2.42
CA GLN A 80 -1.60 -0.11 3.13
C GLN A 80 -0.26 -0.73 2.76
N VAL A 81 0.63 0.09 2.19
CA VAL A 81 1.95 -0.37 1.78
C VAL A 81 3.02 0.10 2.74
N ARG A 82 4.07 -0.70 2.91
CA ARG A 82 5.17 -0.35 3.80
C ARG A 82 6.51 -0.69 3.16
N ALA A 83 7.60 -0.29 3.83
CA ALA A 83 8.94 -0.55 3.33
C ALA A 83 9.75 -1.34 4.35
N ARG A 84 10.87 -1.91 3.89
CA ARG A 84 11.74 -2.69 4.76
C ARG A 84 13.20 -2.33 4.53
N SER A 85 13.92 -2.05 5.60
CA SER A 85 15.34 -1.69 5.51
C SER A 85 16.18 -2.60 6.39
N GLU A 86 17.49 -2.60 6.15
CA GLU A 86 18.41 -3.43 6.92
C GLU A 86 18.15 -3.30 8.41
N ALA A 87 17.59 -2.15 8.81
CA ALA A 87 17.28 -1.90 10.21
C ALA A 87 16.11 -2.74 10.67
N GLY A 88 15.00 -2.67 9.94
CA GLY A 88 13.82 -3.44 10.29
C GLY A 88 12.57 -2.93 9.61
N TYR A 89 11.46 -3.63 9.80
CA TYR A 89 10.19 -3.24 9.20
C TYR A 89 9.80 -1.82 9.63
N GLY A 90 9.23 -1.07 8.69
CA GLY A 90 8.81 0.29 8.99
C GLY A 90 7.31 0.41 9.15
N PRO A 91 6.86 1.50 9.80
CA PRO A 91 5.45 1.75 10.03
C PRO A 91 4.70 2.08 8.75
N PHE A 92 3.38 1.93 8.78
CA PHE A 92 2.54 2.21 7.62
C PHE A 92 2.32 3.71 7.47
N GLY A 93 1.91 4.13 6.28
CA GLY A 93 1.67 5.53 6.01
C GLY A 93 0.18 5.86 5.92
N GLN A 94 -0.13 7.04 5.41
CA GLN A 94 -1.51 7.47 5.27
C GLN A 94 -2.30 6.50 4.42
N GLU A 95 -3.32 5.88 5.02
CA GLU A 95 -4.15 4.91 4.31
C GLU A 95 -4.37 5.34 2.86
N HIS A 96 -4.33 4.36 1.96
CA HIS A 96 -4.52 4.64 0.53
C HIS A 96 -5.94 4.31 0.10
N HIS A 97 -6.57 5.23 -0.63
CA HIS A 97 -7.93 5.04 -1.09
C HIS A 97 -7.96 4.92 -2.62
N SER A 98 -8.08 3.69 -3.11
CA SER A 98 -8.12 3.43 -4.54
C SER A 98 -9.37 4.06 -5.16
N GLN A 99 -9.31 4.27 -6.48
CA GLN A 99 -10.44 4.86 -7.21
C GLN A 99 -11.33 3.78 -7.80
N THR A 100 -11.71 2.81 -6.98
CA THR A 100 -12.56 1.72 -7.43
C THR A 100 -14.04 2.09 -7.32
N GLN A 101 -14.36 2.93 -6.35
CA GLN A 101 -15.73 3.36 -6.14
C GLN A 101 -16.08 4.55 -7.01
N LEU A 102 -15.34 4.72 -8.10
CA LEU A 102 -15.56 5.82 -9.02
C LEU A 102 -15.76 7.13 -8.26
N ASP A 103 -14.92 7.36 -7.25
CA ASP A 103 -15.01 8.58 -6.45
C ASP A 103 -14.57 9.79 -7.26
N SER A 104 -13.43 9.66 -7.95
CA SER A 104 -12.91 10.76 -8.75
C SER A 104 -11.77 10.26 -9.66
N GLY A 105 -11.73 10.79 -10.88
CA GLY A 105 -10.70 10.39 -11.82
C GLY A 105 -9.34 10.94 -11.45
N PRO A 106 -8.44 11.02 -12.45
CA PRO A 106 -7.08 11.52 -12.24
C PRO A 106 -7.06 13.02 -11.96
N SER A 107 -7.81 13.78 -12.76
CA SER A 107 -7.87 15.22 -12.61
C SER A 107 -6.48 15.80 -12.31
N SER A 108 -5.48 15.34 -13.05
CA SER A 108 -4.12 15.80 -12.86
C SER A 108 -3.68 15.62 -11.41
N GLY A 109 -4.04 14.48 -10.83
CA GLY A 109 -3.68 14.21 -9.45
C GLY A 109 -4.65 14.82 -8.46
N GLY A 1 19.28 10.77 22.23
CA GLY A 1 19.09 9.53 21.51
C GLY A 1 18.01 8.65 22.13
N SER A 2 17.84 7.46 21.56
CA SER A 2 16.83 6.53 22.06
C SER A 2 17.33 5.09 21.98
N SER A 3 16.64 4.19 22.68
CA SER A 3 17.02 2.79 22.70
C SER A 3 15.92 1.92 22.10
N GLY A 4 15.86 1.87 20.77
CA GLY A 4 14.86 1.08 20.09
C GLY A 4 15.26 0.68 18.70
N SER A 5 14.40 0.97 17.73
CA SER A 5 14.68 0.64 16.33
C SER A 5 14.17 1.74 15.39
N SER A 6 14.96 2.05 14.38
CA SER A 6 14.60 3.08 13.41
C SER A 6 14.71 2.56 11.99
N GLY A 7 13.59 2.59 11.28
CA GLY A 7 13.57 2.11 9.91
C GLY A 7 13.29 3.22 8.91
N PRO A 8 12.97 2.83 7.66
CA PRO A 8 12.68 3.79 6.59
C PRO A 8 11.36 4.52 6.81
N PRO A 9 11.16 5.62 6.08
CA PRO A 9 9.95 6.43 6.17
C PRO A 9 8.73 5.73 5.60
N ALA A 10 7.58 5.93 6.22
CA ALA A 10 6.33 5.31 5.77
C ALA A 10 6.08 5.60 4.31
N VAL A 11 5.99 4.55 3.50
CA VAL A 11 5.75 4.70 2.07
C VAL A 11 4.77 5.83 1.80
N SER A 12 5.20 6.78 0.98
CA SER A 12 4.36 7.93 0.62
C SER A 12 4.14 8.01 -0.88
N ASP A 13 3.35 8.99 -1.31
CA ASP A 13 3.06 9.17 -2.73
C ASP A 13 2.69 7.84 -3.38
N ILE A 14 1.70 7.17 -2.81
CA ILE A 14 1.25 5.89 -3.34
C ILE A 14 0.02 6.06 -4.22
N ARG A 15 0.25 6.12 -5.53
CA ARG A 15 -0.85 6.28 -6.49
C ARG A 15 -1.12 4.97 -7.22
N VAL A 16 -2.40 4.62 -7.33
CA VAL A 16 -2.79 3.39 -8.01
C VAL A 16 -2.84 3.60 -9.52
N THR A 17 -2.01 2.86 -10.25
CA THR A 17 -1.96 2.96 -11.70
C THR A 17 -2.38 1.65 -12.35
N ARG A 18 -2.62 1.70 -13.66
CA ARG A 18 -3.03 0.51 -14.40
C ARG A 18 -4.16 -0.22 -13.69
N SER A 19 -5.22 0.53 -13.36
CA SER A 19 -6.37 -0.05 -12.67
C SER A 19 -6.99 -1.17 -13.50
N SER A 20 -7.84 -1.97 -12.85
CA SER A 20 -8.50 -3.08 -13.52
C SER A 20 -9.90 -3.30 -12.96
N PRO A 21 -10.75 -3.97 -13.76
CA PRO A 21 -12.13 -4.25 -13.36
C PRO A 21 -12.22 -5.27 -12.23
N SER A 22 -11.29 -6.23 -12.22
CA SER A 22 -11.26 -7.26 -11.20
C SER A 22 -9.88 -7.36 -10.56
N SER A 23 -9.11 -6.29 -10.67
CA SER A 23 -7.76 -6.25 -10.11
C SER A 23 -7.32 -4.80 -9.84
N LEU A 24 -6.25 -4.66 -9.07
CA LEU A 24 -5.73 -3.33 -8.75
C LEU A 24 -4.21 -3.39 -8.53
N SER A 25 -3.50 -2.47 -9.17
CA SER A 25 -2.05 -2.40 -9.06
C SER A 25 -1.63 -1.34 -8.04
N LEU A 26 -0.37 -1.39 -7.64
CA LEU A 26 0.16 -0.44 -6.67
C LEU A 26 1.60 -0.06 -7.00
N ALA A 27 1.95 1.19 -6.76
CA ALA A 27 3.30 1.68 -7.02
C ALA A 27 3.58 2.97 -6.26
N TRP A 28 4.68 2.97 -5.49
CA TRP A 28 5.06 4.13 -4.71
C TRP A 28 6.35 4.75 -5.25
N ALA A 29 6.68 5.94 -4.76
CA ALA A 29 7.88 6.63 -5.19
C ALA A 29 9.06 6.30 -4.28
N VAL A 30 10.06 5.62 -4.83
CA VAL A 30 11.24 5.24 -4.07
C VAL A 30 11.61 6.32 -3.05
N PRO A 31 11.19 6.11 -1.79
CA PRO A 31 11.47 7.05 -0.71
C PRO A 31 12.94 7.08 -0.31
N ARG A 32 13.26 7.88 0.69
CA ARG A 32 14.64 8.00 1.16
C ARG A 32 14.83 7.24 2.48
N ALA A 33 15.96 6.55 2.60
CA ALA A 33 16.26 5.78 3.80
C ALA A 33 17.47 6.37 4.52
N PRO A 34 17.60 6.02 5.82
CA PRO A 34 18.71 6.51 6.66
C PRO A 34 20.04 5.88 6.25
N SER A 35 20.06 4.56 6.12
CA SER A 35 21.28 3.84 5.74
C SER A 35 20.95 2.64 4.86
N GLY A 36 21.62 2.56 3.71
CA GLY A 36 21.39 1.45 2.80
C GLY A 36 20.18 1.68 1.92
N ALA A 37 19.80 0.66 1.16
CA ALA A 37 18.66 0.75 0.27
C ALA A 37 17.43 0.06 0.85
N VAL A 38 16.26 0.51 0.45
CA VAL A 38 15.00 -0.07 0.94
C VAL A 38 14.86 -1.51 0.50
N LEU A 39 14.62 -2.40 1.46
CA LEU A 39 14.45 -3.82 1.17
C LEU A 39 13.02 -4.13 0.75
N ASP A 40 12.73 -5.40 0.49
CA ASP A 40 11.40 -5.82 0.08
C ASP A 40 10.34 -5.01 0.81
N TYR A 41 9.19 -4.85 0.16
CA TYR A 41 8.08 -4.10 0.74
C TYR A 41 6.88 -5.01 1.03
N GLU A 42 5.92 -4.49 1.77
CA GLU A 42 4.73 -5.26 2.13
C GLU A 42 3.47 -4.45 1.84
N VAL A 43 2.43 -5.15 1.39
CA VAL A 43 1.16 -4.50 1.08
C VAL A 43 0.01 -5.17 1.81
N LYS A 44 -0.60 -4.45 2.74
CA LYS A 44 -1.72 -4.97 3.51
C LYS A 44 -3.02 -4.30 3.11
N TYR A 45 -3.88 -5.02 2.41
CA TYR A 45 -5.16 -4.48 1.96
C TYR A 45 -6.32 -5.28 2.56
N HIS A 46 -7.33 -4.58 3.04
CA HIS A 46 -8.50 -5.21 3.63
C HIS A 46 -9.78 -4.56 3.13
N GLU A 47 -10.87 -5.33 3.15
CA GLU A 47 -12.16 -4.82 2.69
C GLU A 47 -12.84 -4.00 3.79
N LYS A 48 -13.20 -2.77 3.44
CA LYS A 48 -13.87 -1.87 4.38
C LYS A 48 -14.84 -2.64 5.27
N GLY A 49 -15.94 -3.10 4.68
CA GLY A 49 -16.93 -3.84 5.42
C GLY A 49 -16.53 -5.28 5.66
N ALA A 50 -15.84 -5.53 6.76
CA ALA A 50 -15.40 -6.88 7.09
C ALA A 50 -14.76 -6.92 8.48
N GLU A 51 -14.94 -8.04 9.18
CA GLU A 51 -14.39 -8.20 10.51
C GLU A 51 -13.63 -9.52 10.62
N GLY A 52 -12.33 -9.43 10.91
CA GLY A 52 -11.51 -10.62 11.05
C GLY A 52 -10.16 -10.47 10.40
N PRO A 53 -9.16 -11.22 10.90
CA PRO A 53 -7.80 -11.19 10.38
C PRO A 53 -7.70 -11.79 8.98
N SER A 54 -8.60 -12.70 8.67
CA SER A 54 -8.61 -13.36 7.35
C SER A 54 -8.90 -12.36 6.25
N SER A 55 -9.88 -11.48 6.49
CA SER A 55 -10.27 -10.49 5.51
C SER A 55 -9.04 -9.73 5.00
N VAL A 56 -8.16 -9.36 5.91
CA VAL A 56 -6.95 -8.63 5.55
C VAL A 56 -5.96 -9.53 4.80
N ARG A 57 -5.59 -9.12 3.60
CA ARG A 57 -4.66 -9.89 2.79
C ARG A 57 -3.27 -9.24 2.79
N PHE A 58 -2.24 -10.07 2.60
CA PHE A 58 -0.87 -9.59 2.59
C PHE A 58 -0.17 -9.97 1.28
N LEU A 59 0.61 -9.04 0.74
CA LEU A 59 1.33 -9.28 -0.50
C LEU A 59 2.82 -8.93 -0.35
N LYS A 60 3.67 -9.92 -0.56
CA LYS A 60 5.12 -9.72 -0.45
C LYS A 60 5.73 -9.39 -1.81
N THR A 61 6.38 -8.24 -1.90
CA THR A 61 7.01 -7.82 -3.15
C THR A 61 8.41 -7.27 -2.90
N SER A 62 9.27 -7.39 -3.90
CA SER A 62 10.64 -6.91 -3.78
C SER A 62 10.88 -5.72 -4.71
N GLU A 63 9.92 -4.80 -4.76
CA GLU A 63 10.02 -3.63 -5.60
C GLU A 63 9.03 -2.56 -5.17
N ASN A 64 9.20 -1.35 -5.71
CA ASN A 64 8.32 -0.23 -5.38
C ASN A 64 7.05 -0.26 -6.24
N ARG A 65 6.63 -1.46 -6.61
CA ARG A 65 5.44 -1.64 -7.43
C ARG A 65 4.96 -3.09 -7.42
N ALA A 66 3.68 -3.27 -7.12
CA ALA A 66 3.10 -4.62 -7.07
C ALA A 66 1.74 -4.65 -7.75
N GLU A 67 1.18 -5.85 -7.87
CA GLU A 67 -0.12 -6.02 -8.51
C GLU A 67 -1.04 -6.88 -7.65
N LEU A 68 -2.30 -6.48 -7.55
CA LEU A 68 -3.28 -7.22 -6.76
C LEU A 68 -4.36 -7.81 -7.65
N ARG A 69 -4.76 -9.05 -7.36
CA ARG A 69 -5.79 -9.73 -8.13
C ARG A 69 -6.90 -10.25 -7.23
N GLY A 70 -8.04 -10.56 -7.82
CA GLY A 70 -9.17 -11.07 -7.05
C GLY A 70 -9.72 -10.05 -6.09
N LEU A 71 -10.45 -9.07 -6.61
CA LEU A 71 -11.04 -8.02 -5.80
C LEU A 71 -12.49 -7.77 -6.19
N LYS A 72 -13.17 -6.95 -5.39
CA LYS A 72 -14.57 -6.62 -5.66
C LYS A 72 -14.72 -5.17 -6.12
N ARG A 73 -14.90 -4.99 -7.42
CA ARG A 73 -15.05 -3.66 -7.99
C ARG A 73 -16.22 -2.92 -7.34
N GLY A 74 -15.93 -1.79 -6.70
CA GLY A 74 -16.96 -1.01 -6.06
C GLY A 74 -16.76 -0.93 -4.55
N ALA A 75 -16.65 -2.07 -3.90
CA ALA A 75 -16.45 -2.12 -2.45
C ALA A 75 -15.16 -1.42 -2.06
N SER A 76 -15.29 -0.23 -1.47
CA SER A 76 -14.14 0.55 -1.04
C SER A 76 -13.03 -0.36 -0.53
N TYR A 77 -11.79 -0.05 -0.91
CA TYR A 77 -10.65 -0.84 -0.48
C TYR A 77 -9.57 0.05 0.13
N LEU A 78 -9.18 -0.28 1.36
CA LEU A 78 -8.16 0.49 2.06
C LEU A 78 -6.83 -0.26 2.09
N VAL A 79 -5.91 0.13 1.20
CA VAL A 79 -4.60 -0.50 1.12
C VAL A 79 -3.53 0.37 1.77
N GLN A 80 -2.53 -0.27 2.35
CA GLN A 80 -1.44 0.44 3.00
C GLN A 80 -0.10 -0.23 2.71
N VAL A 81 0.82 0.52 2.11
CA VAL A 81 2.13 0.02 1.78
C VAL A 81 3.18 0.48 2.78
N ARG A 82 4.14 -0.39 3.08
CA ARG A 82 5.20 -0.06 4.02
C ARG A 82 6.56 -0.52 3.50
N ALA A 83 7.62 0.16 3.94
CA ALA A 83 8.97 -0.19 3.53
C ALA A 83 9.79 -0.74 4.70
N ARG A 84 10.73 -1.62 4.39
CA ARG A 84 11.58 -2.22 5.41
C ARG A 84 13.04 -2.17 4.99
N SER A 85 13.93 -1.97 5.98
CA SER A 85 15.36 -1.91 5.72
C SER A 85 16.12 -2.90 6.58
N GLU A 86 17.45 -2.89 6.48
CA GLU A 86 18.29 -3.79 7.25
C GLU A 86 18.02 -3.64 8.75
N ALA A 87 17.35 -2.55 9.11
CA ALA A 87 17.03 -2.28 10.51
C ALA A 87 15.77 -3.01 10.93
N GLY A 88 14.66 -2.71 10.26
CA GLY A 88 13.40 -3.36 10.59
C GLY A 88 12.23 -2.75 9.84
N TYR A 89 11.12 -3.49 9.79
CA TYR A 89 9.93 -3.02 9.09
C TYR A 89 9.56 -1.61 9.53
N GLY A 90 9.25 -0.75 8.55
CA GLY A 90 8.88 0.62 8.86
C GLY A 90 7.39 0.78 9.08
N PRO A 91 6.98 1.99 9.49
CA PRO A 91 5.56 2.31 9.74
C PRO A 91 4.75 2.35 8.45
N PHE A 92 3.57 1.72 8.48
CA PHE A 92 2.70 1.70 7.32
C PHE A 92 2.41 3.11 6.82
N GLY A 93 2.51 3.30 5.51
CA GLY A 93 2.25 4.60 4.93
C GLY A 93 0.85 5.10 5.20
N GLN A 94 0.47 6.19 4.56
CA GLN A 94 -0.86 6.77 4.73
C GLN A 94 -1.91 5.95 3.99
N GLU A 95 -2.93 5.51 4.71
CA GLU A 95 -4.00 4.72 4.13
C GLU A 95 -4.55 5.40 2.88
N HIS A 96 -4.68 4.63 1.80
CA HIS A 96 -5.19 5.16 0.55
C HIS A 96 -6.60 4.64 0.27
N HIS A 97 -7.36 5.38 -0.53
CA HIS A 97 -8.72 4.98 -0.88
C HIS A 97 -8.82 4.62 -2.35
N SER A 98 -8.84 3.32 -2.65
CA SER A 98 -8.93 2.86 -4.03
C SER A 98 -10.38 2.90 -4.52
N GLN A 99 -10.73 3.99 -5.19
CA GLN A 99 -12.08 4.17 -5.71
C GLN A 99 -12.15 3.76 -7.18
N THR A 100 -11.52 2.63 -7.51
CA THR A 100 -11.51 2.13 -8.88
C THR A 100 -12.87 2.33 -9.55
N GLN A 101 -13.93 2.28 -8.75
CA GLN A 101 -15.28 2.45 -9.26
C GLN A 101 -16.00 3.57 -8.52
N LEU A 102 -17.06 4.10 -9.14
CA LEU A 102 -17.83 5.18 -8.54
C LEU A 102 -16.93 6.29 -8.02
N ASP A 103 -15.76 6.44 -8.65
CA ASP A 103 -14.81 7.46 -8.26
C ASP A 103 -15.44 8.85 -8.31
N SER A 104 -14.91 9.77 -7.52
CA SER A 104 -15.42 11.13 -7.47
C SER A 104 -14.34 12.14 -7.83
N GLY A 105 -14.73 13.23 -8.47
CA GLY A 105 -13.78 14.26 -8.85
C GLY A 105 -13.95 15.54 -8.06
N PRO A 106 -13.32 15.59 -6.88
CA PRO A 106 -13.39 16.76 -6.00
C PRO A 106 -12.65 17.96 -6.57
N SER A 107 -12.84 19.13 -5.95
CA SER A 107 -12.18 20.35 -6.39
C SER A 107 -11.11 20.78 -5.41
N SER A 108 -10.07 21.44 -5.92
CA SER A 108 -8.96 21.90 -5.09
C SER A 108 -9.41 23.05 -4.20
N GLY A 109 -9.32 22.85 -2.89
CA GLY A 109 -9.72 23.89 -1.96
C GLY A 109 -11.11 23.67 -1.41
N GLY A 1 14.63 -8.95 20.55
CA GLY A 1 14.10 -7.78 19.88
C GLY A 1 12.60 -7.64 20.04
N SER A 2 12.13 -7.67 21.28
CA SER A 2 10.70 -7.56 21.56
C SER A 2 10.09 -6.39 20.80
N SER A 3 10.59 -5.19 21.07
CA SER A 3 10.08 -4.00 20.40
C SER A 3 11.19 -3.31 19.61
N GLY A 4 10.81 -2.71 18.48
CA GLY A 4 11.79 -2.03 17.65
C GLY A 4 11.31 -0.66 17.20
N SER A 5 10.09 -0.60 16.69
CA SER A 5 9.52 0.67 16.22
C SER A 5 10.56 1.47 15.45
N SER A 6 11.33 0.80 14.61
CA SER A 6 12.36 1.45 13.81
C SER A 6 12.31 0.98 12.36
N GLY A 7 12.96 1.74 11.48
CA GLY A 7 12.98 1.39 10.08
C GLY A 7 12.86 2.59 9.17
N PRO A 8 12.60 2.35 7.87
CA PRO A 8 12.47 3.42 6.88
C PRO A 8 11.20 4.23 7.08
N PRO A 9 11.09 5.36 6.35
CA PRO A 9 9.92 6.24 6.43
C PRO A 9 8.67 5.61 5.82
N ALA A 10 7.52 5.85 6.44
CA ALA A 10 6.26 5.32 5.96
C ALA A 10 6.01 5.69 4.50
N VAL A 11 5.91 4.69 3.64
CA VAL A 11 5.68 4.92 2.22
C VAL A 11 4.67 6.04 2.00
N SER A 12 4.97 6.91 1.04
CA SER A 12 4.09 8.03 0.72
C SER A 12 3.88 8.16 -0.78
N ASP A 13 3.05 9.12 -1.17
CA ASP A 13 2.77 9.35 -2.58
C ASP A 13 2.54 8.02 -3.31
N ILE A 14 1.60 7.24 -2.80
CA ILE A 14 1.29 5.94 -3.40
C ILE A 14 0.24 6.09 -4.49
N ARG A 15 0.69 6.06 -5.74
CA ARG A 15 -0.21 6.19 -6.89
C ARG A 15 -0.72 4.83 -7.33
N VAL A 16 -1.87 4.82 -8.01
CA VAL A 16 -2.46 3.59 -8.50
C VAL A 16 -2.69 3.64 -10.00
N THR A 17 -1.99 2.77 -10.73
CA THR A 17 -2.12 2.72 -12.19
C THR A 17 -2.78 1.42 -12.64
N ARG A 18 -3.37 1.44 -13.82
CA ARG A 18 -4.04 0.26 -14.36
C ARG A 18 -5.12 -0.22 -13.42
N SER A 19 -6.02 0.68 -13.03
CA SER A 19 -7.10 0.33 -12.11
C SER A 19 -8.17 -0.49 -12.83
N SER A 20 -8.30 -1.75 -12.43
CA SER A 20 -9.28 -2.65 -13.04
C SER A 20 -10.31 -3.11 -12.01
N PRO A 21 -11.53 -3.40 -12.49
CA PRO A 21 -12.62 -3.85 -11.63
C PRO A 21 -12.39 -5.26 -11.07
N SER A 22 -11.27 -5.86 -11.46
CA SER A 22 -10.93 -7.20 -11.01
C SER A 22 -9.51 -7.24 -10.46
N SER A 23 -8.81 -6.12 -10.54
CA SER A 23 -7.44 -6.02 -10.05
C SER A 23 -7.13 -4.60 -9.58
N LEU A 24 -6.09 -4.47 -8.77
CA LEU A 24 -5.68 -3.17 -8.26
C LEU A 24 -4.16 -3.08 -8.11
N SER A 25 -3.53 -2.30 -8.96
CA SER A 25 -2.09 -2.13 -8.94
C SER A 25 -1.68 -1.11 -7.87
N LEU A 26 -0.38 -1.05 -7.58
CA LEU A 26 0.14 -0.12 -6.59
C LEU A 26 1.59 0.22 -6.87
N ALA A 27 1.94 1.50 -6.72
CA ALA A 27 3.31 1.95 -6.97
C ALA A 27 3.63 3.19 -6.13
N TRP A 28 4.72 3.13 -5.39
CA TRP A 28 5.13 4.26 -4.55
C TRP A 28 6.42 4.89 -5.07
N ALA A 29 6.77 6.05 -4.53
CA ALA A 29 7.99 6.74 -4.94
C ALA A 29 9.16 6.37 -4.04
N VAL A 30 10.17 5.75 -4.63
CA VAL A 30 11.36 5.34 -3.88
C VAL A 30 11.73 6.38 -2.83
N PRO A 31 11.34 6.12 -1.57
CA PRO A 31 11.62 7.03 -0.46
C PRO A 31 13.11 7.06 -0.10
N ARG A 32 13.48 7.98 0.79
CA ARG A 32 14.86 8.11 1.21
C ARG A 32 15.11 7.35 2.52
N ALA A 33 15.56 6.11 2.40
CA ALA A 33 15.83 5.29 3.56
C ALA A 33 16.92 5.90 4.45
N PRO A 34 17.00 5.44 5.70
CA PRO A 34 17.99 5.94 6.66
C PRO A 34 19.41 5.52 6.30
N SER A 35 19.54 4.33 5.71
CA SER A 35 20.85 3.82 5.32
C SER A 35 20.72 2.91 4.09
N GLY A 36 21.76 2.92 3.26
CA GLY A 36 21.75 2.09 2.06
C GLY A 36 20.45 2.20 1.30
N ALA A 37 20.09 1.13 0.60
CA ALA A 37 18.86 1.11 -0.19
C ALA A 37 17.71 0.50 0.62
N VAL A 38 16.53 0.50 0.01
CA VAL A 38 15.34 -0.05 0.68
C VAL A 38 15.10 -1.50 0.27
N LEU A 39 14.77 -2.34 1.25
CA LEU A 39 14.50 -3.75 0.99
C LEU A 39 13.07 -3.96 0.52
N ASP A 40 12.72 -5.22 0.26
CA ASP A 40 11.37 -5.55 -0.18
C ASP A 40 10.32 -4.74 0.57
N TYR A 41 9.13 -4.64 -0.02
CA TYR A 41 8.05 -3.88 0.60
C TYR A 41 6.92 -4.81 1.03
N GLU A 42 6.02 -4.28 1.87
CA GLU A 42 4.90 -5.07 2.36
C GLU A 42 3.58 -4.39 2.01
N VAL A 43 2.73 -5.09 1.26
CA VAL A 43 1.44 -4.56 0.86
C VAL A 43 0.30 -5.26 1.61
N LYS A 44 -0.34 -4.53 2.52
CA LYS A 44 -1.43 -5.08 3.29
C LYS A 44 -2.75 -4.37 2.96
N TYR A 45 -3.68 -5.12 2.37
CA TYR A 45 -4.98 -4.56 1.99
C TYR A 45 -6.11 -5.31 2.67
N HIS A 46 -7.08 -4.56 3.19
CA HIS A 46 -8.23 -5.16 3.87
C HIS A 46 -9.52 -4.43 3.49
N GLU A 47 -10.56 -5.21 3.19
CA GLU A 47 -11.84 -4.64 2.81
C GLU A 47 -12.36 -3.68 3.90
N LYS A 48 -13.05 -2.63 3.47
CA LYS A 48 -13.60 -1.65 4.40
C LYS A 48 -14.97 -2.08 4.91
N GLY A 49 -15.00 -2.70 6.08
CA GLY A 49 -16.25 -3.15 6.65
C GLY A 49 -16.19 -4.59 7.13
N ALA A 50 -15.59 -5.44 6.32
CA ALA A 50 -15.46 -6.85 6.67
C ALA A 50 -15.02 -7.03 8.12
N GLU A 51 -15.32 -8.20 8.69
CA GLU A 51 -14.94 -8.49 10.06
C GLU A 51 -14.20 -9.82 10.16
N GLY A 52 -13.03 -9.78 10.81
CA GLY A 52 -12.24 -10.99 10.96
C GLY A 52 -10.83 -10.83 10.40
N PRO A 53 -9.92 -11.69 10.86
CA PRO A 53 -8.52 -11.66 10.41
C PRO A 53 -8.36 -12.11 8.96
N SER A 54 -9.43 -12.66 8.40
CA SER A 54 -9.41 -13.12 7.01
C SER A 54 -9.73 -11.99 6.05
N SER A 55 -9.88 -10.79 6.60
CA SER A 55 -10.18 -9.62 5.78
C SER A 55 -8.90 -8.93 5.32
N VAL A 56 -7.89 -8.93 6.18
CA VAL A 56 -6.61 -8.31 5.85
C VAL A 56 -5.67 -9.31 5.18
N ARG A 57 -5.19 -8.95 4.00
CA ARG A 57 -4.27 -9.81 3.25
C ARG A 57 -2.87 -9.22 3.23
N PHE A 58 -1.89 -10.03 2.84
CA PHE A 58 -0.51 -9.59 2.77
C PHE A 58 0.12 -9.97 1.44
N LEU A 59 1.05 -9.16 0.96
CA LEU A 59 1.73 -9.41 -0.30
C LEU A 59 3.17 -8.90 -0.27
N LYS A 60 4.12 -9.81 -0.34
CA LYS A 60 5.54 -9.45 -0.32
C LYS A 60 6.08 -9.30 -1.74
N THR A 61 6.68 -8.14 -2.02
CA THR A 61 7.24 -7.87 -3.34
C THR A 61 8.60 -7.20 -3.23
N SER A 62 9.54 -7.64 -4.06
CA SER A 62 10.89 -7.09 -4.04
C SER A 62 10.99 -5.88 -4.98
N GLU A 63 9.96 -5.04 -4.96
CA GLU A 63 9.92 -3.85 -5.80
C GLU A 63 8.93 -2.82 -5.24
N ASN A 64 9.07 -1.58 -5.70
CA ASN A 64 8.20 -0.51 -5.25
C ASN A 64 6.89 -0.50 -6.04
N ARG A 65 6.47 -1.67 -6.49
CA ARG A 65 5.24 -1.79 -7.26
C ARG A 65 4.68 -3.22 -7.17
N ALA A 66 3.35 -3.33 -7.21
CA ALA A 66 2.70 -4.62 -7.14
C ALA A 66 1.38 -4.61 -7.90
N GLU A 67 0.79 -5.80 -8.08
CA GLU A 67 -0.47 -5.93 -8.79
C GLU A 67 -1.37 -6.96 -8.12
N LEU A 68 -2.47 -6.49 -7.54
CA LEU A 68 -3.42 -7.37 -6.86
C LEU A 68 -4.46 -7.90 -7.84
N ARG A 69 -4.61 -9.22 -7.87
CA ARG A 69 -5.58 -9.86 -8.76
C ARG A 69 -6.70 -10.53 -7.97
N GLY A 70 -7.90 -10.51 -8.53
CA GLY A 70 -9.03 -11.11 -7.85
C GLY A 70 -9.60 -10.23 -6.76
N LEU A 71 -10.42 -9.26 -7.15
CA LEU A 71 -11.04 -8.34 -6.19
C LEU A 71 -12.48 -8.04 -6.57
N LYS A 72 -13.16 -7.27 -5.74
CA LYS A 72 -14.54 -6.91 -5.98
C LYS A 72 -14.70 -5.40 -6.12
N ARG A 73 -14.61 -4.92 -7.36
CA ARG A 73 -14.74 -3.49 -7.64
C ARG A 73 -15.92 -2.88 -6.87
N GLY A 74 -15.86 -1.58 -6.65
CA GLY A 74 -16.93 -0.91 -5.92
C GLY A 74 -16.74 -0.96 -4.42
N ALA A 75 -16.49 -2.16 -3.90
CA ALA A 75 -16.28 -2.34 -2.47
C ALA A 75 -15.04 -1.61 -1.98
N SER A 76 -15.23 -0.70 -1.04
CA SER A 76 -14.12 0.08 -0.49
C SER A 76 -12.97 -0.83 -0.07
N TYR A 77 -11.75 -0.46 -0.43
CA TYR A 77 -10.57 -1.24 -0.09
C TYR A 77 -9.46 -0.34 0.45
N LEU A 78 -9.09 -0.55 1.70
CA LEU A 78 -8.04 0.23 2.35
C LEU A 78 -6.70 -0.47 2.23
N VAL A 79 -5.89 -0.04 1.26
CA VAL A 79 -4.57 -0.63 1.06
C VAL A 79 -3.50 0.15 1.80
N GLN A 80 -2.57 -0.56 2.42
CA GLN A 80 -1.49 0.07 3.17
C GLN A 80 -0.14 -0.54 2.79
N VAL A 81 0.76 0.30 2.29
CA VAL A 81 2.10 -0.16 1.90
C VAL A 81 3.16 0.39 2.83
N ARG A 82 4.11 -0.46 3.20
CA ARG A 82 5.20 -0.04 4.09
C ARG A 82 6.54 -0.51 3.55
N ALA A 83 7.61 0.17 3.96
CA ALA A 83 8.96 -0.18 3.52
C ALA A 83 9.76 -0.79 4.66
N ARG A 84 10.69 -1.68 4.30
CA ARG A 84 11.53 -2.34 5.30
C ARG A 84 13.01 -2.16 4.96
N SER A 85 13.83 -2.00 6.00
CA SER A 85 15.26 -1.82 5.82
C SER A 85 16.05 -2.80 6.69
N GLU A 86 17.37 -2.81 6.51
CA GLU A 86 18.23 -3.69 7.28
C GLU A 86 17.84 -3.69 8.75
N ALA A 87 17.37 -2.55 9.24
CA ALA A 87 16.95 -2.42 10.63
C ALA A 87 15.70 -3.24 10.90
N GLY A 88 14.62 -2.91 10.20
CA GLY A 88 13.37 -3.61 10.39
C GLY A 88 12.23 -3.00 9.61
N TYR A 89 11.06 -3.63 9.67
CA TYR A 89 9.88 -3.14 8.96
C TYR A 89 9.45 -1.78 9.49
N GLY A 90 9.13 -0.86 8.59
CA GLY A 90 8.70 0.47 8.98
C GLY A 90 7.20 0.58 9.12
N PRO A 91 6.74 1.69 9.72
CA PRO A 91 5.30 1.93 9.93
C PRO A 91 4.57 2.19 8.64
N PHE A 92 3.24 2.13 8.70
CA PHE A 92 2.41 2.38 7.51
C PHE A 92 2.10 3.86 7.36
N GLY A 93 2.06 4.32 6.12
CA GLY A 93 1.77 5.72 5.85
C GLY A 93 0.30 5.97 5.58
N GLN A 94 -0.01 7.19 5.13
CA GLN A 94 -1.39 7.54 4.82
C GLN A 94 -2.09 6.43 4.05
N GLU A 95 -3.26 6.03 4.53
CA GLU A 95 -4.02 4.98 3.87
C GLU A 95 -4.59 5.45 2.54
N HIS A 96 -4.32 4.70 1.49
CA HIS A 96 -4.79 5.04 0.15
C HIS A 96 -6.21 4.51 -0.08
N HIS A 97 -6.87 5.01 -1.13
CA HIS A 97 -8.22 4.58 -1.45
C HIS A 97 -8.32 4.17 -2.91
N SER A 98 -8.35 2.86 -3.16
CA SER A 98 -8.44 2.34 -4.51
C SER A 98 -9.50 3.09 -5.32
N GLN A 99 -9.26 3.23 -6.61
CA GLN A 99 -10.18 3.93 -7.49
C GLN A 99 -11.12 2.95 -8.19
N THR A 100 -10.53 1.90 -8.76
CA THR A 100 -11.31 0.89 -9.47
C THR A 100 -12.37 1.52 -10.35
N GLN A 101 -12.03 2.65 -10.96
CA GLN A 101 -12.96 3.37 -11.84
C GLN A 101 -14.22 3.78 -11.08
N LEU A 102 -14.02 4.32 -9.87
CA LEU A 102 -15.14 4.76 -9.05
C LEU A 102 -15.61 6.14 -9.48
N ASP A 103 -14.69 7.09 -9.56
CA ASP A 103 -15.02 8.45 -9.96
C ASP A 103 -14.04 8.95 -11.01
N SER A 104 -14.37 10.10 -11.61
CA SER A 104 -13.52 10.69 -12.64
C SER A 104 -12.21 11.20 -12.05
N GLY A 105 -12.30 11.85 -10.89
CA GLY A 105 -11.12 12.37 -10.24
C GLY A 105 -10.48 13.50 -11.02
N PRO A 106 -11.06 14.70 -10.90
CA PRO A 106 -10.56 15.89 -11.60
C PRO A 106 -9.22 16.37 -11.03
N SER A 107 -8.54 17.22 -11.79
CA SER A 107 -7.24 17.75 -11.37
C SER A 107 -7.43 18.94 -10.45
N SER A 108 -6.70 18.93 -9.33
CA SER A 108 -6.79 20.01 -8.35
C SER A 108 -6.17 21.29 -8.90
N GLY A 109 -4.92 21.19 -9.35
CA GLY A 109 -4.24 22.35 -9.90
C GLY A 109 -3.64 23.23 -8.83
N GLY A 1 3.93 1.55 22.31
CA GLY A 1 4.79 1.58 21.14
C GLY A 1 6.18 2.09 21.45
N SER A 2 7.16 1.18 21.47
CA SER A 2 8.53 1.53 21.76
C SER A 2 8.87 2.92 21.21
N SER A 3 9.77 3.61 21.89
CA SER A 3 10.18 4.95 21.47
C SER A 3 11.21 4.88 20.35
N GLY A 4 11.37 5.99 19.63
CA GLY A 4 12.33 6.03 18.54
C GLY A 4 11.76 5.46 17.25
N SER A 5 12.19 6.01 16.12
CA SER A 5 11.72 5.54 14.82
C SER A 5 12.60 4.41 14.30
N SER A 6 12.17 3.18 14.54
CA SER A 6 12.91 2.01 14.10
C SER A 6 12.47 1.57 12.71
N GLY A 7 13.34 1.74 11.73
CA GLY A 7 13.02 1.37 10.37
C GLY A 7 12.85 2.57 9.46
N PRO A 8 12.61 2.30 8.16
CA PRO A 8 12.43 3.37 7.15
C PRO A 8 11.11 4.12 7.34
N PRO A 9 10.97 5.24 6.63
CA PRO A 9 9.76 6.07 6.70
C PRO A 9 8.55 5.39 6.06
N ALA A 10 7.38 5.60 6.65
CA ALA A 10 6.15 5.02 6.14
C ALA A 10 5.89 5.46 4.70
N VAL A 11 5.95 4.51 3.78
CA VAL A 11 5.71 4.80 2.37
C VAL A 11 4.63 5.86 2.20
N SER A 12 4.86 6.80 1.29
CA SER A 12 3.91 7.87 1.04
C SER A 12 3.75 8.10 -0.47
N ASP A 13 2.86 9.04 -0.82
CA ASP A 13 2.61 9.36 -2.22
C ASP A 13 2.45 8.09 -3.05
N ILE A 14 1.54 7.22 -2.62
CA ILE A 14 1.28 5.96 -3.32
C ILE A 14 0.27 6.16 -4.45
N ARG A 15 0.77 6.25 -5.67
CA ARG A 15 -0.09 6.44 -6.83
C ARG A 15 -0.62 5.10 -7.33
N VAL A 16 -1.73 5.15 -8.06
CA VAL A 16 -2.35 3.94 -8.60
C VAL A 16 -2.55 4.05 -10.11
N THR A 17 -1.70 3.37 -10.87
CA THR A 17 -1.79 3.40 -12.32
C THR A 17 -2.31 2.07 -12.86
N ARG A 18 -2.75 2.07 -14.12
CA ARG A 18 -3.28 0.87 -14.74
C ARG A 18 -4.35 0.22 -13.86
N SER A 19 -5.33 1.01 -13.44
CA SER A 19 -6.41 0.51 -12.60
C SER A 19 -7.30 -0.46 -13.37
N SER A 20 -7.81 -1.46 -12.68
CA SER A 20 -8.67 -2.46 -13.30
C SER A 20 -9.86 -2.79 -12.39
N PRO A 21 -10.93 -3.32 -12.99
CA PRO A 21 -12.14 -3.70 -12.25
C PRO A 21 -11.93 -4.91 -11.35
N SER A 22 -11.33 -5.96 -11.92
CA SER A 22 -11.07 -7.18 -11.17
C SER A 22 -9.70 -7.12 -10.49
N SER A 23 -8.81 -6.31 -11.05
CA SER A 23 -7.46 -6.16 -10.52
C SER A 23 -7.16 -4.71 -10.18
N LEU A 24 -6.19 -4.50 -9.30
CA LEU A 24 -5.80 -3.15 -8.89
C LEU A 24 -4.29 -3.06 -8.70
N SER A 25 -3.64 -2.32 -9.59
CA SER A 25 -2.19 -2.14 -9.52
C SER A 25 -1.82 -1.13 -8.43
N LEU A 26 -0.52 -1.03 -8.15
CA LEU A 26 -0.04 -0.10 -7.13
C LEU A 26 1.42 0.26 -7.38
N ALA A 27 1.84 1.40 -6.85
CA ALA A 27 3.21 1.86 -7.01
C ALA A 27 3.50 3.05 -6.10
N TRP A 28 4.60 2.96 -5.35
CA TRP A 28 5.00 4.03 -4.44
C TRP A 28 6.28 4.70 -4.91
N ALA A 29 6.60 5.83 -4.28
CA ALA A 29 7.81 6.57 -4.63
C ALA A 29 8.96 6.25 -3.68
N VAL A 30 10.02 5.66 -4.23
CA VAL A 30 11.18 5.30 -3.44
C VAL A 30 11.46 6.34 -2.37
N PRO A 31 11.05 6.06 -1.13
CA PRO A 31 11.25 6.96 0.01
C PRO A 31 12.71 7.06 0.42
N ARG A 32 13.15 8.26 0.79
CA ARG A 32 14.52 8.48 1.20
C ARG A 32 14.79 7.87 2.57
N ALA A 33 15.64 6.85 2.61
CA ALA A 33 15.98 6.18 3.85
C ALA A 33 17.43 6.44 4.25
N PRO A 34 17.70 6.41 5.57
CA PRO A 34 19.04 6.65 6.10
C PRO A 34 20.00 5.51 5.78
N SER A 35 19.48 4.45 5.16
CA SER A 35 20.28 3.30 4.81
C SER A 35 20.51 3.24 3.29
N GLY A 36 21.41 2.36 2.87
CA GLY A 36 21.71 2.22 1.47
C GLY A 36 20.46 2.23 0.60
N ALA A 37 19.71 1.13 0.66
CA ALA A 37 18.48 1.01 -0.12
C ALA A 37 17.34 0.45 0.73
N VAL A 38 16.17 0.34 0.13
CA VAL A 38 15.00 -0.20 0.83
C VAL A 38 14.82 -1.69 0.55
N LEU A 39 14.65 -2.48 1.60
CA LEU A 39 14.47 -3.92 1.46
C LEU A 39 13.09 -4.24 0.91
N ASP A 40 12.77 -5.52 0.83
CA ASP A 40 11.48 -5.96 0.31
C ASP A 40 10.35 -5.11 0.88
N TYR A 41 9.21 -5.13 0.20
CA TYR A 41 8.05 -4.35 0.64
C TYR A 41 6.91 -5.26 1.08
N GLU A 42 5.89 -4.67 1.67
CA GLU A 42 4.74 -5.42 2.15
C GLU A 42 3.43 -4.70 1.83
N VAL A 43 2.53 -5.39 1.13
CA VAL A 43 1.24 -4.80 0.77
C VAL A 43 0.10 -5.49 1.51
N LYS A 44 -0.64 -4.71 2.28
CA LYS A 44 -1.78 -5.23 3.04
C LYS A 44 -3.07 -4.53 2.65
N TYR A 45 -3.96 -5.27 1.99
CA TYR A 45 -5.24 -4.72 1.56
C TYR A 45 -6.40 -5.49 2.16
N HIS A 46 -7.43 -4.77 2.60
CA HIS A 46 -8.61 -5.39 3.19
C HIS A 46 -9.84 -4.53 2.98
N GLU A 47 -10.98 -5.18 2.75
CA GLU A 47 -12.24 -4.47 2.53
C GLU A 47 -12.47 -3.43 3.61
N LYS A 48 -13.28 -2.43 3.31
CA LYS A 48 -13.59 -1.36 4.25
C LYS A 48 -14.30 -1.92 5.48
N GLY A 49 -15.47 -2.53 5.26
CA GLY A 49 -16.23 -3.08 6.36
C GLY A 49 -15.79 -4.49 6.71
N ALA A 50 -14.53 -4.63 7.13
CA ALA A 50 -13.98 -5.92 7.49
C ALA A 50 -13.29 -5.86 8.85
N GLU A 51 -14.00 -6.27 9.89
CA GLU A 51 -13.46 -6.27 11.25
C GLU A 51 -13.05 -7.68 11.68
N GLY A 52 -12.48 -8.43 10.75
CA GLY A 52 -12.07 -9.79 11.06
C GLY A 52 -10.62 -10.05 10.66
N PRO A 53 -9.99 -11.01 11.35
CA PRO A 53 -8.59 -11.38 11.09
C PRO A 53 -8.43 -12.09 9.75
N SER A 54 -9.29 -13.07 9.49
CA SER A 54 -9.23 -13.83 8.26
C SER A 54 -9.91 -13.07 7.11
N SER A 55 -9.58 -11.79 6.99
CA SER A 55 -10.17 -10.94 5.94
C SER A 55 -9.07 -10.20 5.18
N VAL A 56 -8.08 -9.70 5.90
CA VAL A 56 -6.97 -8.98 5.29
C VAL A 56 -5.96 -9.94 4.67
N ARG A 57 -5.40 -9.55 3.53
CA ARG A 57 -4.42 -10.37 2.84
C ARG A 57 -3.04 -9.74 2.91
N PHE A 58 -2.02 -10.50 2.50
CA PHE A 58 -0.65 -10.00 2.53
C PHE A 58 0.06 -10.33 1.21
N LEU A 59 0.93 -9.43 0.77
CA LEU A 59 1.67 -9.61 -0.47
C LEU A 59 3.07 -9.01 -0.36
N LYS A 60 4.09 -9.85 -0.47
CA LYS A 60 5.47 -9.39 -0.39
C LYS A 60 6.07 -9.24 -1.79
N THR A 61 6.65 -8.07 -2.05
CA THR A 61 7.27 -7.79 -3.34
C THR A 61 8.53 -6.96 -3.18
N SER A 62 9.62 -7.43 -3.77
CA SER A 62 10.90 -6.72 -3.69
C SER A 62 10.86 -5.44 -4.52
N GLU A 63 9.82 -5.30 -5.33
CA GLU A 63 9.67 -4.11 -6.18
C GLU A 63 8.69 -3.13 -5.55
N ASN A 64 8.76 -1.88 -6.00
CA ASN A 64 7.89 -0.83 -5.48
C ASN A 64 6.58 -0.79 -6.24
N ARG A 65 6.22 -1.92 -6.86
CA ARG A 65 4.98 -2.01 -7.62
C ARG A 65 4.48 -3.46 -7.65
N ALA A 66 3.16 -3.61 -7.63
CA ALA A 66 2.53 -4.93 -7.66
C ALA A 66 1.21 -4.90 -8.40
N GLU A 67 0.65 -6.08 -8.66
CA GLU A 67 -0.63 -6.19 -9.35
C GLU A 67 -1.58 -7.10 -8.60
N LEU A 68 -2.49 -6.49 -7.84
CA LEU A 68 -3.47 -7.24 -7.07
C LEU A 68 -4.60 -7.76 -7.96
N ARG A 69 -4.65 -9.08 -8.13
CA ARG A 69 -5.68 -9.70 -8.96
C ARG A 69 -6.81 -10.25 -8.10
N GLY A 70 -7.86 -10.73 -8.75
CA GLY A 70 -9.00 -11.27 -8.04
C GLY A 70 -9.50 -10.35 -6.95
N LEU A 71 -10.35 -9.39 -7.33
CA LEU A 71 -10.91 -8.44 -6.37
C LEU A 71 -12.33 -8.05 -6.76
N LYS A 72 -12.91 -7.12 -6.00
CA LYS A 72 -14.26 -6.66 -6.26
C LYS A 72 -14.28 -5.15 -6.50
N ARG A 73 -15.26 -4.68 -7.26
CA ARG A 73 -15.40 -3.26 -7.56
C ARG A 73 -16.36 -2.59 -6.59
N GLY A 74 -16.11 -1.32 -6.30
CA GLY A 74 -16.96 -0.57 -5.39
C GLY A 74 -16.63 -0.86 -3.94
N ALA A 75 -16.34 -2.12 -3.63
CA ALA A 75 -16.00 -2.52 -2.27
C ALA A 75 -14.75 -1.82 -1.79
N SER A 76 -14.92 -0.66 -1.16
CA SER A 76 -13.79 0.11 -0.65
C SER A 76 -12.68 -0.80 -0.15
N TYR A 77 -11.48 -0.60 -0.67
CA TYR A 77 -10.33 -1.41 -0.28
C TYR A 77 -9.20 -0.54 0.25
N LEU A 78 -8.96 -0.63 1.55
CA LEU A 78 -7.90 0.15 2.18
C LEU A 78 -6.53 -0.47 1.94
N VAL A 79 -5.77 0.11 1.02
CA VAL A 79 -4.45 -0.39 0.69
C VAL A 79 -3.36 0.41 1.41
N GLN A 80 -2.47 -0.30 2.09
CA GLN A 80 -1.39 0.34 2.83
C GLN A 80 -0.05 -0.33 2.52
N VAL A 81 0.89 0.45 2.00
CA VAL A 81 2.21 -0.06 1.66
C VAL A 81 3.24 0.34 2.71
N ARG A 82 4.20 -0.55 2.96
CA ARG A 82 5.25 -0.30 3.93
C ARG A 82 6.62 -0.66 3.38
N ALA A 83 7.67 -0.19 4.04
CA ALA A 83 9.04 -0.47 3.61
C ALA A 83 9.86 -1.07 4.75
N ARG A 84 10.85 -1.88 4.39
CA ARG A 84 11.71 -2.52 5.38
C ARG A 84 13.17 -2.18 5.13
N SER A 85 13.92 -2.00 6.22
CA SER A 85 15.34 -1.67 6.11
C SER A 85 16.17 -2.54 7.04
N GLU A 86 17.49 -2.50 6.87
CA GLU A 86 18.40 -3.29 7.68
C GLU A 86 17.98 -3.26 9.16
N ALA A 87 17.52 -2.10 9.61
CA ALA A 87 17.08 -1.94 10.99
C ALA A 87 15.87 -2.79 11.29
N GLY A 88 14.87 -2.72 10.41
CA GLY A 88 13.66 -3.51 10.60
C GLY A 88 12.49 -2.96 9.80
N TYR A 89 11.31 -3.55 10.00
CA TYR A 89 10.11 -3.12 9.30
C TYR A 89 9.68 -1.73 9.76
N GLY A 90 9.15 -0.95 8.82
CA GLY A 90 8.69 0.39 9.15
C GLY A 90 7.18 0.47 9.26
N PRO A 91 6.69 1.55 9.89
CA PRO A 91 5.26 1.78 10.08
C PRO A 91 4.55 2.11 8.77
N PHE A 92 3.22 1.99 8.77
CA PHE A 92 2.43 2.27 7.57
C PHE A 92 2.19 3.77 7.43
N GLY A 93 1.93 4.20 6.20
CA GLY A 93 1.70 5.61 5.94
C GLY A 93 0.23 5.92 5.74
N GLN A 94 -0.07 7.13 5.29
CA GLN A 94 -1.44 7.56 5.06
C GLN A 94 -2.22 6.48 4.30
N GLU A 95 -3.43 6.19 4.79
CA GLU A 95 -4.28 5.19 4.17
C GLU A 95 -4.74 5.64 2.79
N HIS A 96 -4.85 4.71 1.86
CA HIS A 96 -5.29 5.02 0.50
C HIS A 96 -6.52 4.20 0.13
N HIS A 97 -7.36 4.75 -0.75
CA HIS A 97 -8.57 4.08 -1.19
C HIS A 97 -8.53 3.79 -2.69
N SER A 98 -8.26 2.54 -3.04
CA SER A 98 -8.20 2.14 -4.44
C SER A 98 -9.59 2.02 -5.04
N GLN A 99 -9.98 3.02 -5.82
CA GLN A 99 -11.29 3.03 -6.47
C GLN A 99 -11.22 2.39 -7.86
N THR A 100 -12.12 1.45 -8.10
CA THR A 100 -12.17 0.76 -9.39
C THR A 100 -12.89 1.60 -10.44
N GLN A 101 -12.19 2.59 -10.98
CA GLN A 101 -12.77 3.47 -12.00
C GLN A 101 -14.12 4.02 -11.53
N LEU A 102 -14.16 4.51 -10.31
CA LEU A 102 -15.38 5.07 -9.75
C LEU A 102 -15.33 6.60 -9.75
N ASP A 103 -15.77 7.19 -10.85
CA ASP A 103 -15.78 8.65 -10.98
C ASP A 103 -16.34 9.30 -9.72
N SER A 104 -15.64 10.32 -9.23
CA SER A 104 -16.07 11.02 -8.03
C SER A 104 -17.25 11.94 -8.32
N GLY A 105 -17.14 12.71 -9.41
CA GLY A 105 -18.20 13.62 -9.78
C GLY A 105 -17.69 14.83 -10.56
N PRO A 106 -18.42 15.94 -10.47
CA PRO A 106 -18.06 17.18 -11.15
C PRO A 106 -16.82 17.84 -10.55
N SER A 107 -16.49 17.46 -9.32
CA SER A 107 -15.32 18.01 -8.64
C SER A 107 -14.03 17.41 -9.20
N SER A 108 -13.02 18.27 -9.32
CA SER A 108 -11.74 17.83 -9.86
C SER A 108 -10.94 17.07 -8.80
N GLY A 109 -10.02 16.21 -9.27
CA GLY A 109 -9.22 15.43 -8.35
C GLY A 109 -8.07 16.23 -7.76
N GLY A 1 14.79 5.78 23.62
CA GLY A 1 14.40 4.88 24.69
C GLY A 1 13.65 3.67 24.20
N SER A 2 12.33 3.76 24.18
CA SER A 2 11.49 2.66 23.73
C SER A 2 12.12 1.95 22.54
N SER A 3 12.45 2.71 21.51
CA SER A 3 13.06 2.15 20.30
C SER A 3 13.92 3.19 19.60
N GLY A 4 15.01 2.74 18.98
CA GLY A 4 15.90 3.64 18.28
C GLY A 4 15.46 3.88 16.85
N SER A 5 16.21 3.32 15.90
CA SER A 5 15.89 3.49 14.48
C SER A 5 14.89 2.43 14.02
N SER A 6 13.61 2.75 14.13
CA SER A 6 12.55 1.84 13.72
C SER A 6 12.79 1.33 12.30
N GLY A 7 13.09 2.25 11.39
CA GLY A 7 13.34 1.88 10.01
C GLY A 7 13.11 3.02 9.06
N PRO A 8 12.80 2.69 7.78
CA PRO A 8 12.55 3.69 6.75
C PRO A 8 11.25 4.45 6.97
N PRO A 9 11.10 5.60 6.29
CA PRO A 9 9.90 6.43 6.40
C PRO A 9 8.69 5.78 5.74
N ALA A 10 7.53 5.95 6.37
CA ALA A 10 6.29 5.37 5.85
C ALA A 10 6.14 5.66 4.36
N VAL A 11 5.70 4.65 3.61
CA VAL A 11 5.52 4.80 2.17
C VAL A 11 4.43 5.82 1.85
N SER A 12 4.84 6.92 1.23
CA SER A 12 3.90 7.97 0.87
C SER A 12 3.77 8.11 -0.64
N ASP A 13 2.91 9.01 -1.09
CA ASP A 13 2.69 9.24 -2.51
C ASP A 13 2.50 7.91 -3.24
N ILE A 14 1.55 7.11 -2.78
CA ILE A 14 1.26 5.82 -3.39
C ILE A 14 0.23 5.95 -4.51
N ARG A 15 0.71 6.05 -5.74
CA ARG A 15 -0.18 6.18 -6.89
C ARG A 15 -0.55 4.81 -7.45
N VAL A 16 -1.62 4.77 -8.23
CA VAL A 16 -2.09 3.52 -8.82
C VAL A 16 -1.95 3.55 -10.34
N THR A 17 -1.26 2.55 -10.89
CA THR A 17 -1.06 2.47 -12.32
C THR A 17 -1.87 1.32 -12.93
N ARG A 18 -1.93 1.29 -14.25
CA ARG A 18 -2.68 0.25 -14.95
C ARG A 18 -3.97 -0.08 -14.21
N SER A 19 -4.75 0.94 -13.88
CA SER A 19 -6.00 0.75 -13.16
C SER A 19 -6.95 -0.13 -13.96
N SER A 20 -7.67 -1.00 -13.25
CA SER A 20 -8.62 -1.91 -13.90
C SER A 20 -9.89 -2.06 -13.05
N PRO A 21 -11.00 -2.35 -13.72
CA PRO A 21 -12.30 -2.53 -13.06
C PRO A 21 -12.35 -3.80 -12.22
N SER A 22 -11.24 -4.54 -12.20
CA SER A 22 -11.17 -5.78 -11.44
C SER A 22 -9.86 -5.85 -10.65
N SER A 23 -8.75 -5.59 -11.32
CA SER A 23 -7.44 -5.62 -10.68
C SER A 23 -6.99 -4.22 -10.28
N LEU A 24 -6.13 -4.14 -9.27
CA LEU A 24 -5.63 -2.86 -8.79
C LEU A 24 -4.12 -2.92 -8.57
N SER A 25 -3.38 -2.22 -9.44
CA SER A 25 -1.93 -2.19 -9.35
C SER A 25 -1.46 -1.01 -8.51
N LEU A 26 -0.64 -1.30 -7.50
CA LEU A 26 -0.13 -0.26 -6.62
C LEU A 26 1.32 0.10 -6.98
N ALA A 27 1.72 1.32 -6.64
CA ALA A 27 3.07 1.78 -6.93
C ALA A 27 3.44 2.99 -6.08
N TRP A 28 4.55 2.90 -5.37
CA TRP A 28 5.00 3.99 -4.51
C TRP A 28 6.28 4.61 -5.06
N ALA A 29 6.68 5.74 -4.49
CA ALA A 29 7.88 6.44 -4.91
C ALA A 29 9.04 6.15 -3.95
N VAL A 30 10.09 5.52 -4.48
CA VAL A 30 11.26 5.19 -3.68
C VAL A 30 11.56 6.30 -2.67
N PRO A 31 11.13 6.09 -1.41
CA PRO A 31 11.34 7.06 -0.33
C PRO A 31 12.81 7.15 0.09
N ARG A 32 13.15 8.20 0.82
CA ARG A 32 14.52 8.41 1.28
C ARG A 32 14.75 7.70 2.61
N ALA A 33 15.79 6.88 2.66
CA ALA A 33 16.13 6.15 3.87
C ALA A 33 17.64 6.12 4.10
N PRO A 34 18.04 5.96 5.37
CA PRO A 34 19.46 5.92 5.75
C PRO A 34 20.15 4.64 5.26
N SER A 35 19.36 3.58 5.07
CA SER A 35 19.91 2.31 4.61
C SER A 35 20.19 2.35 3.12
N GLY A 36 21.28 1.68 2.71
CA GLY A 36 21.65 1.66 1.31
C GLY A 36 20.44 1.58 0.40
N ALA A 37 19.68 0.50 0.53
CA ALA A 37 18.49 0.30 -0.30
C ALA A 37 17.33 -0.22 0.53
N VAL A 38 16.11 0.09 0.10
CA VAL A 38 14.91 -0.34 0.80
C VAL A 38 14.60 -1.81 0.53
N LEU A 39 14.63 -2.63 1.56
CA LEU A 39 14.35 -4.05 1.43
C LEU A 39 12.93 -4.29 0.93
N ASP A 40 12.55 -5.56 0.81
CA ASP A 40 11.22 -5.92 0.34
C ASP A 40 10.15 -5.05 1.02
N TYR A 41 9.00 -4.93 0.38
CA TYR A 41 7.91 -4.13 0.91
C TYR A 41 6.74 -5.01 1.34
N GLU A 42 5.89 -4.47 2.20
CA GLU A 42 4.73 -5.22 2.68
C GLU A 42 3.43 -4.51 2.31
N VAL A 43 2.52 -5.24 1.67
CA VAL A 43 1.24 -4.67 1.27
C VAL A 43 0.09 -5.33 2.01
N LYS A 44 -0.59 -4.55 2.85
CA LYS A 44 -1.72 -5.06 3.62
C LYS A 44 -3.03 -4.45 3.15
N TYR A 45 -3.86 -5.26 2.51
CA TYR A 45 -5.15 -4.80 2.00
C TYR A 45 -6.29 -5.63 2.57
N HIS A 46 -7.42 -4.97 2.82
CA HIS A 46 -8.59 -5.66 3.36
C HIS A 46 -9.87 -4.90 3.02
N GLU A 47 -10.85 -5.60 2.47
CA GLU A 47 -12.12 -4.99 2.10
C GLU A 47 -12.77 -4.33 3.31
N LYS A 48 -13.01 -3.03 3.21
CA LYS A 48 -13.62 -2.28 4.30
C LYS A 48 -14.65 -3.12 5.03
N GLY A 49 -15.57 -3.72 4.28
CA GLY A 49 -16.60 -4.56 4.86
C GLY A 49 -16.03 -5.68 5.71
N ALA A 50 -15.16 -6.49 5.11
CA ALA A 50 -14.54 -7.60 5.81
C ALA A 50 -13.79 -7.12 7.05
N GLU A 51 -14.04 -7.78 8.17
CA GLU A 51 -13.39 -7.42 9.43
C GLU A 51 -12.72 -8.63 10.07
N GLY A 52 -11.65 -8.38 10.83
CA GLY A 52 -10.94 -9.46 11.48
C GLY A 52 -9.49 -9.53 11.06
N PRO A 53 -8.67 -10.25 11.85
CA PRO A 53 -7.24 -10.41 11.57
C PRO A 53 -6.98 -11.28 10.35
N SER A 54 -7.90 -12.19 10.07
CA SER A 54 -7.76 -13.08 8.92
C SER A 54 -8.27 -12.42 7.65
N SER A 55 -9.42 -11.74 7.75
CA SER A 55 -10.01 -11.07 6.61
C SER A 55 -8.94 -10.34 5.79
N VAL A 56 -8.06 -9.63 6.49
CA VAL A 56 -6.99 -8.89 5.84
C VAL A 56 -5.93 -9.83 5.27
N ARG A 57 -5.40 -9.48 4.11
CA ARG A 57 -4.38 -10.29 3.46
C ARG A 57 -3.04 -9.57 3.45
N PHE A 58 -1.97 -10.33 3.19
CA PHE A 58 -0.63 -9.76 3.16
C PHE A 58 0.06 -10.06 1.84
N LEU A 59 0.74 -9.07 1.28
CA LEU A 59 1.43 -9.22 0.01
C LEU A 59 2.80 -8.55 0.05
N LYS A 60 3.86 -9.36 0.07
CA LYS A 60 5.22 -8.84 0.11
C LYS A 60 5.88 -8.94 -1.26
N THR A 61 6.31 -7.81 -1.79
CA THR A 61 6.96 -7.77 -3.10
C THR A 61 8.32 -7.07 -3.02
N SER A 62 9.35 -7.73 -3.55
CA SER A 62 10.69 -7.18 -3.53
C SER A 62 10.72 -5.81 -4.22
N GLU A 63 9.87 -5.64 -5.22
CA GLU A 63 9.80 -4.39 -5.97
C GLU A 63 8.80 -3.43 -5.32
N ASN A 64 8.93 -2.15 -5.65
CA ASN A 64 8.04 -1.12 -5.10
C ASN A 64 6.77 -1.01 -5.93
N ARG A 65 6.36 -2.13 -6.53
CA ARG A 65 5.15 -2.16 -7.35
C ARG A 65 4.53 -3.55 -7.34
N ALA A 66 3.22 -3.61 -7.08
CA ALA A 66 2.51 -4.88 -7.05
C ALA A 66 1.23 -4.81 -7.88
N GLU A 67 0.69 -5.96 -8.24
CA GLU A 67 -0.53 -6.03 -9.03
C GLU A 67 -1.53 -7.01 -8.41
N LEU A 68 -2.67 -6.48 -7.99
CA LEU A 68 -3.71 -7.30 -7.37
C LEU A 68 -4.55 -7.99 -8.43
N ARG A 69 -5.10 -9.15 -8.09
CA ARG A 69 -5.94 -9.91 -9.02
C ARG A 69 -7.13 -10.53 -8.30
N GLY A 70 -8.30 -10.43 -8.90
CA GLY A 70 -9.50 -10.99 -8.31
C GLY A 70 -10.01 -10.15 -7.16
N LEU A 71 -10.62 -9.02 -7.48
CA LEU A 71 -11.16 -8.11 -6.47
C LEU A 71 -12.60 -7.74 -6.78
N LYS A 72 -13.26 -7.09 -5.83
CA LYS A 72 -14.64 -6.66 -6.00
C LYS A 72 -14.74 -5.14 -6.12
N ARG A 73 -14.76 -4.65 -7.36
CA ARG A 73 -14.85 -3.23 -7.61
C ARG A 73 -15.98 -2.60 -6.80
N GLY A 74 -15.93 -1.28 -6.62
CA GLY A 74 -16.95 -0.58 -5.86
C GLY A 74 -16.73 -0.71 -4.37
N ALA A 75 -16.42 -1.91 -3.90
CA ALA A 75 -16.19 -2.15 -2.49
C ALA A 75 -14.91 -1.47 -2.01
N SER A 76 -15.09 -0.39 -1.24
CA SER A 76 -13.95 0.36 -0.72
C SER A 76 -12.83 -0.58 -0.28
N TYR A 77 -11.66 -0.43 -0.90
CA TYR A 77 -10.51 -1.27 -0.58
C TYR A 77 -9.45 -0.48 0.17
N LEU A 78 -9.27 -0.81 1.44
CA LEU A 78 -8.28 -0.13 2.28
C LEU A 78 -6.97 -0.92 2.33
N VAL A 79 -5.93 -0.37 1.70
CA VAL A 79 -4.63 -1.03 1.69
C VAL A 79 -3.53 -0.06 2.13
N GLN A 80 -2.58 -0.57 2.91
CA GLN A 80 -1.48 0.24 3.41
C GLN A 80 -0.13 -0.36 3.00
N VAL A 81 0.72 0.44 2.39
CA VAL A 81 2.03 -0.01 1.96
C VAL A 81 3.13 0.52 2.87
N ARG A 82 3.94 -0.38 3.41
CA ARG A 82 5.03 0.00 4.30
C ARG A 82 6.38 -0.36 3.70
N ALA A 83 7.46 0.07 4.36
CA ALA A 83 8.80 -0.20 3.89
C ALA A 83 9.66 -0.81 5.00
N ARG A 84 10.68 -1.58 4.61
CA ARG A 84 11.57 -2.21 5.58
C ARG A 84 13.02 -2.06 5.15
N SER A 85 13.90 -1.82 6.11
CA SER A 85 15.33 -1.65 5.84
C SER A 85 16.16 -2.49 6.79
N GLU A 86 17.47 -2.53 6.53
CA GLU A 86 18.39 -3.31 7.36
C GLU A 86 17.96 -3.26 8.82
N ALA A 87 17.80 -2.04 9.35
CA ALA A 87 17.39 -1.86 10.73
C ALA A 87 16.20 -2.75 11.08
N GLY A 88 15.06 -2.47 10.47
CA GLY A 88 13.87 -3.26 10.73
C GLY A 88 12.66 -2.77 9.96
N TYR A 89 11.49 -3.31 10.27
CA TYR A 89 10.26 -2.92 9.60
C TYR A 89 9.92 -1.46 9.89
N GLY A 90 9.30 -0.79 8.93
CA GLY A 90 8.93 0.60 9.10
C GLY A 90 7.44 0.77 9.29
N PRO A 91 7.04 1.91 9.87
CA PRO A 91 5.63 2.23 10.12
C PRO A 91 4.87 2.51 8.83
N PHE A 92 3.54 2.34 8.89
CA PHE A 92 2.70 2.59 7.72
C PHE A 92 2.50 4.08 7.49
N GLY A 93 1.77 4.42 6.43
CA GLY A 93 1.52 5.80 6.11
C GLY A 93 0.05 6.12 5.99
N GLN A 94 -0.32 6.87 4.97
CA GLN A 94 -1.72 7.25 4.75
C GLN A 94 -2.49 6.11 4.10
N GLU A 95 -3.60 5.71 4.71
CA GLU A 95 -4.42 4.63 4.19
C GLU A 95 -4.72 4.84 2.72
N HIS A 96 -4.74 3.74 1.96
CA HIS A 96 -5.02 3.81 0.53
C HIS A 96 -6.43 3.31 0.23
N HIS A 97 -7.25 4.18 -0.37
CA HIS A 97 -8.62 3.83 -0.71
C HIS A 97 -9.05 4.53 -2.00
N SER A 98 -9.31 3.73 -3.03
CA SER A 98 -9.73 4.27 -4.33
C SER A 98 -10.95 3.52 -4.86
N GLN A 99 -11.69 4.17 -5.74
CA GLN A 99 -12.88 3.57 -6.33
C GLN A 99 -12.63 3.18 -7.78
N THR A 100 -12.37 1.89 -8.00
CA THR A 100 -12.11 1.38 -9.35
C THR A 100 -13.30 1.63 -10.26
N GLN A 101 -14.50 1.43 -9.74
CA GLN A 101 -15.72 1.64 -10.52
C GLN A 101 -16.45 2.89 -10.06
N LEU A 102 -17.32 3.41 -10.92
CA LEU A 102 -18.08 4.62 -10.61
C LEU A 102 -17.27 5.56 -9.73
N ASP A 103 -16.08 5.90 -10.20
CA ASP A 103 -15.20 6.81 -9.45
C ASP A 103 -15.96 8.05 -9.01
N SER A 104 -16.06 8.25 -7.70
CA SER A 104 -16.76 9.41 -7.15
C SER A 104 -15.81 10.59 -6.99
N GLY A 105 -15.74 11.43 -8.03
CA GLY A 105 -14.87 12.59 -7.99
C GLY A 105 -15.37 13.64 -7.03
N PRO A 106 -14.43 14.36 -6.39
CA PRO A 106 -14.75 15.41 -5.43
C PRO A 106 -15.36 16.64 -6.09
N SER A 107 -15.84 17.58 -5.28
CA SER A 107 -16.45 18.80 -5.80
C SER A 107 -15.82 20.03 -5.16
N SER A 108 -15.22 20.87 -6.00
CA SER A 108 -14.57 22.09 -5.53
C SER A 108 -13.82 21.83 -4.22
N GLY A 109 -13.14 20.70 -4.15
CA GLY A 109 -12.39 20.34 -2.96
C GLY A 109 -11.67 21.54 -2.36
N GLY A 1 7.85 19.32 15.08
CA GLY A 1 9.19 18.82 15.35
C GLY A 1 9.21 17.35 15.71
N SER A 2 9.17 16.50 14.69
CA SER A 2 9.17 15.06 14.90
C SER A 2 10.53 14.58 15.40
N SER A 3 10.54 13.91 16.54
CA SER A 3 11.78 13.41 17.13
C SER A 3 11.83 11.89 17.07
N GLY A 4 10.70 11.25 17.36
CA GLY A 4 10.63 9.80 17.33
C GLY A 4 10.48 9.25 15.93
N SER A 5 11.37 8.35 15.54
CA SER A 5 11.33 7.76 14.21
C SER A 5 12.01 6.39 14.21
N SER A 6 11.51 5.49 13.37
CA SER A 6 12.06 4.14 13.27
C SER A 6 12.06 3.66 11.82
N GLY A 7 12.97 2.74 11.51
CA GLY A 7 13.07 2.21 10.16
C GLY A 7 12.93 3.29 9.11
N PRO A 8 12.63 2.87 7.87
CA PRO A 8 12.45 3.80 6.75
C PRO A 8 11.20 4.65 6.87
N PRO A 9 11.10 5.69 6.03
CA PRO A 9 9.95 6.60 6.03
C PRO A 9 8.68 5.93 5.52
N ALA A 10 7.54 6.26 6.12
CA ALA A 10 6.27 5.70 5.71
C ALA A 10 5.99 5.94 4.24
N VAL A 11 5.85 4.87 3.48
CA VAL A 11 5.58 4.98 2.05
C VAL A 11 4.57 6.07 1.75
N SER A 12 5.04 7.15 1.13
CA SER A 12 4.17 8.27 0.79
C SER A 12 3.96 8.37 -0.71
N ASP A 13 3.15 9.33 -1.14
CA ASP A 13 2.86 9.53 -2.55
C ASP A 13 2.59 8.20 -3.24
N ILE A 14 1.69 7.40 -2.66
CA ILE A 14 1.34 6.11 -3.23
C ILE A 14 0.34 6.25 -4.37
N ARG A 15 0.85 6.21 -5.60
CA ARG A 15 0.01 6.34 -6.77
C ARG A 15 -0.38 4.97 -7.31
N VAL A 16 -1.65 4.84 -7.72
CA VAL A 16 -2.14 3.57 -8.26
C VAL A 16 -2.57 3.73 -9.72
N THR A 17 -1.99 2.89 -10.58
CA THR A 17 -2.31 2.94 -12.01
C THR A 17 -2.95 1.63 -12.46
N ARG A 18 -3.50 1.63 -13.69
CA ARG A 18 -4.13 0.45 -14.24
C ARG A 18 -5.34 0.04 -13.39
N SER A 19 -6.27 0.99 -13.21
CA SER A 19 -7.46 0.73 -12.42
C SER A 19 -8.41 -0.22 -13.16
N SER A 20 -8.26 -1.51 -12.90
CA SER A 20 -9.10 -2.52 -13.54
C SER A 20 -9.91 -3.29 -12.50
N PRO A 21 -11.06 -3.83 -12.93
CA PRO A 21 -11.95 -4.60 -12.07
C PRO A 21 -11.36 -5.95 -11.67
N SER A 22 -11.30 -6.21 -10.36
CA SER A 22 -10.75 -7.45 -9.85
C SER A 22 -9.23 -7.47 -9.97
N SER A 23 -8.64 -6.27 -9.95
CA SER A 23 -7.19 -6.15 -10.05
C SER A 23 -6.76 -4.70 -9.88
N LEU A 24 -5.76 -4.47 -9.03
CA LEU A 24 -5.25 -3.13 -8.77
C LEU A 24 -3.73 -3.13 -8.71
N SER A 25 -3.11 -2.29 -9.54
CA SER A 25 -1.66 -2.19 -9.58
C SER A 25 -1.17 -0.99 -8.77
N LEU A 26 -0.50 -1.27 -7.66
CA LEU A 26 0.02 -0.22 -6.79
C LEU A 26 1.49 0.05 -7.08
N ALA A 27 1.90 1.31 -6.95
CA ALA A 27 3.28 1.70 -7.20
C ALA A 27 3.64 2.96 -6.43
N TRP A 28 4.73 2.90 -5.67
CA TRP A 28 5.18 4.03 -4.87
C TRP A 28 6.50 4.58 -5.41
N ALA A 29 6.90 5.74 -4.91
CA ALA A 29 8.15 6.37 -5.34
C ALA A 29 9.29 5.99 -4.41
N VAL A 30 10.31 5.36 -4.97
CA VAL A 30 11.47 4.94 -4.20
C VAL A 30 11.78 5.93 -3.08
N PRO A 31 11.28 5.62 -1.86
CA PRO A 31 11.49 6.46 -0.69
C PRO A 31 12.93 6.46 -0.21
N ARG A 32 13.40 7.61 0.26
CA ARG A 32 14.77 7.75 0.74
C ARG A 32 14.91 7.15 2.14
N ALA A 33 15.93 6.32 2.32
CA ALA A 33 16.18 5.68 3.61
C ALA A 33 17.46 6.22 4.26
N PRO A 34 17.44 6.35 5.59
CA PRO A 34 18.58 6.85 6.36
C PRO A 34 19.75 5.87 6.37
N SER A 35 19.56 4.72 5.71
CA SER A 35 20.59 3.70 5.64
C SER A 35 20.44 2.86 4.38
N GLY A 36 21.57 2.56 3.74
CA GLY A 36 21.56 1.77 2.53
C GLY A 36 20.33 2.04 1.69
N ALA A 37 19.79 0.99 1.07
CA ALA A 37 18.61 1.13 0.22
C ALA A 37 17.42 0.41 0.84
N VAL A 38 16.22 0.81 0.44
CA VAL A 38 14.99 0.21 0.94
C VAL A 38 14.83 -1.21 0.45
N LEU A 39 14.65 -2.14 1.37
CA LEU A 39 14.48 -3.55 1.03
C LEU A 39 13.06 -3.82 0.56
N ASP A 40 12.76 -5.10 0.31
CA ASP A 40 11.44 -5.50 -0.14
C ASP A 40 10.35 -4.76 0.64
N TYR A 41 9.15 -4.70 0.07
CA TYR A 41 8.04 -4.02 0.72
C TYR A 41 6.94 -5.02 1.09
N GLU A 42 5.97 -4.56 1.88
CA GLU A 42 4.86 -5.41 2.30
C GLU A 42 3.52 -4.74 2.01
N VAL A 43 2.66 -5.45 1.28
CA VAL A 43 1.35 -4.93 0.93
C VAL A 43 0.27 -5.50 1.84
N LYS A 44 -0.65 -4.64 2.28
CA LYS A 44 -1.73 -5.07 3.16
C LYS A 44 -3.04 -4.41 2.75
N TYR A 45 -3.98 -5.22 2.27
CA TYR A 45 -5.27 -4.72 1.84
C TYR A 45 -6.41 -5.47 2.54
N HIS A 46 -7.48 -4.76 2.87
CA HIS A 46 -8.63 -5.36 3.53
C HIS A 46 -9.88 -4.50 3.35
N GLU A 47 -10.99 -5.16 3.03
CA GLU A 47 -12.25 -4.45 2.82
C GLU A 47 -12.62 -3.61 4.04
N LYS A 48 -13.31 -2.50 3.80
CA LYS A 48 -13.72 -1.61 4.88
C LYS A 48 -14.47 -2.38 5.97
N GLY A 49 -15.65 -2.89 5.61
CA GLY A 49 -16.45 -3.64 6.56
C GLY A 49 -16.19 -5.13 6.49
N ALA A 50 -14.92 -5.52 6.57
CA ALA A 50 -14.54 -6.92 6.51
C ALA A 50 -15.21 -7.71 7.64
N GLU A 51 -15.02 -9.02 7.61
CA GLU A 51 -15.61 -9.89 8.63
C GLU A 51 -14.53 -10.39 9.60
N GLY A 52 -14.19 -9.54 10.57
CA GLY A 52 -13.18 -9.91 11.54
C GLY A 52 -11.87 -10.35 10.90
N PRO A 53 -11.16 -11.26 11.56
CA PRO A 53 -9.88 -11.79 11.07
C PRO A 53 -10.05 -12.68 9.84
N SER A 54 -8.99 -13.38 9.47
CA SER A 54 -9.02 -14.26 8.31
C SER A 54 -9.72 -13.59 7.14
N SER A 55 -9.54 -12.28 7.01
CA SER A 55 -10.17 -11.53 5.93
C SER A 55 -9.12 -10.68 5.20
N VAL A 56 -8.14 -10.19 5.94
CA VAL A 56 -7.09 -9.36 5.36
C VAL A 56 -5.99 -10.22 4.75
N ARG A 57 -5.52 -9.84 3.57
CA ARG A 57 -4.46 -10.58 2.89
C ARG A 57 -3.20 -9.74 2.78
N PHE A 58 -2.07 -10.41 2.55
CA PHE A 58 -0.79 -9.73 2.43
C PHE A 58 -0.08 -10.13 1.14
N LEU A 59 0.82 -9.28 0.66
CA LEU A 59 1.57 -9.55 -0.55
C LEU A 59 2.96 -8.93 -0.50
N LYS A 60 3.98 -9.78 -0.53
CA LYS A 60 5.36 -9.32 -0.48
C LYS A 60 5.92 -9.13 -1.89
N THR A 61 6.71 -8.08 -2.07
CA THR A 61 7.32 -7.79 -3.37
C THR A 61 8.67 -7.11 -3.21
N SER A 62 9.64 -7.54 -3.99
CA SER A 62 10.99 -6.97 -3.94
C SER A 62 11.11 -5.75 -4.84
N GLU A 63 10.02 -4.99 -4.93
CA GLU A 63 9.99 -3.80 -5.77
C GLU A 63 9.03 -2.76 -5.19
N ASN A 64 8.93 -1.63 -5.88
CA ASN A 64 8.04 -0.55 -5.45
C ASN A 64 6.74 -0.56 -6.24
N ARG A 65 6.35 -1.75 -6.71
CA ARG A 65 5.12 -1.89 -7.49
C ARG A 65 4.59 -3.32 -7.39
N ALA A 66 3.27 -3.44 -7.22
CA ALA A 66 2.64 -4.74 -7.11
C ALA A 66 1.30 -4.75 -7.84
N GLU A 67 0.87 -5.94 -8.26
CA GLU A 67 -0.39 -6.09 -8.97
C GLU A 67 -1.33 -7.04 -8.22
N LEU A 68 -2.29 -6.47 -7.50
CA LEU A 68 -3.25 -7.27 -6.74
C LEU A 68 -4.25 -7.95 -7.67
N ARG A 69 -4.75 -9.10 -7.23
CA ARG A 69 -5.71 -9.87 -8.02
C ARG A 69 -6.80 -10.46 -7.13
N GLY A 70 -8.04 -10.41 -7.61
CA GLY A 70 -9.15 -10.94 -6.84
C GLY A 70 -9.73 -9.93 -5.88
N LEU A 71 -10.21 -8.82 -6.41
CA LEU A 71 -10.78 -7.76 -5.59
C LEU A 71 -12.13 -7.31 -6.16
N LYS A 72 -12.75 -6.35 -5.49
CA LYS A 72 -14.04 -5.82 -5.93
C LYS A 72 -13.88 -4.50 -6.65
N ARG A 73 -14.48 -4.39 -7.83
CA ARG A 73 -14.40 -3.17 -8.64
C ARG A 73 -15.46 -2.17 -8.21
N GLY A 74 -15.89 -2.26 -6.95
CA GLY A 74 -16.90 -1.36 -6.45
C GLY A 74 -17.09 -1.48 -4.95
N ALA A 75 -16.05 -1.14 -4.19
CA ALA A 75 -16.11 -1.22 -2.73
C ALA A 75 -14.94 -0.48 -2.09
N SER A 76 -15.15 0.00 -0.88
CA SER A 76 -14.10 0.73 -0.16
C SER A 76 -12.99 -0.21 0.29
N TYR A 77 -11.83 -0.08 -0.36
CA TYR A 77 -10.68 -0.92 -0.04
C TYR A 77 -9.53 -0.09 0.52
N LEU A 78 -9.21 -0.30 1.80
CA LEU A 78 -8.13 0.43 2.44
C LEU A 78 -6.79 -0.26 2.21
N VAL A 79 -5.98 0.33 1.34
CA VAL A 79 -4.67 -0.22 1.02
C VAL A 79 -3.58 0.42 1.88
N GLN A 80 -2.65 -0.39 2.35
CA GLN A 80 -1.55 0.09 3.18
C GLN A 80 -0.23 -0.54 2.77
N VAL A 81 0.71 0.29 2.32
CA VAL A 81 2.02 -0.19 1.90
C VAL A 81 3.11 0.28 2.86
N ARG A 82 3.99 -0.64 3.24
CA ARG A 82 5.09 -0.31 4.14
C ARG A 82 6.44 -0.68 3.52
N ALA A 83 7.49 -0.02 3.99
CA ALA A 83 8.83 -0.26 3.48
C ALA A 83 9.71 -0.92 4.55
N ARG A 84 10.58 -1.83 4.10
CA ARG A 84 11.47 -2.53 5.01
C ARG A 84 12.92 -2.12 4.77
N SER A 85 13.66 -1.94 5.86
CA SER A 85 15.06 -1.55 5.77
C SER A 85 15.93 -2.42 6.67
N GLU A 86 17.21 -2.52 6.34
CA GLU A 86 18.15 -3.33 7.11
C GLU A 86 17.80 -3.28 8.60
N ALA A 87 17.53 -2.08 9.10
CA ALA A 87 17.19 -1.90 10.50
C ALA A 87 16.01 -2.79 10.90
N GLY A 88 14.92 -2.69 10.15
CA GLY A 88 13.74 -3.49 10.43
C GLY A 88 12.56 -3.11 9.56
N TYR A 89 11.37 -3.17 10.15
CA TYR A 89 10.14 -2.83 9.42
C TYR A 89 9.74 -1.39 9.68
N GLY A 90 9.27 -0.71 8.64
CA GLY A 90 8.85 0.67 8.77
C GLY A 90 7.35 0.81 8.95
N PRO A 91 6.91 1.99 9.39
CA PRO A 91 5.48 2.28 9.61
C PRO A 91 4.72 2.39 8.29
N PHE A 92 3.43 2.07 8.34
CA PHE A 92 2.58 2.12 7.16
C PHE A 92 2.31 3.57 6.76
N GLY A 93 2.28 3.83 5.46
CA GLY A 93 2.03 5.17 4.96
C GLY A 93 0.56 5.54 4.99
N GLN A 94 0.27 6.82 4.82
CA GLN A 94 -1.11 7.30 4.84
C GLN A 94 -2.03 6.33 4.11
N GLU A 95 -2.96 5.73 4.86
CA GLU A 95 -3.90 4.78 4.28
C GLU A 95 -4.52 5.33 2.99
N HIS A 96 -4.22 4.68 1.87
CA HIS A 96 -4.74 5.11 0.58
C HIS A 96 -5.99 4.30 0.21
N HIS A 97 -6.94 4.96 -0.44
CA HIS A 97 -8.18 4.32 -0.85
C HIS A 97 -8.20 4.10 -2.36
N SER A 98 -7.98 2.86 -2.78
CA SER A 98 -7.97 2.53 -4.20
C SER A 98 -9.19 3.10 -4.90
N GLN A 99 -8.95 3.86 -5.97
CA GLN A 99 -10.03 4.48 -6.73
C GLN A 99 -10.68 3.47 -7.66
N THR A 100 -11.04 2.30 -7.13
CA THR A 100 -11.66 1.25 -7.92
C THR A 100 -12.76 1.81 -8.82
N GLN A 101 -13.05 1.12 -9.90
CA GLN A 101 -14.08 1.55 -10.84
C GLN A 101 -15.33 2.02 -10.09
N LEU A 102 -15.49 3.33 -10.00
CA LEU A 102 -16.64 3.90 -9.30
C LEU A 102 -17.19 5.11 -10.06
N ASP A 103 -18.37 4.95 -10.67
CA ASP A 103 -19.00 6.03 -11.42
C ASP A 103 -18.74 7.38 -10.75
N SER A 104 -18.26 8.34 -11.54
CA SER A 104 -17.98 9.67 -11.02
C SER A 104 -18.98 10.06 -9.94
N GLY A 105 -20.26 9.79 -10.20
CA GLY A 105 -21.30 10.13 -9.25
C GLY A 105 -21.19 11.56 -8.75
N PRO A 106 -21.89 11.86 -7.65
CA PRO A 106 -21.89 13.19 -7.05
C PRO A 106 -20.55 13.56 -6.42
N SER A 107 -19.82 14.45 -7.08
CA SER A 107 -18.52 14.88 -6.58
C SER A 107 -18.48 16.40 -6.38
N SER A 108 -18.58 16.82 -5.12
CA SER A 108 -18.56 18.23 -4.79
C SER A 108 -17.14 18.77 -4.76
N GLY A 109 -16.25 18.04 -4.09
CA GLY A 109 -14.85 18.46 -4.00
C GLY A 109 -14.31 18.94 -5.33
N GLY A 1 15.03 12.11 21.09
CA GLY A 1 14.63 12.04 19.69
C GLY A 1 15.49 11.06 18.90
N SER A 2 14.90 10.47 17.87
CA SER A 2 15.61 9.51 17.03
C SER A 2 15.34 9.78 15.55
N SER A 3 16.33 9.46 14.72
CA SER A 3 16.20 9.67 13.29
C SER A 3 15.39 8.55 12.65
N GLY A 4 15.68 7.32 13.03
CA GLY A 4 14.98 6.18 12.48
C GLY A 4 15.55 4.85 12.94
N SER A 5 14.72 4.02 13.56
CA SER A 5 15.16 2.72 14.05
C SER A 5 14.24 1.61 13.56
N SER A 6 12.94 1.81 13.79
CA SER A 6 11.94 0.82 13.38
C SER A 6 12.19 0.36 11.94
N GLY A 7 12.47 1.33 11.06
CA GLY A 7 12.72 1.00 9.67
C GLY A 7 12.72 2.23 8.79
N PRO A 8 12.46 2.04 7.48
CA PRO A 8 12.44 3.13 6.50
C PRO A 8 11.24 4.06 6.70
N PRO A 9 11.25 5.19 6.00
CA PRO A 9 10.17 6.18 6.08
C PRO A 9 8.87 5.68 5.44
N ALA A 10 7.75 6.02 6.07
CA ALA A 10 6.44 5.60 5.56
C ALA A 10 6.33 5.86 4.06
N VAL A 11 5.92 4.83 3.33
CA VAL A 11 5.78 4.94 1.88
C VAL A 11 4.87 6.12 1.50
N SER A 12 5.43 7.09 0.80
CA SER A 12 4.68 8.27 0.38
C SER A 12 4.51 8.30 -1.14
N ASP A 13 3.80 9.30 -1.62
CA ASP A 13 3.55 9.44 -3.05
C ASP A 13 3.13 8.11 -3.67
N ILE A 14 2.10 7.51 -3.09
CA ILE A 14 1.60 6.23 -3.57
C ILE A 14 0.44 6.43 -4.56
N ARG A 15 0.69 6.18 -5.83
CA ARG A 15 -0.32 6.33 -6.86
C ARG A 15 -0.78 4.97 -7.39
N VAL A 16 -2.04 4.90 -7.81
CA VAL A 16 -2.59 3.65 -8.33
C VAL A 16 -2.91 3.78 -9.82
N THR A 17 -2.01 3.28 -10.66
CA THR A 17 -2.19 3.34 -12.10
C THR A 17 -2.62 1.98 -12.66
N ARG A 18 -3.07 1.98 -13.91
CA ARG A 18 -3.51 0.74 -14.56
C ARG A 18 -4.63 0.09 -13.77
N SER A 19 -5.66 0.86 -13.46
CA SER A 19 -6.80 0.36 -12.71
C SER A 19 -7.57 -0.69 -13.51
N SER A 20 -8.37 -1.50 -12.82
CA SER A 20 -9.14 -2.54 -13.46
C SER A 20 -10.28 -3.01 -12.56
N PRO A 21 -11.33 -3.59 -13.18
CA PRO A 21 -12.50 -4.08 -12.46
C PRO A 21 -12.19 -5.31 -11.60
N SER A 22 -11.35 -6.19 -12.13
CA SER A 22 -10.96 -7.40 -11.42
C SER A 22 -9.47 -7.40 -11.11
N SER A 23 -8.91 -6.22 -10.92
CA SER A 23 -7.49 -6.08 -10.62
C SER A 23 -7.15 -4.64 -10.25
N LEU A 24 -6.10 -4.48 -9.44
CA LEU A 24 -5.67 -3.15 -9.01
C LEU A 24 -4.16 -3.11 -8.82
N SER A 25 -3.49 -2.30 -9.64
CA SER A 25 -2.04 -2.18 -9.57
C SER A 25 -1.65 -1.04 -8.63
N LEU A 26 -0.45 -1.14 -8.06
CA LEU A 26 0.05 -0.12 -7.14
C LEU A 26 1.51 0.20 -7.43
N ALA A 27 1.94 1.39 -7.02
CA ALA A 27 3.32 1.81 -7.22
C ALA A 27 3.64 3.04 -6.37
N TRP A 28 4.76 2.98 -5.66
CA TRP A 28 5.19 4.08 -4.80
C TRP A 28 6.48 4.70 -5.32
N ALA A 29 6.85 5.85 -4.76
CA ALA A 29 8.07 6.55 -5.16
C ALA A 29 9.24 6.15 -4.26
N VAL A 30 10.22 5.47 -4.85
CA VAL A 30 11.39 5.04 -4.10
C VAL A 30 11.80 6.08 -3.06
N PRO A 31 11.40 5.86 -1.80
CA PRO A 31 11.71 6.78 -0.70
C PRO A 31 13.19 6.76 -0.33
N ARG A 32 13.60 7.68 0.53
CA ARG A 32 14.98 7.77 0.96
C ARG A 32 15.12 7.35 2.42
N ALA A 33 15.58 6.12 2.63
CA ALA A 33 15.77 5.59 3.97
C ALA A 33 17.04 6.13 4.61
N PRO A 34 16.99 6.41 5.92
CA PRO A 34 18.13 6.93 6.67
C PRO A 34 19.24 5.89 6.83
N SER A 35 18.84 4.64 6.98
CA SER A 35 19.81 3.55 7.15
C SER A 35 19.89 2.69 5.88
N GLY A 36 21.11 2.58 5.34
CA GLY A 36 21.30 1.78 4.14
C GLY A 36 20.33 2.17 3.03
N ALA A 37 19.57 1.19 2.55
CA ALA A 37 18.60 1.42 1.49
C ALA A 37 17.48 0.40 1.54
N VAL A 38 16.26 0.86 1.25
CA VAL A 38 15.09 -0.02 1.26
C VAL A 38 15.44 -1.42 0.75
N LEU A 39 14.79 -2.43 1.31
CA LEU A 39 15.03 -3.81 0.92
C LEU A 39 13.80 -4.40 0.23
N ASP A 40 12.68 -4.39 0.94
CA ASP A 40 11.43 -4.92 0.40
C ASP A 40 10.24 -4.12 0.88
N TYR A 41 9.05 -4.49 0.43
CA TYR A 41 7.82 -3.79 0.82
C TYR A 41 6.75 -4.78 1.22
N GLU A 42 5.67 -4.27 1.82
CA GLU A 42 4.56 -5.12 2.25
C GLU A 42 3.23 -4.42 2.00
N VAL A 43 2.43 -4.98 1.09
CA VAL A 43 1.12 -4.41 0.77
C VAL A 43 0.03 -5.03 1.62
N LYS A 44 -0.48 -4.26 2.58
CA LYS A 44 -1.54 -4.73 3.47
C LYS A 44 -2.87 -4.10 3.11
N TYR A 45 -3.80 -4.91 2.61
CA TYR A 45 -5.12 -4.42 2.23
C TYR A 45 -6.22 -5.24 2.92
N HIS A 46 -7.35 -4.57 3.19
CA HIS A 46 -8.47 -5.22 3.84
C HIS A 46 -9.76 -4.46 3.60
N GLU A 47 -10.87 -5.18 3.51
CA GLU A 47 -12.18 -4.56 3.27
C GLU A 47 -12.55 -3.63 4.43
N LYS A 48 -12.89 -2.40 4.10
CA LYS A 48 -13.28 -1.42 5.10
C LYS A 48 -14.63 -1.76 5.71
N GLY A 49 -14.62 -2.70 6.66
CA GLY A 49 -15.86 -3.11 7.31
C GLY A 49 -15.92 -4.61 7.54
N ALA A 50 -14.79 -5.19 7.94
CA ALA A 50 -14.73 -6.63 8.19
C ALA A 50 -14.35 -6.90 9.64
N GLU A 51 -14.41 -8.18 10.02
CA GLU A 51 -14.08 -8.59 11.38
C GLU A 51 -13.14 -9.80 11.38
N GLY A 52 -13.50 -10.82 10.61
CA GLY A 52 -12.67 -12.01 10.53
C GLY A 52 -11.20 -11.70 10.39
N PRO A 53 -10.35 -12.57 10.96
CA PRO A 53 -8.90 -12.40 10.92
C PRO A 53 -8.33 -12.61 9.52
N SER A 54 -9.17 -13.12 8.62
CA SER A 54 -8.74 -13.37 7.25
C SER A 54 -9.15 -12.23 6.33
N SER A 55 -9.97 -11.32 6.87
CA SER A 55 -10.44 -10.16 6.10
C SER A 55 -9.27 -9.43 5.45
N VAL A 56 -8.17 -9.31 6.19
CA VAL A 56 -6.98 -8.63 5.69
C VAL A 56 -5.96 -9.63 5.15
N ARG A 57 -5.29 -9.25 4.08
CA ARG A 57 -4.29 -10.12 3.46
C ARG A 57 -2.90 -9.49 3.55
N PHE A 58 -1.88 -10.24 3.16
CA PHE A 58 -0.51 -9.77 3.19
C PHE A 58 0.25 -10.19 1.93
N LEU A 59 0.80 -9.22 1.22
CA LEU A 59 1.55 -9.49 0.00
C LEU A 59 2.99 -9.00 0.13
N LYS A 60 3.94 -9.89 -0.13
CA LYS A 60 5.35 -9.55 -0.05
C LYS A 60 5.94 -9.36 -1.44
N THR A 61 6.39 -8.14 -1.73
CA THR A 61 6.98 -7.82 -3.02
C THR A 61 8.35 -7.18 -2.86
N SER A 62 9.28 -7.54 -3.74
CA SER A 62 10.64 -7.00 -3.70
C SER A 62 10.79 -5.83 -4.65
N GLU A 63 9.66 -5.28 -5.09
CA GLU A 63 9.67 -4.16 -6.03
C GLU A 63 8.73 -3.05 -5.54
N ASN A 64 8.85 -1.87 -6.16
CA ASN A 64 8.03 -0.73 -5.79
C ASN A 64 6.71 -0.75 -6.56
N ARG A 65 6.31 -1.93 -7.02
CA ARG A 65 5.07 -2.07 -7.78
C ARG A 65 4.48 -3.47 -7.58
N ALA A 66 3.21 -3.51 -7.17
CA ALA A 66 2.53 -4.78 -6.95
C ALA A 66 1.19 -4.82 -7.68
N GLU A 67 0.90 -5.95 -8.32
CA GLU A 67 -0.35 -6.11 -9.06
C GLU A 67 -1.30 -7.05 -8.30
N LEU A 68 -2.48 -6.54 -7.97
CA LEU A 68 -3.48 -7.32 -7.26
C LEU A 68 -4.57 -7.82 -8.22
N ARG A 69 -4.64 -9.13 -8.40
CA ARG A 69 -5.63 -9.73 -9.28
C ARG A 69 -6.71 -10.45 -8.48
N GLY A 70 -7.96 -10.25 -8.86
CA GLY A 70 -9.06 -10.89 -8.17
C GLY A 70 -9.61 -10.05 -7.04
N LEU A 71 -10.41 -9.04 -7.39
CA LEU A 71 -10.98 -8.15 -6.39
C LEU A 71 -12.38 -7.69 -6.83
N LYS A 72 -13.01 -6.87 -5.99
CA LYS A 72 -14.34 -6.36 -6.29
C LYS A 72 -14.27 -4.91 -6.78
N ARG A 73 -15.04 -4.60 -7.81
CA ARG A 73 -15.06 -3.25 -8.37
C ARG A 73 -16.15 -2.41 -7.70
N GLY A 74 -16.62 -2.87 -6.55
CA GLY A 74 -17.66 -2.14 -5.84
C GLY A 74 -17.55 -2.31 -4.33
N ALA A 75 -16.35 -2.12 -3.81
CA ALA A 75 -16.12 -2.26 -2.38
C ALA A 75 -14.86 -1.49 -1.95
N SER A 76 -15.03 -0.60 -0.97
CA SER A 76 -13.92 0.20 -0.47
C SER A 76 -12.76 -0.69 -0.03
N TYR A 77 -11.55 -0.38 -0.49
CA TYR A 77 -10.37 -1.15 -0.14
C TYR A 77 -9.24 -0.23 0.31
N LEU A 78 -8.90 -0.30 1.60
CA LEU A 78 -7.85 0.52 2.16
C LEU A 78 -6.50 -0.20 2.07
N VAL A 79 -5.70 0.17 1.07
CA VAL A 79 -4.39 -0.43 0.87
C VAL A 79 -3.31 0.39 1.57
N GLN A 80 -2.31 -0.31 2.11
CA GLN A 80 -1.21 0.35 2.80
C GLN A 80 0.12 -0.32 2.48
N VAL A 81 1.03 0.43 1.86
CA VAL A 81 2.34 -0.10 1.49
C VAL A 81 3.41 0.42 2.43
N ARG A 82 4.25 -0.50 2.92
CA ARG A 82 5.33 -0.14 3.84
C ARG A 82 6.67 -0.64 3.32
N ALA A 83 7.74 0.03 3.73
CA ALA A 83 9.09 -0.35 3.31
C ALA A 83 9.88 -0.96 4.46
N ARG A 84 10.93 -1.69 4.13
CA ARG A 84 11.76 -2.33 5.14
C ARG A 84 13.24 -1.98 4.93
N SER A 85 13.98 -1.87 6.02
CA SER A 85 15.40 -1.54 5.95
C SER A 85 16.22 -2.48 6.84
N GLU A 86 17.53 -2.43 6.68
CA GLU A 86 18.43 -3.28 7.45
C GLU A 86 17.90 -3.49 8.86
N ALA A 87 17.40 -2.41 9.47
CA ALA A 87 16.86 -2.48 10.82
C ALA A 87 15.62 -3.37 10.87
N GLY A 88 14.62 -3.02 10.08
CA GLY A 88 13.39 -3.81 10.04
C GLY A 88 12.29 -3.12 9.28
N TYR A 89 11.06 -3.59 9.46
CA TYR A 89 9.91 -3.02 8.76
C TYR A 89 9.62 -1.61 9.27
N GLY A 90 9.15 -0.75 8.37
CA GLY A 90 8.84 0.62 8.74
C GLY A 90 7.36 0.85 8.87
N PRO A 91 6.98 2.08 9.28
CA PRO A 91 5.57 2.46 9.46
C PRO A 91 4.84 2.57 8.13
N PHE A 92 3.58 2.14 8.12
CA PHE A 92 2.76 2.19 6.91
C PHE A 92 2.60 3.63 6.43
N GLY A 93 2.44 3.78 5.12
CA GLY A 93 2.28 5.11 4.54
C GLY A 93 0.88 5.64 4.70
N GLN A 94 0.68 6.91 4.35
CA GLN A 94 -0.62 7.54 4.46
C GLN A 94 -1.71 6.66 3.87
N GLU A 95 -2.65 6.23 4.71
CA GLU A 95 -3.75 5.37 4.26
C GLU A 95 -4.22 5.78 2.87
N HIS A 96 -4.60 4.80 2.06
CA HIS A 96 -5.08 5.05 0.71
C HIS A 96 -6.40 4.34 0.46
N HIS A 97 -7.11 4.76 -0.59
CA HIS A 97 -8.39 4.17 -0.94
C HIS A 97 -8.58 4.13 -2.45
N SER A 98 -8.52 2.93 -3.02
CA SER A 98 -8.68 2.76 -4.47
C SER A 98 -10.05 3.25 -4.92
N GLN A 99 -10.17 3.54 -6.22
CA GLN A 99 -11.42 4.01 -6.78
C GLN A 99 -11.88 3.12 -7.93
N THR A 100 -12.66 2.10 -7.60
CA THR A 100 -13.16 1.16 -8.59
C THR A 100 -14.49 1.65 -9.18
N GLN A 101 -14.57 2.95 -9.43
CA GLN A 101 -15.78 3.54 -9.99
C GLN A 101 -16.92 3.51 -8.97
N LEU A 102 -16.57 3.69 -7.70
CA LEU A 102 -17.57 3.70 -6.64
C LEU A 102 -18.52 4.87 -6.78
N ASP A 103 -17.96 6.07 -6.89
CA ASP A 103 -18.76 7.28 -7.04
C ASP A 103 -17.96 8.37 -7.77
N SER A 104 -18.66 9.19 -8.55
CA SER A 104 -18.03 10.27 -9.30
C SER A 104 -17.82 11.49 -8.41
N GLY A 105 -17.11 12.48 -8.95
CA GLY A 105 -16.85 13.70 -8.19
C GLY A 105 -15.37 13.94 -7.99
N PRO A 106 -14.76 14.69 -8.92
CA PRO A 106 -13.33 15.01 -8.86
C PRO A 106 -13.00 15.98 -7.74
N SER A 107 -11.72 16.13 -7.43
CA SER A 107 -11.27 17.02 -6.37
C SER A 107 -11.03 18.43 -6.92
N SER A 108 -10.99 19.40 -6.01
CA SER A 108 -10.77 20.79 -6.40
C SER A 108 -9.71 21.44 -5.52
N GLY A 109 -9.28 22.64 -5.91
CA GLY A 109 -8.27 23.34 -5.15
C GLY A 109 -7.27 24.06 -6.04
N GLY A 1 13.92 12.55 12.04
CA GLY A 1 14.17 11.76 13.22
C GLY A 1 15.60 11.90 13.71
N SER A 2 15.78 11.84 15.04
CA SER A 2 17.11 11.96 15.63
C SER A 2 17.51 10.66 16.33
N SER A 3 16.61 10.13 17.15
CA SER A 3 16.88 8.90 17.88
C SER A 3 17.40 7.82 16.93
N GLY A 4 16.75 7.68 15.78
CA GLY A 4 17.16 6.68 14.81
C GLY A 4 16.03 5.71 14.47
N SER A 5 15.00 6.21 13.81
CA SER A 5 13.86 5.39 13.42
C SER A 5 14.31 3.97 13.08
N SER A 6 13.44 3.00 13.35
CA SER A 6 13.75 1.60 13.06
C SER A 6 13.24 1.20 11.69
N GLY A 7 14.15 1.19 10.71
CA GLY A 7 13.78 0.84 9.35
C GLY A 7 13.63 2.04 8.45
N PRO A 8 13.21 1.80 7.19
CA PRO A 8 13.02 2.87 6.21
C PRO A 8 11.83 3.74 6.54
N PRO A 9 11.74 4.90 5.86
CA PRO A 9 10.65 5.86 6.07
C PRO A 9 9.32 5.35 5.54
N ALA A 10 8.24 5.66 6.25
CA ALA A 10 6.91 5.23 5.85
C ALA A 10 6.59 5.66 4.42
N VAL A 11 6.35 4.69 3.54
CA VAL A 11 6.05 4.98 2.15
C VAL A 11 5.22 6.27 2.03
N SER A 12 5.41 6.98 0.92
CA SER A 12 4.69 8.22 0.68
C SER A 12 4.39 8.40 -0.80
N ASP A 13 3.71 9.49 -1.14
CA ASP A 13 3.35 9.77 -2.52
C ASP A 13 2.82 8.52 -3.22
N ILE A 14 1.82 7.90 -2.59
CA ILE A 14 1.21 6.69 -3.16
C ILE A 14 0.10 7.04 -4.13
N ARG A 15 0.34 6.82 -5.41
CA ARG A 15 -0.64 7.11 -6.45
C ARG A 15 -1.21 5.81 -7.03
N VAL A 16 -2.49 5.86 -7.38
CA VAL A 16 -3.16 4.68 -7.95
C VAL A 16 -2.84 4.53 -9.42
N THR A 17 -1.81 3.73 -9.72
CA THR A 17 -1.39 3.49 -11.10
C THR A 17 -2.53 2.89 -11.92
N ARG A 18 -2.34 2.84 -13.24
CA ARG A 18 -3.35 2.29 -14.13
C ARG A 18 -4.11 1.15 -13.46
N SER A 19 -5.27 1.48 -12.89
CA SER A 19 -6.09 0.48 -12.21
C SER A 19 -6.54 -0.60 -13.18
N SER A 20 -7.32 -1.55 -12.68
CA SER A 20 -7.82 -2.65 -13.50
C SER A 20 -9.21 -3.07 -13.05
N PRO A 21 -9.97 -3.70 -13.97
CA PRO A 21 -11.32 -4.17 -13.70
C PRO A 21 -11.35 -5.35 -12.72
N SER A 22 -10.54 -6.37 -13.01
CA SER A 22 -10.48 -7.55 -12.17
C SER A 22 -9.18 -7.56 -11.34
N SER A 23 -8.66 -6.37 -11.08
CA SER A 23 -7.43 -6.24 -10.30
C SER A 23 -7.15 -4.78 -9.96
N LEU A 24 -6.21 -4.56 -9.06
CA LEU A 24 -5.85 -3.21 -8.64
C LEU A 24 -4.34 -3.00 -8.70
N SER A 25 -3.88 -2.21 -9.66
CA SER A 25 -2.46 -1.94 -9.84
C SER A 25 -2.05 -0.74 -8.99
N LEU A 26 -1.04 -0.93 -8.15
CA LEU A 26 -0.53 0.13 -7.28
C LEU A 26 0.94 0.39 -7.55
N ALA A 27 1.40 1.60 -7.25
CA ALA A 27 2.79 1.98 -7.45
C ALA A 27 3.10 3.30 -6.74
N TRP A 28 4.11 3.26 -5.86
CA TRP A 28 4.51 4.45 -5.12
C TRP A 28 5.91 4.89 -5.53
N ALA A 29 6.31 6.08 -5.09
CA ALA A 29 7.63 6.62 -5.40
C ALA A 29 8.67 6.09 -4.44
N VAL A 30 9.62 5.31 -4.97
CA VAL A 30 10.68 4.73 -4.15
C VAL A 30 11.18 5.74 -3.12
N PRO A 31 11.11 5.36 -1.84
CA PRO A 31 11.56 6.22 -0.74
C PRO A 31 13.08 6.37 -0.71
N ARG A 32 13.58 7.06 0.31
CA ARG A 32 15.01 7.28 0.46
C ARG A 32 15.43 7.21 1.92
N ALA A 33 16.25 6.23 2.26
CA ALA A 33 16.72 6.06 3.63
C ALA A 33 18.17 6.52 3.77
N PRO A 34 18.48 7.12 4.93
CA PRO A 34 19.83 7.61 5.22
C PRO A 34 20.84 6.49 5.42
N SER A 35 20.33 5.27 5.61
CA SER A 35 21.18 4.11 5.81
C SER A 35 20.65 2.91 5.04
N GLY A 36 21.50 2.36 4.15
CA GLY A 36 21.10 1.22 3.36
C GLY A 36 20.07 1.57 2.31
N ALA A 37 19.09 0.69 2.12
CA ALA A 37 18.04 0.92 1.13
C ALA A 37 16.88 -0.04 1.34
N VAL A 38 15.67 0.40 0.98
CA VAL A 38 14.48 -0.43 1.13
C VAL A 38 14.61 -1.72 0.35
N LEU A 39 14.52 -2.85 1.05
CA LEU A 39 14.63 -4.16 0.42
C LEU A 39 13.31 -4.56 -0.22
N ASP A 40 12.25 -4.60 0.58
CA ASP A 40 10.92 -4.96 0.08
C ASP A 40 9.83 -4.19 0.82
N TYR A 41 8.62 -4.21 0.27
CA TYR A 41 7.51 -3.51 0.88
C TYR A 41 6.42 -4.49 1.30
N GLU A 42 5.49 -4.02 2.12
CA GLU A 42 4.40 -4.86 2.60
C GLU A 42 3.04 -4.21 2.32
N VAL A 43 2.25 -4.85 1.46
CA VAL A 43 0.94 -4.32 1.11
C VAL A 43 -0.16 -5.03 1.90
N LYS A 44 -0.78 -4.29 2.81
CA LYS A 44 -1.86 -4.85 3.63
C LYS A 44 -3.21 -4.26 3.23
N TYR A 45 -4.11 -5.13 2.78
CA TYR A 45 -5.44 -4.69 2.36
C TYR A 45 -6.52 -5.56 3.00
N HIS A 46 -7.65 -4.93 3.33
CA HIS A 46 -8.77 -5.64 3.94
C HIS A 46 -10.10 -4.99 3.58
N GLU A 47 -11.05 -5.80 3.13
CA GLU A 47 -12.36 -5.30 2.75
C GLU A 47 -13.02 -4.57 3.92
N LYS A 48 -13.12 -3.25 3.80
CA LYS A 48 -13.73 -2.43 4.84
C LYS A 48 -14.89 -3.18 5.51
N GLY A 49 -15.68 -3.87 4.70
CA GLY A 49 -16.81 -4.62 5.23
C GLY A 49 -16.38 -5.72 6.18
N ALA A 50 -15.75 -6.76 5.64
CA ALA A 50 -15.29 -7.87 6.45
C ALA A 50 -14.46 -7.39 7.64
N GLU A 51 -14.96 -7.65 8.85
CA GLU A 51 -14.27 -7.24 10.06
C GLU A 51 -13.75 -8.46 10.83
N GLY A 52 -12.49 -8.39 11.25
CA GLY A 52 -11.90 -9.49 11.99
C GLY A 52 -10.44 -9.69 11.66
N PRO A 53 -9.77 -10.59 12.39
CA PRO A 53 -8.36 -10.89 12.20
C PRO A 53 -8.09 -11.62 10.89
N SER A 54 -8.91 -12.62 10.59
CA SER A 54 -8.77 -13.40 9.37
C SER A 54 -9.49 -12.73 8.21
N SER A 55 -9.35 -11.41 8.12
CA SER A 55 -10.00 -10.64 7.06
C SER A 55 -8.96 -9.88 6.23
N VAL A 56 -7.97 -9.33 6.91
CA VAL A 56 -6.91 -8.57 6.24
C VAL A 56 -5.87 -9.51 5.64
N ARG A 57 -5.35 -9.13 4.47
CA ARG A 57 -4.35 -9.94 3.79
C ARG A 57 -2.99 -9.25 3.82
N PHE A 58 -1.96 -9.97 3.36
CA PHE A 58 -0.60 -9.42 3.34
C PHE A 58 0.11 -9.82 2.06
N LEU A 59 0.67 -8.83 1.37
CA LEU A 59 1.39 -9.06 0.13
C LEU A 59 2.76 -8.39 0.15
N LYS A 60 3.81 -9.21 0.23
CA LYS A 60 5.17 -8.70 0.27
C LYS A 60 5.80 -8.73 -1.13
N THR A 61 6.23 -7.55 -1.59
CA THR A 61 6.84 -7.45 -2.91
C THR A 61 8.21 -6.77 -2.83
N SER A 62 9.08 -7.10 -3.77
CA SER A 62 10.43 -6.53 -3.80
C SER A 62 10.41 -5.14 -4.40
N GLU A 63 9.59 -4.95 -5.42
CA GLU A 63 9.47 -3.65 -6.09
C GLU A 63 8.48 -2.76 -5.37
N ASN A 64 8.53 -1.46 -5.68
CA ASN A 64 7.62 -0.50 -5.06
C ASN A 64 6.29 -0.44 -5.80
N ARG A 65 5.92 -1.55 -6.43
CA ARG A 65 4.68 -1.64 -7.19
C ARG A 65 4.10 -3.04 -7.12
N ALA A 66 2.79 -3.14 -6.88
CA ALA A 66 2.11 -4.42 -6.80
C ALA A 66 0.74 -4.35 -7.44
N GLU A 67 0.35 -5.43 -8.12
CA GLU A 67 -0.95 -5.49 -8.77
C GLU A 67 -1.82 -6.59 -8.17
N LEU A 68 -2.78 -6.20 -7.36
CA LEU A 68 -3.68 -7.15 -6.72
C LEU A 68 -4.61 -7.80 -7.74
N ARG A 69 -4.38 -9.09 -8.00
CA ARG A 69 -5.19 -9.82 -8.95
C ARG A 69 -6.40 -10.45 -8.27
N GLY A 70 -7.48 -10.65 -9.03
CA GLY A 70 -8.68 -11.24 -8.48
C GLY A 70 -9.31 -10.37 -7.41
N LEU A 71 -10.23 -9.50 -7.82
CA LEU A 71 -10.90 -8.61 -6.87
C LEU A 71 -12.35 -8.39 -7.29
N LYS A 72 -13.11 -7.70 -6.43
CA LYS A 72 -14.51 -7.42 -6.70
C LYS A 72 -14.72 -5.93 -6.99
N ARG A 73 -14.37 -5.52 -8.21
CA ARG A 73 -14.52 -4.12 -8.61
C ARG A 73 -15.75 -3.50 -7.97
N GLY A 74 -15.59 -2.30 -7.42
CA GLY A 74 -16.70 -1.62 -6.77
C GLY A 74 -16.56 -1.57 -5.27
N ALA A 75 -16.36 -2.73 -4.65
CA ALA A 75 -16.21 -2.81 -3.20
C ALA A 75 -14.96 -2.06 -2.74
N SER A 76 -15.12 -1.26 -1.70
CA SER A 76 -14.00 -0.48 -1.17
C SER A 76 -12.90 -1.40 -0.66
N TYR A 77 -11.65 -0.95 -0.80
CA TYR A 77 -10.50 -1.73 -0.37
C TYR A 77 -9.40 -0.83 0.19
N LEU A 78 -9.21 -0.89 1.50
CA LEU A 78 -8.20 -0.08 2.17
C LEU A 78 -6.82 -0.72 2.04
N VAL A 79 -6.01 -0.19 1.13
CA VAL A 79 -4.67 -0.71 0.91
C VAL A 79 -3.62 0.18 1.56
N GLN A 80 -2.74 -0.41 2.35
CA GLN A 80 -1.69 0.33 3.03
C GLN A 80 -0.31 -0.23 2.69
N VAL A 81 0.54 0.62 2.13
CA VAL A 81 1.90 0.21 1.75
C VAL A 81 2.93 0.74 2.73
N ARG A 82 3.86 -0.12 3.13
CA ARG A 82 4.90 0.27 4.07
C ARG A 82 6.28 -0.15 3.56
N ALA A 83 7.32 0.45 4.12
CA ALA A 83 8.69 0.14 3.72
C ALA A 83 9.43 -0.61 4.83
N ARG A 84 10.32 -1.51 4.44
CA ARG A 84 11.09 -2.29 5.41
C ARG A 84 12.50 -2.55 4.89
N SER A 85 13.48 -2.44 5.78
CA SER A 85 14.88 -2.66 5.41
C SER A 85 15.55 -3.60 6.41
N GLU A 86 16.77 -4.01 6.07
CA GLU A 86 17.53 -4.92 6.93
C GLU A 86 17.35 -4.55 8.40
N ALA A 87 17.22 -3.25 8.67
CA ALA A 87 17.04 -2.77 10.03
C ALA A 87 15.77 -3.34 10.65
N GLY A 88 14.63 -3.03 10.06
CA GLY A 88 13.37 -3.53 10.57
C GLY A 88 12.17 -2.93 9.83
N TYR A 89 11.02 -3.55 10.01
CA TYR A 89 9.80 -3.08 9.37
C TYR A 89 9.48 -1.65 9.77
N GLY A 90 9.31 -0.78 8.77
CA GLY A 90 9.00 0.61 9.04
C GLY A 90 7.53 0.86 9.29
N PRO A 91 7.17 2.11 9.62
CA PRO A 91 5.78 2.49 9.89
C PRO A 91 4.93 2.46 8.63
N PHE A 92 3.66 2.11 8.79
CA PHE A 92 2.72 2.05 7.67
C PHE A 92 2.46 3.43 7.11
N GLY A 93 2.85 3.63 5.85
CA GLY A 93 2.65 4.92 5.21
C GLY A 93 1.19 5.36 5.22
N GLN A 94 0.95 6.61 4.84
CA GLN A 94 -0.40 7.15 4.81
C GLN A 94 -1.33 6.25 3.99
N GLU A 95 -2.36 5.72 4.65
CA GLU A 95 -3.31 4.84 4.00
C GLU A 95 -3.80 5.47 2.69
N HIS A 96 -4.37 4.63 1.82
CA HIS A 96 -4.89 5.09 0.54
C HIS A 96 -6.26 4.50 0.25
N HIS A 97 -6.94 5.05 -0.75
CA HIS A 97 -8.27 4.57 -1.12
C HIS A 97 -8.31 4.19 -2.60
N SER A 98 -8.22 2.90 -2.88
CA SER A 98 -8.24 2.41 -4.25
C SER A 98 -9.63 2.59 -4.87
N GLN A 99 -9.86 3.77 -5.45
CA GLN A 99 -11.14 4.07 -6.08
C GLN A 99 -11.31 3.30 -7.37
N THR A 100 -11.95 2.15 -7.29
CA THR A 100 -12.18 1.30 -8.46
C THR A 100 -13.04 2.02 -9.49
N GLN A 101 -12.71 1.86 -10.77
CA GLN A 101 -13.46 2.49 -11.85
C GLN A 101 -14.93 2.12 -11.75
N LEU A 102 -15.79 3.13 -11.85
CA LEU A 102 -17.24 2.93 -11.79
C LEU A 102 -17.92 3.52 -13.02
N ASP A 103 -17.70 4.80 -13.25
CA ASP A 103 -18.29 5.49 -14.40
C ASP A 103 -17.43 6.66 -14.84
N SER A 104 -17.13 6.71 -16.14
CA SER A 104 -16.31 7.77 -16.70
C SER A 104 -16.79 9.14 -16.22
N GLY A 105 -15.90 9.88 -15.57
CA GLY A 105 -16.26 11.20 -15.07
C GLY A 105 -15.04 12.09 -14.89
N PRO A 106 -15.22 13.40 -15.13
CA PRO A 106 -14.14 14.38 -14.99
C PRO A 106 -13.74 14.61 -13.54
N SER A 107 -12.44 14.65 -13.29
CA SER A 107 -11.92 14.86 -11.94
C SER A 107 -11.57 16.33 -11.71
N SER A 108 -11.22 16.66 -10.47
CA SER A 108 -10.86 18.02 -10.12
C SER A 108 -9.70 18.04 -9.13
N GLY A 109 -9.11 19.22 -8.94
CA GLY A 109 -8.00 19.36 -8.02
C GLY A 109 -8.14 18.47 -6.80
N GLY A 1 17.71 10.50 21.89
CA GLY A 1 16.48 11.14 22.31
C GLY A 1 15.37 10.15 22.58
N SER A 2 15.02 9.37 21.56
CA SER A 2 13.96 8.37 21.69
C SER A 2 14.49 6.97 21.37
N SER A 3 14.20 6.02 22.26
CA SER A 3 14.65 4.65 22.07
C SER A 3 13.51 3.77 21.54
N GLY A 4 13.83 2.90 20.59
CA GLY A 4 12.83 2.02 20.03
C GLY A 4 13.10 1.71 18.57
N SER A 5 12.83 0.46 18.17
CA SER A 5 13.05 0.03 16.80
C SER A 5 12.75 1.16 15.82
N SER A 6 13.48 1.19 14.71
CA SER A 6 13.30 2.22 13.70
C SER A 6 13.63 1.67 12.31
N GLY A 7 12.77 1.98 11.34
CA GLY A 7 13.00 1.52 9.99
C GLY A 7 12.93 2.65 8.97
N PRO A 8 12.62 2.30 7.71
CA PRO A 8 12.52 3.28 6.63
C PRO A 8 11.30 4.18 6.78
N PRO A 9 11.25 5.24 5.94
CA PRO A 9 10.14 6.20 5.97
C PRO A 9 8.84 5.59 5.45
N ALA A 10 7.73 5.95 6.09
CA ALA A 10 6.42 5.44 5.69
C ALA A 10 6.18 5.66 4.20
N VAL A 11 5.87 4.58 3.49
CA VAL A 11 5.61 4.64 2.06
C VAL A 11 4.72 5.84 1.72
N SER A 12 5.28 6.80 1.00
CA SER A 12 4.54 7.99 0.61
C SER A 12 4.39 8.07 -0.91
N ASP A 13 3.70 9.10 -1.37
CA ASP A 13 3.49 9.29 -2.80
C ASP A 13 3.06 7.98 -3.47
N ILE A 14 2.01 7.37 -2.93
CA ILE A 14 1.49 6.12 -3.47
C ILE A 14 0.45 6.37 -4.55
N ARG A 15 0.77 5.98 -5.79
CA ARG A 15 -0.14 6.17 -6.91
C ARG A 15 -0.53 4.83 -7.51
N VAL A 16 -1.83 4.63 -7.70
CA VAL A 16 -2.34 3.38 -8.28
C VAL A 16 -2.72 3.57 -9.74
N THR A 17 -1.96 2.95 -10.63
CA THR A 17 -2.22 3.05 -12.07
C THR A 17 -2.66 1.71 -12.63
N ARG A 18 -3.14 1.73 -13.87
CA ARG A 18 -3.59 0.52 -14.54
C ARG A 18 -4.77 -0.10 -13.79
N SER A 19 -5.70 0.74 -13.35
CA SER A 19 -6.86 0.27 -12.61
C SER A 19 -7.55 -0.87 -13.34
N SER A 20 -8.30 -1.68 -12.60
CA SER A 20 -9.00 -2.82 -13.18
C SER A 20 -10.25 -3.15 -12.37
N PRO A 21 -11.19 -3.87 -13.01
CA PRO A 21 -12.45 -4.27 -12.38
C PRO A 21 -12.24 -5.31 -11.29
N SER A 22 -11.50 -6.36 -11.62
CA SER A 22 -11.23 -7.44 -10.67
C SER A 22 -9.75 -7.51 -10.34
N SER A 23 -9.11 -6.34 -10.28
CA SER A 23 -7.68 -6.27 -9.97
C SER A 23 -7.22 -4.82 -9.84
N LEU A 24 -6.04 -4.62 -9.26
CA LEU A 24 -5.50 -3.28 -9.07
C LEU A 24 -3.97 -3.32 -9.00
N SER A 25 -3.33 -2.31 -9.58
CA SER A 25 -1.88 -2.23 -9.58
C SER A 25 -1.40 -1.00 -8.81
N LEU A 26 -0.57 -1.24 -7.79
CA LEU A 26 -0.04 -0.15 -6.97
C LEU A 26 1.42 0.12 -7.31
N ALA A 27 1.90 1.29 -6.92
CA ALA A 27 3.29 1.68 -7.18
C ALA A 27 3.67 2.93 -6.41
N TRP A 28 4.77 2.86 -5.66
CA TRP A 28 5.24 3.99 -4.87
C TRP A 28 6.55 4.54 -5.43
N ALA A 29 6.95 5.70 -4.93
CA ALA A 29 8.19 6.33 -5.37
C ALA A 29 9.35 6.00 -4.43
N VAL A 30 10.31 5.24 -4.93
CA VAL A 30 11.47 4.85 -4.12
C VAL A 30 11.84 5.95 -3.14
N PRO A 31 11.37 5.82 -1.89
CA PRO A 31 11.65 6.79 -0.84
C PRO A 31 13.10 6.76 -0.39
N ARG A 32 13.47 7.73 0.45
CA ARG A 32 14.84 7.82 0.95
C ARG A 32 14.93 7.30 2.39
N ALA A 33 15.52 6.13 2.56
CA ALA A 33 15.67 5.53 3.88
C ALA A 33 17.07 5.73 4.41
N PRO A 34 17.17 6.10 5.70
CA PRO A 34 18.46 6.33 6.38
C PRO A 34 19.24 5.04 6.59
N SER A 35 18.55 4.01 7.07
CA SER A 35 19.18 2.72 7.32
C SER A 35 19.24 1.88 6.05
N GLY A 36 20.34 2.00 5.31
CA GLY A 36 20.49 1.25 4.08
C GLY A 36 19.38 1.52 3.10
N ALA A 37 19.51 0.97 1.89
CA ALA A 37 18.50 1.15 0.86
C ALA A 37 17.34 0.16 1.04
N VAL A 38 16.13 0.68 0.91
CA VAL A 38 14.93 -0.14 1.07
C VAL A 38 15.15 -1.54 0.47
N LEU A 39 14.80 -2.56 1.24
CA LEU A 39 14.94 -3.94 0.79
C LEU A 39 13.69 -4.42 0.06
N ASP A 40 12.56 -4.37 0.76
CA ASP A 40 11.30 -4.79 0.18
C ASP A 40 10.12 -4.03 0.80
N TYR A 41 8.92 -4.40 0.40
CA TYR A 41 7.71 -3.75 0.92
C TYR A 41 6.65 -4.78 1.28
N GLU A 42 5.66 -4.34 2.06
CA GLU A 42 4.58 -5.23 2.48
C GLU A 42 3.22 -4.61 2.17
N VAL A 43 2.57 -5.10 1.12
CA VAL A 43 1.27 -4.60 0.73
C VAL A 43 0.15 -5.32 1.47
N LYS A 44 -0.68 -4.56 2.17
CA LYS A 44 -1.78 -5.12 2.93
C LYS A 44 -3.12 -4.54 2.46
N TYR A 45 -3.95 -5.39 1.87
CA TYR A 45 -5.26 -4.97 1.38
C TYR A 45 -6.38 -5.79 2.02
N HIS A 46 -7.56 -5.19 2.11
CA HIS A 46 -8.72 -5.85 2.70
C HIS A 46 -9.96 -4.99 2.56
N GLU A 47 -11.12 -5.65 2.51
CA GLU A 47 -12.39 -4.94 2.37
C GLU A 47 -12.77 -4.25 3.67
N LYS A 48 -12.70 -2.92 3.68
CA LYS A 48 -13.04 -2.15 4.87
C LYS A 48 -14.24 -2.75 5.58
N GLY A 49 -14.16 -2.80 6.91
CA GLY A 49 -15.25 -3.34 7.70
C GLY A 49 -15.52 -4.80 7.39
N ALA A 50 -14.48 -5.63 7.49
CA ALA A 50 -14.61 -7.05 7.22
C ALA A 50 -14.55 -7.86 8.50
N GLU A 51 -14.57 -9.19 8.35
CA GLU A 51 -14.53 -10.08 9.51
C GLU A 51 -13.46 -9.63 10.51
N GLY A 52 -12.20 -9.73 10.10
CA GLY A 52 -11.10 -9.33 10.95
C GLY A 52 -9.76 -9.37 10.25
N PRO A 53 -8.68 -9.61 11.02
CA PRO A 53 -7.33 -9.67 10.48
C PRO A 53 -7.10 -10.91 9.61
N SER A 54 -8.16 -11.69 9.43
CA SER A 54 -8.08 -12.90 8.62
C SER A 54 -8.49 -12.63 7.18
N SER A 55 -9.43 -11.70 7.01
CA SER A 55 -9.92 -11.34 5.68
C SER A 55 -8.85 -10.58 4.89
N VAL A 56 -7.95 -9.93 5.61
CA VAL A 56 -6.88 -9.16 4.99
C VAL A 56 -5.72 -10.06 4.58
N ARG A 57 -5.25 -9.89 3.34
CA ARG A 57 -4.14 -10.69 2.83
C ARG A 57 -2.85 -9.89 2.82
N PHE A 58 -1.73 -10.60 2.70
CA PHE A 58 -0.42 -9.95 2.68
C PHE A 58 0.35 -10.31 1.41
N LEU A 59 0.91 -9.29 0.76
CA LEU A 59 1.67 -9.50 -0.47
C LEU A 59 3.09 -8.97 -0.32
N LYS A 60 4.06 -9.89 -0.28
CA LYS A 60 5.46 -9.51 -0.14
C LYS A 60 6.10 -9.29 -1.51
N THR A 61 6.73 -8.13 -1.69
CA THR A 61 7.38 -7.81 -2.95
C THR A 61 8.66 -7.02 -2.72
N SER A 62 9.65 -7.26 -3.58
CA SER A 62 10.93 -6.57 -3.47
C SER A 62 11.06 -5.47 -4.52
N GLU A 63 9.94 -4.83 -4.83
CA GLU A 63 9.92 -3.76 -5.82
C GLU A 63 8.98 -2.64 -5.40
N ASN A 64 8.83 -1.64 -6.27
CA ASN A 64 7.96 -0.50 -5.98
C ASN A 64 6.69 -0.56 -6.83
N ARG A 65 6.27 -1.77 -7.18
CA ARG A 65 5.09 -1.97 -7.99
C ARG A 65 4.51 -3.37 -7.79
N ALA A 66 3.21 -3.43 -7.49
CA ALA A 66 2.54 -4.70 -7.27
C ALA A 66 1.21 -4.76 -8.03
N GLU A 67 0.69 -5.97 -8.20
CA GLU A 67 -0.57 -6.16 -8.91
C GLU A 67 -1.51 -7.06 -8.12
N LEU A 68 -2.46 -6.45 -7.41
CA LEU A 68 -3.42 -7.19 -6.61
C LEU A 68 -4.51 -7.80 -7.49
N ARG A 69 -4.64 -9.12 -7.45
CA ARG A 69 -5.63 -9.82 -8.24
C ARG A 69 -6.73 -10.40 -7.35
N GLY A 70 -7.98 -10.35 -7.82
CA GLY A 70 -9.08 -10.88 -7.06
C GLY A 70 -9.68 -9.84 -6.12
N LEU A 71 -10.40 -8.87 -6.70
CA LEU A 71 -11.02 -7.81 -5.91
C LEU A 71 -12.33 -7.37 -6.55
N LYS A 72 -13.01 -6.43 -5.89
CA LYS A 72 -14.28 -5.92 -6.39
C LYS A 72 -14.15 -4.45 -6.80
N ARG A 73 -14.91 -4.05 -7.81
CA ARG A 73 -14.88 -2.68 -8.30
C ARG A 73 -16.11 -1.91 -7.83
N GLY A 74 -15.93 -1.10 -6.79
CA GLY A 74 -17.04 -0.32 -6.27
C GLY A 74 -17.29 -0.58 -4.80
N ALA A 75 -16.28 -1.12 -4.12
CA ALA A 75 -16.40 -1.41 -2.70
C ALA A 75 -15.36 -0.64 -1.89
N SER A 76 -15.46 -0.74 -0.56
CA SER A 76 -14.54 -0.03 0.33
C SER A 76 -13.25 -0.81 0.49
N TYR A 77 -12.24 -0.45 -0.28
CA TYR A 77 -10.94 -1.12 -0.24
C TYR A 77 -9.84 -0.14 0.17
N LEU A 78 -9.24 -0.39 1.33
CA LEU A 78 -8.17 0.47 1.83
C LEU A 78 -6.82 -0.25 1.76
N VAL A 79 -6.00 0.15 0.79
CA VAL A 79 -4.68 -0.45 0.60
C VAL A 79 -3.62 0.32 1.40
N GLN A 80 -2.78 -0.42 2.11
CA GLN A 80 -1.72 0.19 2.91
C GLN A 80 -0.36 -0.38 2.52
N VAL A 81 0.53 0.50 2.08
CA VAL A 81 1.87 0.08 1.67
C VAL A 81 2.91 0.54 2.69
N ARG A 82 3.91 -0.31 2.93
CA ARG A 82 4.96 -0.01 3.89
C ARG A 82 6.34 -0.28 3.28
N ALA A 83 7.38 0.08 4.01
CA ALA A 83 8.75 -0.13 3.56
C ALA A 83 9.56 -0.91 4.58
N ARG A 84 10.51 -1.72 4.10
CA ARG A 84 11.35 -2.51 4.98
C ARG A 84 12.82 -2.32 4.63
N SER A 85 13.64 -2.09 5.66
CA SER A 85 15.07 -1.88 5.47
C SER A 85 15.88 -2.76 6.41
N GLU A 86 17.19 -2.80 6.21
CA GLU A 86 18.08 -3.61 7.03
C GLU A 86 17.71 -3.47 8.51
N ALA A 87 17.49 -2.23 8.94
CA ALA A 87 17.13 -1.96 10.34
C ALA A 87 15.92 -2.79 10.76
N GLY A 88 14.79 -2.53 10.11
CA GLY A 88 13.57 -3.26 10.44
C GLY A 88 12.37 -2.77 9.65
N TYR A 89 11.17 -3.15 10.09
CA TYR A 89 9.95 -2.74 9.41
C TYR A 89 9.54 -1.33 9.83
N GLY A 90 8.98 -0.58 8.88
CA GLY A 90 8.56 0.78 9.16
C GLY A 90 7.05 0.89 9.27
N PRO A 91 6.58 2.02 9.83
CA PRO A 91 5.15 2.29 10.01
C PRO A 91 4.44 2.53 8.68
N PHE A 92 3.13 2.27 8.67
CA PHE A 92 2.34 2.45 7.46
C PHE A 92 2.11 3.95 7.18
N GLY A 93 2.29 4.34 5.93
CA GLY A 93 2.11 5.73 5.55
C GLY A 93 0.65 6.07 5.31
N GLN A 94 0.41 7.30 4.88
CA GLN A 94 -0.95 7.76 4.61
C GLN A 94 -1.76 6.67 3.92
N GLU A 95 -2.87 6.29 4.53
CA GLU A 95 -3.74 5.25 3.98
C GLU A 95 -4.35 5.71 2.65
N HIS A 96 -4.54 4.77 1.73
CA HIS A 96 -5.12 5.07 0.43
C HIS A 96 -6.35 4.20 0.16
N HIS A 97 -7.38 4.80 -0.42
CA HIS A 97 -8.61 4.07 -0.74
C HIS A 97 -8.75 3.88 -2.25
N SER A 98 -8.48 2.67 -2.71
CA SER A 98 -8.57 2.34 -4.13
C SER A 98 -9.82 2.98 -4.74
N GLN A 99 -9.61 3.80 -5.78
CA GLN A 99 -10.71 4.47 -6.45
C GLN A 99 -11.71 3.45 -6.99
N THR A 100 -11.20 2.36 -7.56
CA THR A 100 -12.06 1.32 -8.11
C THR A 100 -13.32 1.91 -8.73
N GLN A 101 -13.17 3.04 -9.41
CA GLN A 101 -14.30 3.71 -10.05
C GLN A 101 -15.56 3.58 -9.19
N LEU A 102 -15.44 3.94 -7.92
CA LEU A 102 -16.56 3.86 -7.00
C LEU A 102 -17.11 5.25 -6.69
N ASP A 103 -16.30 6.27 -6.95
CA ASP A 103 -16.70 7.65 -6.70
C ASP A 103 -15.91 8.60 -7.59
N SER A 104 -16.62 9.26 -8.50
CA SER A 104 -15.99 10.21 -9.42
C SER A 104 -15.93 11.61 -8.82
N GLY A 105 -14.73 12.05 -8.47
CA GLY A 105 -14.56 13.35 -7.88
C GLY A 105 -13.24 14.01 -8.28
N PRO A 106 -13.22 14.63 -9.45
CA PRO A 106 -12.02 15.31 -9.97
C PRO A 106 -11.68 16.56 -9.18
N SER A 107 -12.70 17.22 -8.63
CA SER A 107 -12.50 18.44 -7.86
C SER A 107 -11.25 18.34 -6.99
N SER A 108 -10.56 19.46 -6.82
CA SER A 108 -9.34 19.50 -6.01
C SER A 108 -9.44 20.58 -4.93
N GLY A 109 -9.76 21.80 -5.35
CA GLY A 109 -9.87 22.88 -4.40
C GLY A 109 -9.57 24.23 -5.02
N GLY A 1 15.30 12.57 15.57
CA GLY A 1 16.13 11.79 14.67
C GLY A 1 16.96 10.77 15.41
N SER A 2 16.55 9.51 15.35
CA SER A 2 17.27 8.44 16.01
C SER A 2 17.94 7.52 15.00
N SER A 3 17.31 7.36 13.84
CA SER A 3 17.86 6.51 12.78
C SER A 3 18.56 5.29 13.37
N GLY A 4 17.89 4.62 14.30
CA GLY A 4 18.46 3.45 14.92
C GLY A 4 17.63 2.20 14.70
N SER A 5 16.99 1.71 15.75
CA SER A 5 16.16 0.52 15.66
C SER A 5 15.02 0.71 14.65
N SER A 6 14.53 1.94 14.57
CA SER A 6 13.44 2.27 13.66
C SER A 6 13.84 2.00 12.21
N GLY A 7 12.93 1.43 11.45
CA GLY A 7 13.21 1.12 10.05
C GLY A 7 13.11 2.35 9.17
N PRO A 8 12.90 2.12 7.86
CA PRO A 8 12.78 3.21 6.87
C PRO A 8 11.49 4.00 7.05
N PRO A 9 11.39 5.13 6.34
CA PRO A 9 10.21 6.01 6.38
C PRO A 9 9.00 5.37 5.72
N ALA A 10 7.83 5.58 6.32
CA ALA A 10 6.58 5.04 5.79
C ALA A 10 6.38 5.45 4.34
N VAL A 11 6.08 4.47 3.49
CA VAL A 11 5.86 4.73 2.07
C VAL A 11 4.87 5.88 1.87
N SER A 12 5.27 6.85 1.06
CA SER A 12 4.42 8.01 0.78
C SER A 12 4.22 8.19 -0.72
N ASP A 13 3.42 9.19 -1.08
CA ASP A 13 3.14 9.46 -2.48
C ASP A 13 2.79 8.18 -3.23
N ILE A 14 1.81 7.44 -2.72
CA ILE A 14 1.38 6.20 -3.34
C ILE A 14 0.25 6.43 -4.33
N ARG A 15 0.54 6.28 -5.61
CA ARG A 15 -0.45 6.48 -6.66
C ARG A 15 -0.99 5.13 -7.16
N VAL A 16 -2.18 5.16 -7.74
CA VAL A 16 -2.80 3.94 -8.26
C VAL A 16 -2.96 4.02 -9.77
N THR A 17 -2.24 3.14 -10.48
CA THR A 17 -2.30 3.11 -11.94
C THR A 17 -3.11 1.91 -12.43
N ARG A 18 -3.47 1.93 -13.70
CA ARG A 18 -4.25 0.84 -14.29
C ARG A 18 -5.37 0.41 -13.36
N SER A 19 -6.05 1.39 -12.76
CA SER A 19 -7.15 1.10 -11.85
C SER A 19 -8.24 0.31 -12.53
N SER A 20 -8.22 -1.02 -12.34
CA SER A 20 -9.21 -1.89 -12.95
C SER A 20 -10.16 -2.46 -11.89
N PRO A 21 -11.36 -2.87 -12.33
CA PRO A 21 -12.37 -3.44 -11.44
C PRO A 21 -11.98 -4.82 -10.91
N SER A 22 -11.43 -5.65 -11.80
CA SER A 22 -11.02 -6.99 -11.42
C SER A 22 -9.65 -6.98 -10.74
N SER A 23 -8.74 -6.16 -11.29
CA SER A 23 -7.40 -6.05 -10.74
C SER A 23 -7.07 -4.60 -10.39
N LEU A 24 -6.05 -4.41 -9.56
CA LEU A 24 -5.63 -3.08 -9.15
C LEU A 24 -4.12 -3.00 -8.99
N SER A 25 -3.47 -2.28 -9.90
CA SER A 25 -2.02 -2.13 -9.87
C SER A 25 -1.61 -1.05 -8.88
N LEU A 26 -0.46 -1.23 -8.25
CA LEU A 26 0.05 -0.27 -7.27
C LEU A 26 1.51 0.06 -7.55
N ALA A 27 1.94 1.23 -7.08
CA ALA A 27 3.33 1.65 -7.28
C ALA A 27 3.63 2.90 -6.45
N TRP A 28 4.70 2.82 -5.64
CA TRP A 28 5.09 3.94 -4.79
C TRP A 28 6.43 4.51 -5.25
N ALA A 29 6.78 5.66 -4.69
CA ALA A 29 8.04 6.33 -5.04
C ALA A 29 9.14 5.98 -4.04
N VAL A 30 10.17 5.29 -4.53
CA VAL A 30 11.29 4.90 -3.67
C VAL A 30 11.68 6.03 -2.72
N PRO A 31 11.39 5.83 -1.43
CA PRO A 31 11.70 6.83 -0.40
C PRO A 31 13.21 6.95 -0.15
N ARG A 32 13.57 7.80 0.81
CA ARG A 32 14.98 8.00 1.14
C ARG A 32 15.23 7.69 2.61
N ALA A 33 15.61 6.45 2.90
CA ALA A 33 15.89 6.03 4.26
C ALA A 33 17.30 6.42 4.69
N PRO A 34 17.45 6.80 5.97
CA PRO A 34 18.74 7.21 6.53
C PRO A 34 19.72 6.04 6.64
N SER A 35 19.19 4.86 6.94
CA SER A 35 20.02 3.67 7.08
C SER A 35 20.84 3.42 5.82
N GLY A 36 20.16 3.38 4.68
CA GLY A 36 20.84 3.16 3.41
C GLY A 36 19.88 3.03 2.25
N ALA A 37 19.12 1.95 2.23
CA ALA A 37 18.16 1.71 1.16
C ALA A 37 17.13 0.65 1.56
N VAL A 38 16.00 0.63 0.87
CA VAL A 38 14.95 -0.33 1.15
C VAL A 38 15.17 -1.63 0.38
N LEU A 39 14.93 -2.76 1.06
CA LEU A 39 15.10 -4.07 0.44
C LEU A 39 13.80 -4.55 -0.19
N ASP A 40 12.79 -4.75 0.64
CA ASP A 40 11.48 -5.21 0.16
C ASP A 40 10.36 -4.38 0.76
N TYR A 41 9.13 -4.71 0.39
CA TYR A 41 7.96 -3.99 0.90
C TYR A 41 6.85 -4.95 1.28
N GLU A 42 5.80 -4.43 1.92
CA GLU A 42 4.67 -5.25 2.34
C GLU A 42 3.35 -4.56 2.01
N VAL A 43 2.54 -5.23 1.19
CA VAL A 43 1.24 -4.69 0.80
C VAL A 43 0.12 -5.32 1.60
N LYS A 44 -0.71 -4.47 2.22
CA LYS A 44 -1.83 -4.94 3.03
C LYS A 44 -3.14 -4.34 2.54
N TYR A 45 -4.01 -5.18 1.98
CA TYR A 45 -5.29 -4.73 1.47
C TYR A 45 -6.44 -5.47 2.15
N HIS A 46 -7.32 -4.71 2.79
CA HIS A 46 -8.47 -5.30 3.48
C HIS A 46 -9.76 -4.58 3.10
N GLU A 47 -10.87 -5.30 3.17
CA GLU A 47 -12.17 -4.73 2.84
C GLU A 47 -12.63 -3.74 3.92
N LYS A 48 -13.46 -2.79 3.51
CA LYS A 48 -13.98 -1.79 4.43
C LYS A 48 -15.16 -2.33 5.23
N GLY A 49 -15.07 -3.59 5.64
CA GLY A 49 -16.14 -4.20 6.40
C GLY A 49 -15.90 -5.68 6.65
N ALA A 50 -14.65 -6.05 6.87
CA ALA A 50 -14.28 -7.44 7.12
C ALA A 50 -14.79 -7.90 8.48
N GLU A 51 -14.58 -9.17 8.79
CA GLU A 51 -15.01 -9.73 10.07
C GLU A 51 -14.05 -9.34 11.19
N GLY A 52 -12.78 -9.68 11.01
CA GLY A 52 -11.79 -9.35 12.02
C GLY A 52 -10.42 -9.06 11.41
N PRO A 53 -9.37 -9.14 12.25
CA PRO A 53 -8.00 -8.88 11.80
C PRO A 53 -7.47 -9.97 10.89
N SER A 54 -7.99 -11.18 11.06
CA SER A 54 -7.57 -12.31 10.23
C SER A 54 -8.37 -12.37 8.94
N SER A 55 -8.75 -11.21 8.44
CA SER A 55 -9.52 -11.11 7.20
C SER A 55 -8.70 -10.46 6.10
N VAL A 56 -7.77 -9.58 6.49
CA VAL A 56 -6.93 -8.89 5.55
C VAL A 56 -5.87 -9.82 4.96
N ARG A 57 -5.42 -9.51 3.75
CA ARG A 57 -4.41 -10.32 3.08
C ARG A 57 -3.05 -9.61 3.09
N PHE A 58 -1.99 -10.38 2.85
CA PHE A 58 -0.64 -9.82 2.83
C PHE A 58 0.10 -10.25 1.57
N LEU A 59 0.75 -9.29 0.92
CA LEU A 59 1.51 -9.57 -0.30
C LEU A 59 2.95 -9.10 -0.16
N LYS A 60 3.87 -10.05 -0.21
CA LYS A 60 5.30 -9.74 -0.08
C LYS A 60 5.92 -9.52 -1.46
N THR A 61 6.49 -8.34 -1.67
CA THR A 61 7.11 -8.00 -2.94
C THR A 61 8.49 -7.37 -2.73
N SER A 62 9.38 -7.58 -3.68
CA SER A 62 10.73 -7.03 -3.60
C SER A 62 10.91 -5.87 -4.57
N GLU A 63 9.83 -5.14 -4.80
CA GLU A 63 9.87 -3.99 -5.71
C GLU A 63 8.93 -2.88 -5.23
N ASN A 64 8.93 -1.77 -5.96
CA ASN A 64 8.07 -0.64 -5.61
C ASN A 64 6.78 -0.67 -6.41
N ARG A 65 6.40 -1.85 -6.88
CA ARG A 65 5.18 -2.02 -7.66
C ARG A 65 4.61 -3.42 -7.49
N ALA A 66 3.30 -3.49 -7.25
CA ALA A 66 2.63 -4.77 -7.07
C ALA A 66 1.37 -4.86 -7.93
N GLU A 67 0.82 -6.06 -8.04
CA GLU A 67 -0.39 -6.27 -8.84
C GLU A 67 -1.37 -7.17 -8.10
N LEU A 68 -2.59 -6.68 -7.93
CA LEU A 68 -3.63 -7.45 -7.24
C LEU A 68 -4.71 -7.90 -8.21
N ARG A 69 -4.67 -9.18 -8.59
CA ARG A 69 -5.64 -9.73 -9.52
C ARG A 69 -6.74 -10.49 -8.77
N GLY A 70 -7.96 -10.38 -9.27
CA GLY A 70 -9.08 -11.06 -8.62
C GLY A 70 -9.65 -10.27 -7.46
N LEU A 71 -10.39 -9.22 -7.76
CA LEU A 71 -11.00 -8.39 -6.73
C LEU A 71 -12.45 -8.07 -7.06
N LYS A 72 -13.11 -7.31 -6.18
CA LYS A 72 -14.50 -6.92 -6.39
C LYS A 72 -14.64 -5.41 -6.46
N ARG A 73 -14.79 -4.89 -7.67
CA ARG A 73 -14.94 -3.46 -7.88
C ARG A 73 -16.04 -2.89 -6.99
N GLY A 74 -16.00 -1.59 -6.76
CA GLY A 74 -17.01 -0.95 -5.93
C GLY A 74 -16.69 -1.06 -4.46
N ALA A 75 -16.40 -2.28 -4.00
CA ALA A 75 -16.08 -2.52 -2.60
C ALA A 75 -14.88 -1.69 -2.17
N SER A 76 -15.09 -0.78 -1.22
CA SER A 76 -14.02 0.07 -0.71
C SER A 76 -12.86 -0.77 -0.18
N TYR A 77 -11.70 -0.62 -0.81
CA TYR A 77 -10.52 -1.36 -0.40
C TYR A 77 -9.41 -0.42 0.06
N LEU A 78 -9.01 -0.56 1.32
CA LEU A 78 -7.96 0.28 1.89
C LEU A 78 -6.61 -0.40 1.80
N VAL A 79 -5.82 -0.04 0.79
CA VAL A 79 -4.50 -0.62 0.60
C VAL A 79 -3.43 0.19 1.32
N GLN A 80 -2.52 -0.50 1.99
CA GLN A 80 -1.45 0.16 2.73
C GLN A 80 -0.10 -0.46 2.40
N VAL A 81 0.80 0.35 1.84
CA VAL A 81 2.13 -0.12 1.46
C VAL A 81 3.19 0.42 2.42
N ARG A 82 4.11 -0.44 2.83
CA ARG A 82 5.18 -0.05 3.74
C ARG A 82 6.53 -0.54 3.23
N ALA A 83 7.60 0.08 3.73
CA ALA A 83 8.95 -0.30 3.33
C ALA A 83 9.70 -0.98 4.47
N ARG A 84 10.58 -1.90 4.12
CA ARG A 84 11.36 -2.63 5.11
C ARG A 84 12.83 -2.70 4.72
N SER A 85 13.70 -2.24 5.61
CA SER A 85 15.13 -2.25 5.35
C SER A 85 15.85 -3.27 6.23
N GLU A 86 17.17 -3.33 6.11
CA GLU A 86 17.96 -4.26 6.89
C GLU A 86 17.48 -4.31 8.34
N ALA A 87 17.39 -3.14 8.96
CA ALA A 87 16.93 -3.05 10.34
C ALA A 87 15.63 -3.81 10.55
N GLY A 88 14.59 -3.40 9.83
CA GLY A 88 13.29 -4.06 9.95
C GLY A 88 12.20 -3.34 9.19
N TYR A 89 10.96 -3.80 9.36
CA TYR A 89 9.84 -3.19 8.68
C TYR A 89 9.48 -1.84 9.30
N GLY A 90 9.00 -0.92 8.48
CA GLY A 90 8.64 0.40 8.97
C GLY A 90 7.13 0.59 9.05
N PRO A 91 6.72 1.74 9.61
CA PRO A 91 5.30 2.08 9.76
C PRO A 91 4.62 2.35 8.42
N PHE A 92 3.31 2.09 8.36
CA PHE A 92 2.55 2.30 7.15
C PHE A 92 2.38 3.80 6.87
N GLY A 93 2.19 4.15 5.60
CA GLY A 93 2.02 5.54 5.23
C GLY A 93 0.56 5.93 5.14
N GLN A 94 0.30 7.23 5.02
CA GLN A 94 -1.06 7.73 4.92
C GLN A 94 -1.92 6.81 4.06
N GLU A 95 -2.94 6.21 4.67
CA GLU A 95 -3.83 5.30 3.96
C GLU A 95 -4.22 5.88 2.60
N HIS A 96 -4.49 4.98 1.65
CA HIS A 96 -4.87 5.40 0.30
C HIS A 96 -6.23 4.81 -0.09
N HIS A 97 -6.82 5.35 -1.15
CA HIS A 97 -8.11 4.88 -1.62
C HIS A 97 -8.04 4.46 -3.08
N SER A 98 -8.20 3.16 -3.33
CA SER A 98 -8.14 2.63 -4.68
C SER A 98 -9.49 2.74 -5.37
N GLN A 99 -9.57 3.58 -6.40
CA GLN A 99 -10.81 3.78 -7.13
C GLN A 99 -11.01 2.69 -8.17
N THR A 100 -12.22 2.17 -8.26
CA THR A 100 -12.55 1.11 -9.21
C THR A 100 -13.79 1.46 -10.02
N GLN A 101 -14.93 1.53 -9.35
CA GLN A 101 -16.19 1.84 -10.01
C GLN A 101 -16.92 2.96 -9.27
N LEU A 102 -16.26 4.11 -9.14
CA LEU A 102 -16.84 5.26 -8.46
C LEU A 102 -16.52 6.55 -9.19
N ASP A 103 -17.54 7.15 -9.80
CA ASP A 103 -17.36 8.39 -10.54
C ASP A 103 -17.38 9.60 -9.59
N SER A 104 -16.20 10.12 -9.29
CA SER A 104 -16.08 11.27 -8.40
C SER A 104 -14.88 12.12 -8.77
N GLY A 105 -14.96 13.41 -8.45
CA GLY A 105 -13.86 14.32 -8.76
C GLY A 105 -13.48 15.19 -7.57
N PRO A 106 -12.65 14.65 -6.68
CA PRO A 106 -12.20 15.37 -5.48
C PRO A 106 -11.24 16.50 -5.82
N SER A 107 -10.87 17.28 -4.80
CA SER A 107 -9.97 18.41 -4.99
C SER A 107 -9.40 18.88 -3.65
N SER A 108 -8.49 19.83 -3.71
CA SER A 108 -7.87 20.37 -2.51
C SER A 108 -7.04 21.61 -2.83
N GLY A 109 -6.63 22.34 -1.79
CA GLY A 109 -5.83 23.53 -1.98
C GLY A 109 -4.51 23.24 -2.67
N GLY A 1 13.79 14.38 17.24
CA GLY A 1 14.34 13.28 18.02
C GLY A 1 13.46 12.05 17.98
N SER A 2 13.86 11.06 17.20
CA SER A 2 13.09 9.82 17.06
C SER A 2 13.41 8.88 18.22
N SER A 3 12.37 8.22 18.73
CA SER A 3 12.52 7.29 19.84
C SER A 3 12.79 5.88 19.33
N GLY A 4 14.05 5.60 18.99
CA GLY A 4 14.42 4.29 18.48
C GLY A 4 14.32 4.20 16.98
N SER A 5 15.06 3.26 16.40
CA SER A 5 15.06 3.08 14.95
C SER A 5 14.21 1.88 14.56
N SER A 6 12.94 2.14 14.27
CA SER A 6 12.01 1.07 13.89
C SER A 6 12.33 0.56 12.48
N GLY A 7 12.51 1.48 11.55
CA GLY A 7 12.82 1.10 10.18
C GLY A 7 12.85 2.30 9.24
N PRO A 8 12.67 2.03 7.94
CA PRO A 8 12.67 3.07 6.91
C PRO A 8 11.46 3.99 7.00
N PRO A 9 11.49 5.10 6.26
CA PRO A 9 10.40 6.08 6.24
C PRO A 9 9.15 5.53 5.56
N ALA A 10 7.99 5.87 6.10
CA ALA A 10 6.72 5.42 5.55
C ALA A 10 6.64 5.71 4.05
N VAL A 11 6.14 4.74 3.29
CA VAL A 11 6.01 4.89 1.84
C VAL A 11 5.10 6.06 1.49
N SER A 12 5.59 6.95 0.64
CA SER A 12 4.83 8.12 0.23
C SER A 12 4.43 8.03 -1.25
N ASP A 13 3.69 9.01 -1.72
CA ASP A 13 3.25 9.03 -3.11
C ASP A 13 2.67 7.68 -3.53
N ILE A 14 1.69 7.21 -2.78
CA ILE A 14 1.06 5.92 -3.07
C ILE A 14 -0.18 6.11 -3.92
N ARG A 15 0.01 6.17 -5.23
CA ARG A 15 -1.10 6.34 -6.17
C ARG A 15 -1.36 5.06 -6.95
N VAL A 16 -2.58 4.89 -7.42
CA VAL A 16 -2.96 3.71 -8.19
C VAL A 16 -3.03 4.01 -9.67
N THR A 17 -2.27 3.26 -10.47
CA THR A 17 -2.24 3.46 -11.91
C THR A 17 -2.78 2.24 -12.63
N ARG A 18 -3.05 2.39 -13.94
CA ARG A 18 -3.57 1.29 -14.74
C ARG A 18 -4.71 0.58 -14.02
N SER A 19 -5.52 1.34 -13.30
CA SER A 19 -6.65 0.78 -12.57
C SER A 19 -7.33 -0.31 -13.37
N SER A 20 -7.70 -1.40 -12.70
CA SER A 20 -8.36 -2.52 -13.36
C SER A 20 -9.72 -2.81 -12.70
N PRO A 21 -10.64 -3.37 -13.49
CA PRO A 21 -11.98 -3.70 -13.01
C PRO A 21 -11.97 -4.87 -12.02
N SER A 22 -11.23 -5.92 -12.37
CA SER A 22 -11.15 -7.10 -11.51
C SER A 22 -9.80 -7.15 -10.80
N SER A 23 -9.17 -5.98 -10.64
CA SER A 23 -7.88 -5.90 -9.98
C SER A 23 -7.47 -4.44 -9.77
N LEU A 24 -6.43 -4.23 -8.97
CA LEU A 24 -5.95 -2.88 -8.68
C LEU A 24 -4.43 -2.87 -8.58
N SER A 25 -3.79 -2.14 -9.49
CA SER A 25 -2.34 -2.03 -9.51
C SER A 25 -1.86 -0.94 -8.56
N LEU A 26 -0.78 -1.22 -7.84
CA LEU A 26 -0.22 -0.27 -6.90
C LEU A 26 1.23 0.05 -7.24
N ALA A 27 1.71 1.20 -6.77
CA ALA A 27 3.09 1.63 -7.02
C ALA A 27 3.43 2.88 -6.24
N TRP A 28 4.49 2.81 -5.44
CA TRP A 28 4.92 3.94 -4.63
C TRP A 28 6.28 4.46 -5.11
N ALA A 29 6.67 5.63 -4.61
CA ALA A 29 7.94 6.23 -4.98
C ALA A 29 9.05 5.75 -4.05
N VAL A 30 10.19 5.39 -4.63
CA VAL A 30 11.34 4.93 -3.87
C VAL A 30 11.77 5.97 -2.84
N PRO A 31 11.52 5.67 -1.55
CA PRO A 31 11.87 6.56 -0.44
C PRO A 31 13.38 6.65 -0.24
N ARG A 32 13.80 7.54 0.65
CA ARG A 32 15.22 7.74 0.94
C ARG A 32 15.52 7.36 2.39
N ALA A 33 16.03 6.15 2.59
CA ALA A 33 16.37 5.67 3.92
C ALA A 33 17.78 6.10 4.31
N PRO A 34 17.96 6.42 5.60
CA PRO A 34 19.26 6.85 6.14
C PRO A 34 20.27 5.72 6.17
N SER A 35 19.86 4.56 6.69
CA SER A 35 20.74 3.41 6.79
C SER A 35 21.44 3.14 5.45
N GLY A 36 20.65 3.01 4.40
CA GLY A 36 21.21 2.76 3.07
C GLY A 36 20.14 2.72 1.99
N ALA A 37 19.61 1.52 1.75
CA ALA A 37 18.58 1.35 0.74
C ALA A 37 17.51 0.36 1.20
N VAL A 38 16.32 0.46 0.61
CA VAL A 38 15.22 -0.44 0.96
C VAL A 38 15.45 -1.84 0.41
N LEU A 39 15.21 -2.84 1.25
CA LEU A 39 15.38 -4.23 0.85
C LEU A 39 14.10 -4.79 0.24
N ASP A 40 13.08 -4.97 1.07
CA ASP A 40 11.80 -5.49 0.61
C ASP A 40 10.65 -4.60 1.07
N TYR A 41 9.44 -4.96 0.69
CA TYR A 41 8.26 -4.19 1.05
C TYR A 41 7.14 -5.10 1.57
N GLU A 42 6.10 -4.50 2.13
CA GLU A 42 4.98 -5.26 2.66
C GLU A 42 3.65 -4.56 2.35
N VAL A 43 2.85 -5.18 1.49
CA VAL A 43 1.56 -4.62 1.11
C VAL A 43 0.44 -5.22 1.95
N LYS A 44 -0.24 -4.37 2.71
CA LYS A 44 -1.34 -4.82 3.57
C LYS A 44 -2.65 -4.16 3.14
N TYR A 45 -3.63 -4.99 2.80
CA TYR A 45 -4.94 -4.48 2.37
C TYR A 45 -6.06 -5.29 3.00
N HIS A 46 -7.15 -4.61 3.36
CA HIS A 46 -8.30 -5.27 3.97
C HIS A 46 -9.58 -4.50 3.68
N GLU A 47 -10.61 -5.21 3.22
CA GLU A 47 -11.88 -4.59 2.90
C GLU A 47 -12.29 -3.59 3.98
N LYS A 48 -13.15 -2.64 3.60
CA LYS A 48 -13.61 -1.62 4.53
C LYS A 48 -14.85 -2.09 5.27
N GLY A 49 -14.96 -3.40 5.48
CA GLY A 49 -16.11 -3.95 6.18
C GLY A 49 -16.16 -5.46 6.11
N ALA A 50 -15.29 -6.12 6.87
CA ALA A 50 -15.23 -7.58 6.89
C ALA A 50 -14.98 -8.10 8.30
N GLU A 51 -15.97 -8.80 8.85
CA GLU A 51 -15.86 -9.35 10.19
C GLU A 51 -15.05 -10.65 10.19
N GLY A 52 -13.95 -10.65 10.93
CA GLY A 52 -13.10 -11.84 11.00
C GLY A 52 -11.69 -11.57 10.52
N PRO A 53 -10.74 -12.41 10.96
CA PRO A 53 -9.33 -12.28 10.59
C PRO A 53 -9.08 -12.60 9.12
N SER A 54 -10.10 -13.14 8.46
CA SER A 54 -9.99 -13.50 7.04
C SER A 54 -10.40 -12.33 6.15
N SER A 55 -9.85 -11.16 6.43
CA SER A 55 -10.16 -9.96 5.67
C SER A 55 -8.89 -9.23 5.24
N VAL A 56 -7.93 -9.13 6.17
CA VAL A 56 -6.67 -8.46 5.90
C VAL A 56 -5.64 -9.44 5.34
N ARG A 57 -5.15 -9.15 4.15
CA ARG A 57 -4.15 -10.00 3.51
C ARG A 57 -2.79 -9.33 3.48
N PHE A 58 -1.75 -10.12 3.23
CA PHE A 58 -0.38 -9.60 3.18
C PHE A 58 0.32 -10.05 1.90
N LEU A 59 0.93 -9.10 1.21
CA LEU A 59 1.65 -9.39 -0.02
C LEU A 59 3.07 -8.82 0.01
N LYS A 60 4.05 -9.70 -0.14
CA LYS A 60 5.45 -9.30 -0.13
C LYS A 60 6.01 -9.21 -1.55
N THR A 61 6.68 -8.10 -1.85
CA THR A 61 7.26 -7.90 -3.16
C THR A 61 8.52 -7.04 -3.08
N SER A 62 9.65 -7.61 -3.49
CA SER A 62 10.92 -6.88 -3.46
C SER A 62 10.84 -5.60 -4.29
N GLU A 63 9.87 -5.56 -5.20
CA GLU A 63 9.68 -4.39 -6.05
C GLU A 63 8.79 -3.36 -5.37
N ASN A 64 8.87 -2.11 -5.84
CA ASN A 64 8.07 -1.03 -5.28
C ASN A 64 6.71 -0.94 -5.97
N ARG A 65 6.24 -2.08 -6.49
CA ARG A 65 4.96 -2.13 -7.17
C ARG A 65 4.34 -3.52 -7.07
N ALA A 66 3.01 -3.58 -7.07
CA ALA A 66 2.31 -4.85 -6.97
C ALA A 66 0.97 -4.78 -7.71
N GLU A 67 0.35 -5.94 -7.88
CA GLU A 67 -0.93 -6.01 -8.58
C GLU A 67 -1.86 -7.02 -7.91
N LEU A 68 -2.98 -6.53 -7.38
CA LEU A 68 -3.95 -7.40 -6.71
C LEU A 68 -4.93 -8.00 -7.70
N ARG A 69 -5.21 -9.29 -7.55
CA ARG A 69 -6.13 -9.99 -8.43
C ARG A 69 -7.38 -10.43 -7.68
N GLY A 70 -8.45 -10.72 -8.43
CA GLY A 70 -9.69 -11.15 -7.80
C GLY A 70 -10.18 -10.18 -6.74
N LEU A 71 -10.84 -9.12 -7.18
CA LEU A 71 -11.36 -8.11 -6.27
C LEU A 71 -12.76 -7.66 -6.67
N LYS A 72 -13.35 -6.77 -5.89
CA LYS A 72 -14.69 -6.25 -6.18
C LYS A 72 -14.60 -4.88 -6.82
N ARG A 73 -15.24 -4.73 -7.98
CA ARG A 73 -15.25 -3.45 -8.68
C ARG A 73 -16.30 -2.51 -8.11
N GLY A 74 -16.79 -2.84 -6.92
CA GLY A 74 -17.79 -2.01 -6.28
C GLY A 74 -17.71 -2.07 -4.76
N ALA A 75 -16.53 -1.80 -4.22
CA ALA A 75 -16.33 -1.83 -2.78
C ALA A 75 -15.06 -1.06 -2.39
N SER A 76 -15.00 -0.64 -1.13
CA SER A 76 -13.85 0.11 -0.64
C SER A 76 -12.73 -0.83 -0.19
N TYR A 77 -11.50 -0.43 -0.45
CA TYR A 77 -10.34 -1.25 -0.07
C TYR A 77 -9.19 -0.37 0.42
N LEU A 78 -8.88 -0.51 1.70
CA LEU A 78 -7.80 0.26 2.31
C LEU A 78 -6.44 -0.39 2.06
N VAL A 79 -5.62 0.24 1.22
CA VAL A 79 -4.30 -0.29 0.91
C VAL A 79 -3.21 0.48 1.65
N GLN A 80 -2.26 -0.25 2.21
CA GLN A 80 -1.16 0.37 2.94
C GLN A 80 0.17 -0.28 2.57
N VAL A 81 1.08 0.51 2.01
CA VAL A 81 2.39 0.02 1.61
C VAL A 81 3.47 0.52 2.55
N ARG A 82 4.36 -0.38 2.97
CA ARG A 82 5.46 -0.03 3.87
C ARG A 82 6.80 -0.41 3.27
N ALA A 83 7.88 0.05 3.90
CA ALA A 83 9.23 -0.25 3.44
C ALA A 83 10.05 -0.94 4.52
N ARG A 84 11.06 -1.69 4.11
CA ARG A 84 11.92 -2.40 5.05
C ARG A 84 13.38 -2.20 4.70
N SER A 85 14.16 -1.74 5.68
CA SER A 85 15.59 -1.51 5.48
C SER A 85 16.42 -2.30 6.47
N GLU A 86 17.74 -2.23 6.33
CA GLU A 86 18.65 -2.95 7.22
C GLU A 86 18.23 -2.79 8.67
N ALA A 87 17.85 -1.57 9.04
CA ALA A 87 17.42 -1.29 10.41
C ALA A 87 16.26 -2.19 10.81
N GLY A 88 15.15 -2.09 10.09
CA GLY A 88 13.99 -2.90 10.40
C GLY A 88 12.77 -2.53 9.56
N TYR A 89 11.60 -2.55 10.17
CA TYR A 89 10.37 -2.23 9.47
C TYR A 89 9.83 -0.87 9.92
N GLY A 90 9.31 -0.10 8.97
CA GLY A 90 8.76 1.20 9.28
C GLY A 90 7.25 1.23 9.26
N PRO A 91 6.67 2.38 9.64
CA PRO A 91 5.22 2.56 9.67
C PRO A 91 4.61 2.60 8.27
N PHE A 92 3.39 2.07 8.14
CA PHE A 92 2.71 2.05 6.85
C PHE A 92 2.56 3.46 6.29
N GLY A 93 2.64 3.57 4.97
CA GLY A 93 2.51 4.87 4.33
C GLY A 93 1.13 5.46 4.49
N GLN A 94 0.96 6.69 3.99
CA GLN A 94 -0.34 7.37 4.08
C GLN A 94 -1.45 6.51 3.48
N GLU A 95 -2.39 6.10 4.33
CA GLU A 95 -3.51 5.27 3.88
C GLU A 95 -4.10 5.82 2.59
N HIS A 96 -4.35 4.93 1.64
CA HIS A 96 -4.94 5.32 0.36
C HIS A 96 -6.29 4.66 0.14
N HIS A 97 -7.13 5.29 -0.67
CA HIS A 97 -8.46 4.76 -0.96
C HIS A 97 -8.64 4.54 -2.46
N SER A 98 -8.50 3.29 -2.89
CA SER A 98 -8.65 2.93 -4.30
C SER A 98 -10.12 2.88 -4.69
N GLN A 99 -10.45 3.51 -5.82
CA GLN A 99 -11.83 3.53 -6.30
C GLN A 99 -11.96 2.70 -7.58
N THR A 100 -12.95 1.81 -7.59
CA THR A 100 -13.19 0.95 -8.74
C THR A 100 -14.34 1.48 -9.60
N GLN A 101 -14.01 1.88 -10.83
CA GLN A 101 -15.03 2.40 -11.74
C GLN A 101 -16.15 1.39 -11.96
N LEU A 102 -17.37 1.81 -11.68
CA LEU A 102 -18.54 0.95 -11.85
C LEU A 102 -19.07 1.02 -13.28
N ASP A 103 -18.16 1.03 -14.24
CA ASP A 103 -18.55 1.09 -15.65
C ASP A 103 -17.40 0.61 -16.54
N SER A 104 -17.70 0.39 -17.82
CA SER A 104 -16.71 -0.07 -18.78
C SER A 104 -16.46 0.98 -19.84
N GLY A 105 -15.24 1.51 -19.87
CA GLY A 105 -14.88 2.52 -20.86
C GLY A 105 -13.67 3.33 -20.45
N PRO A 106 -13.30 4.30 -21.28
CA PRO A 106 -12.14 5.17 -21.03
C PRO A 106 -12.38 6.12 -19.87
N SER A 107 -11.30 6.58 -19.24
CA SER A 107 -11.40 7.49 -18.11
C SER A 107 -10.88 8.89 -18.50
N SER A 108 -11.38 9.91 -17.80
CA SER A 108 -10.98 11.27 -18.06
C SER A 108 -10.80 12.05 -16.77
N GLY A 109 -9.83 12.95 -16.75
CA GLY A 109 -9.58 13.75 -15.56
C GLY A 109 -9.67 12.94 -14.29
N GLY A 1 14.21 13.84 23.97
CA GLY A 1 12.96 13.68 23.25
C GLY A 1 12.73 12.25 22.79
N SER A 2 11.65 11.64 23.25
CA SER A 2 11.33 10.28 22.88
C SER A 2 11.34 10.10 21.36
N SER A 3 12.47 9.67 20.82
CA SER A 3 12.61 9.48 19.38
C SER A 3 13.22 8.11 19.08
N GLY A 4 13.11 7.68 17.83
CA GLY A 4 13.66 6.40 17.43
C GLY A 4 13.02 5.87 16.16
N SER A 5 13.49 6.35 15.02
CA SER A 5 12.96 5.92 13.74
C SER A 5 13.31 4.46 13.45
N SER A 6 12.29 3.60 13.50
CA SER A 6 12.49 2.17 13.26
C SER A 6 12.27 1.83 11.79
N GLY A 7 13.33 1.36 11.13
CA GLY A 7 13.22 1.01 9.74
C GLY A 7 13.05 2.21 8.83
N PRO A 8 12.71 1.98 7.56
CA PRO A 8 12.52 3.04 6.58
C PRO A 8 11.25 3.85 6.86
N PRO A 9 11.14 5.01 6.18
CA PRO A 9 9.99 5.90 6.34
C PRO A 9 8.71 5.32 5.75
N ALA A 10 7.58 5.73 6.29
CA ALA A 10 6.28 5.24 5.81
C ALA A 10 6.11 5.54 4.32
N VAL A 11 5.87 4.49 3.54
CA VAL A 11 5.68 4.63 2.11
C VAL A 11 4.86 5.86 1.78
N SER A 12 5.18 6.51 0.66
CA SER A 12 4.47 7.71 0.23
C SER A 12 4.16 7.65 -1.25
N ASP A 13 3.47 8.68 -1.75
CA ASP A 13 3.11 8.75 -3.16
C ASP A 13 2.57 7.42 -3.64
N ILE A 14 1.58 6.89 -2.92
CA ILE A 14 0.97 5.61 -3.28
C ILE A 14 -0.35 5.81 -4.00
N ARG A 15 -0.30 5.94 -5.32
CA ARG A 15 -1.50 6.13 -6.12
C ARG A 15 -1.86 4.86 -6.89
N VAL A 16 -3.10 4.80 -7.36
CA VAL A 16 -3.57 3.64 -8.11
C VAL A 16 -3.62 3.94 -9.61
N THR A 17 -2.54 3.62 -10.32
CA THR A 17 -2.47 3.86 -11.75
C THR A 17 -2.71 2.56 -12.52
N ARG A 18 -3.20 2.71 -13.76
CA ARG A 18 -3.47 1.56 -14.60
C ARG A 18 -4.66 0.76 -14.08
N SER A 19 -5.76 1.46 -13.80
CA SER A 19 -6.96 0.81 -13.29
C SER A 19 -7.35 -0.39 -14.15
N SER A 20 -8.05 -1.34 -13.53
CA SER A 20 -8.47 -2.55 -14.23
C SER A 20 -9.58 -3.26 -13.46
N PRO A 21 -10.44 -3.98 -14.20
CA PRO A 21 -11.55 -4.73 -13.61
C PRO A 21 -11.09 -5.93 -12.79
N SER A 22 -11.57 -6.03 -11.56
CA SER A 22 -11.18 -7.14 -10.68
C SER A 22 -9.67 -7.18 -10.48
N SER A 23 -9.03 -6.01 -10.56
CA SER A 23 -7.59 -5.92 -10.40
C SER A 23 -7.17 -4.48 -10.17
N LEU A 24 -6.18 -4.28 -9.30
CA LEU A 24 -5.68 -2.96 -8.99
C LEU A 24 -4.16 -2.95 -8.93
N SER A 25 -3.54 -2.11 -9.75
CA SER A 25 -2.09 -2.00 -9.79
C SER A 25 -1.59 -0.87 -8.90
N LEU A 26 -0.67 -1.19 -8.01
CA LEU A 26 -0.12 -0.21 -7.08
C LEU A 26 1.34 0.08 -7.41
N ALA A 27 1.80 1.26 -7.03
CA ALA A 27 3.18 1.67 -7.28
C ALA A 27 3.52 2.96 -6.55
N TRP A 28 4.57 2.92 -5.73
CA TRP A 28 5.00 4.09 -4.97
C TRP A 28 6.38 4.56 -5.43
N ALA A 29 6.77 5.74 -4.96
CA ALA A 29 8.07 6.30 -5.33
C ALA A 29 9.14 5.91 -4.31
N VAL A 30 10.24 5.37 -4.81
CA VAL A 30 11.34 4.95 -3.95
C VAL A 30 11.71 6.04 -2.95
N PRO A 31 11.33 5.86 -1.68
CA PRO A 31 11.62 6.83 -0.62
C PRO A 31 13.11 6.88 -0.27
N ARG A 32 13.45 7.75 0.68
CA ARG A 32 14.84 7.90 1.10
C ARG A 32 14.97 7.67 2.60
N ALA A 33 15.93 6.83 2.98
CA ALA A 33 16.17 6.53 4.39
C ALA A 33 17.59 6.91 4.80
N PRO A 34 17.74 7.38 6.05
CA PRO A 34 19.04 7.79 6.59
C PRO A 34 19.96 6.61 6.83
N SER A 35 19.39 5.39 6.83
CA SER A 35 20.16 4.18 7.05
C SER A 35 20.08 3.26 5.83
N GLY A 36 21.25 2.90 5.30
CA GLY A 36 21.29 2.01 4.15
C GLY A 36 20.20 2.34 3.14
N ALA A 37 19.49 1.32 2.69
CA ALA A 37 18.42 1.51 1.72
C ALA A 37 17.40 0.37 1.81
N VAL A 38 16.16 0.67 1.42
CA VAL A 38 15.10 -0.33 1.45
C VAL A 38 15.44 -1.54 0.60
N LEU A 39 15.00 -2.72 1.03
CA LEU A 39 15.27 -3.95 0.32
C LEU A 39 13.99 -4.54 -0.26
N ASP A 40 13.02 -4.81 0.61
CA ASP A 40 11.75 -5.37 0.20
C ASP A 40 10.58 -4.51 0.70
N TYR A 41 9.36 -4.93 0.36
CA TYR A 41 8.17 -4.19 0.77
C TYR A 41 7.03 -5.15 1.10
N GLU A 42 5.96 -4.60 1.65
CA GLU A 42 4.79 -5.41 2.03
C GLU A 42 3.49 -4.67 1.70
N VAL A 43 2.52 -5.42 1.20
CA VAL A 43 1.22 -4.84 0.85
C VAL A 43 0.11 -5.44 1.68
N LYS A 44 -0.77 -4.59 2.18
CA LYS A 44 -1.90 -5.02 3.01
C LYS A 44 -3.19 -4.36 2.57
N TYR A 45 -4.10 -5.16 2.00
CA TYR A 45 -5.38 -4.64 1.54
C TYR A 45 -6.54 -5.42 2.17
N HIS A 46 -7.57 -4.69 2.58
CA HIS A 46 -8.74 -5.30 3.20
C HIS A 46 -9.96 -4.39 3.07
N GLU A 47 -11.07 -4.98 2.61
CA GLU A 47 -12.31 -4.22 2.44
C GLU A 47 -12.60 -3.37 3.66
N LYS A 48 -12.96 -2.11 3.43
CA LYS A 48 -13.28 -1.18 4.51
C LYS A 48 -14.12 -1.88 5.59
N GLY A 49 -15.36 -2.20 5.24
CA GLY A 49 -16.24 -2.87 6.18
C GLY A 49 -15.88 -4.33 6.40
N ALA A 50 -14.85 -4.56 7.20
CA ALA A 50 -14.39 -5.92 7.48
C ALA A 50 -13.76 -6.01 8.87
N GLU A 51 -13.75 -7.21 9.44
CA GLU A 51 -13.17 -7.42 10.75
C GLU A 51 -12.61 -8.83 10.88
N GLY A 52 -11.39 -8.94 11.40
CA GLY A 52 -10.75 -10.25 11.56
C GLY A 52 -9.36 -10.29 10.98
N PRO A 53 -8.53 -11.21 11.49
CA PRO A 53 -7.15 -11.38 11.03
C PRO A 53 -7.07 -11.95 9.61
N SER A 54 -8.07 -12.75 9.26
CA SER A 54 -8.11 -13.37 7.94
C SER A 54 -8.70 -12.41 6.90
N SER A 55 -9.62 -11.55 7.35
CA SER A 55 -10.26 -10.59 6.47
C SER A 55 -9.22 -9.83 5.65
N VAL A 56 -8.11 -9.49 6.28
CA VAL A 56 -7.04 -8.77 5.61
C VAL A 56 -6.06 -9.72 4.95
N ARG A 57 -5.51 -9.32 3.81
CA ARG A 57 -4.55 -10.16 3.09
C ARG A 57 -3.17 -9.49 3.06
N PHE A 58 -2.16 -10.27 2.69
CA PHE A 58 -0.79 -9.76 2.63
C PHE A 58 -0.10 -10.21 1.33
N LEU A 59 0.72 -9.34 0.78
CA LEU A 59 1.44 -9.66 -0.46
C LEU A 59 2.89 -9.19 -0.38
N LYS A 60 3.82 -10.14 -0.42
CA LYS A 60 5.23 -9.83 -0.36
C LYS A 60 5.81 -9.56 -1.75
N THR A 61 6.49 -8.44 -1.90
CA THR A 61 7.09 -8.07 -3.18
C THR A 61 8.40 -7.32 -2.98
N SER A 62 9.44 -7.73 -3.70
CA SER A 62 10.74 -7.10 -3.60
C SER A 62 10.85 -5.92 -4.56
N GLU A 63 9.81 -5.10 -4.59
CA GLU A 63 9.79 -3.94 -5.48
C GLU A 63 8.72 -2.94 -5.03
N ASN A 64 8.83 -1.70 -5.51
CA ASN A 64 7.88 -0.65 -5.16
C ASN A 64 6.65 -0.72 -6.07
N ARG A 65 6.36 -1.91 -6.57
CA ARG A 65 5.21 -2.10 -7.46
C ARG A 65 4.57 -3.45 -7.22
N ALA A 66 3.25 -3.49 -7.21
CA ALA A 66 2.50 -4.73 -7.01
C ALA A 66 1.17 -4.71 -7.74
N GLU A 67 0.63 -5.89 -8.02
CA GLU A 67 -0.64 -6.00 -8.72
C GLU A 67 -1.59 -6.94 -7.97
N LEU A 68 -2.74 -6.40 -7.58
CA LEU A 68 -3.74 -7.18 -6.85
C LEU A 68 -4.78 -7.76 -7.81
N ARG A 69 -5.18 -9.00 -7.56
CA ARG A 69 -6.17 -9.67 -8.39
C ARG A 69 -7.35 -10.15 -7.56
N GLY A 70 -8.48 -10.38 -8.22
CA GLY A 70 -9.67 -10.85 -7.52
C GLY A 70 -10.13 -9.87 -6.45
N LEU A 71 -10.84 -8.83 -6.87
CA LEU A 71 -11.33 -7.82 -5.95
C LEU A 71 -12.68 -7.27 -6.42
N LYS A 72 -13.53 -6.87 -5.47
CA LYS A 72 -14.84 -6.33 -5.80
C LYS A 72 -14.71 -4.91 -6.36
N ARG A 73 -14.84 -4.80 -7.67
CA ARG A 73 -14.75 -3.50 -8.34
C ARG A 73 -15.84 -2.57 -7.86
N GLY A 74 -16.82 -3.11 -7.15
CA GLY A 74 -17.91 -2.30 -6.64
C GLY A 74 -17.95 -2.26 -5.13
N ALA A 75 -16.82 -1.93 -4.52
CA ALA A 75 -16.72 -1.85 -3.07
C ALA A 75 -15.53 -0.98 -2.64
N SER A 76 -15.34 -0.85 -1.33
CA SER A 76 -14.25 -0.07 -0.79
C SER A 76 -13.07 -0.94 -0.41
N TYR A 77 -11.86 -0.46 -0.67
CA TYR A 77 -10.64 -1.20 -0.36
C TYR A 77 -9.52 -0.26 0.08
N LEU A 78 -9.10 -0.40 1.33
CA LEU A 78 -8.03 0.42 1.87
C LEU A 78 -6.70 -0.32 1.87
N VAL A 79 -5.88 -0.06 0.85
CA VAL A 79 -4.58 -0.71 0.73
C VAL A 79 -3.51 0.08 1.48
N GLN A 80 -2.58 -0.65 2.10
CA GLN A 80 -1.50 -0.02 2.86
C GLN A 80 -0.16 -0.65 2.51
N VAL A 81 0.75 0.16 1.95
CA VAL A 81 2.07 -0.32 1.58
C VAL A 81 3.14 0.20 2.54
N ARG A 82 4.04 -0.69 2.95
CA ARG A 82 5.11 -0.32 3.87
C ARG A 82 6.47 -0.72 3.30
N ALA A 83 7.53 -0.14 3.85
CA ALA A 83 8.88 -0.44 3.41
C ALA A 83 9.67 -1.17 4.49
N ARG A 84 10.72 -1.87 4.08
CA ARG A 84 11.56 -2.62 5.02
C ARG A 84 13.03 -2.43 4.70
N SER A 85 13.81 -2.07 5.72
CA SER A 85 15.24 -1.86 5.55
C SER A 85 16.04 -2.65 6.59
N GLU A 86 17.34 -2.76 6.36
CA GLU A 86 18.22 -3.48 7.27
C GLU A 86 17.79 -3.28 8.71
N ALA A 87 17.49 -2.04 9.08
CA ALA A 87 17.06 -1.72 10.43
C ALA A 87 15.88 -2.58 10.86
N GLY A 88 14.75 -2.41 10.18
CA GLY A 88 13.57 -3.19 10.51
C GLY A 88 12.34 -2.70 9.79
N TYR A 89 11.20 -3.35 10.07
CA TYR A 89 9.94 -2.98 9.43
C TYR A 89 9.48 -1.60 9.90
N GLY A 90 9.08 -0.76 8.95
CA GLY A 90 8.62 0.58 9.28
C GLY A 90 7.11 0.67 9.34
N PRO A 91 6.60 1.83 9.78
CA PRO A 91 5.16 2.06 9.91
C PRO A 91 4.47 2.18 8.55
N PHE A 92 3.41 1.41 8.36
CA PHE A 92 2.67 1.42 7.11
C PHE A 92 2.49 2.85 6.60
N GLY A 93 2.78 3.06 5.32
CA GLY A 93 2.63 4.38 4.73
C GLY A 93 1.25 4.97 4.95
N GLN A 94 1.00 6.12 4.35
CA GLN A 94 -0.29 6.79 4.50
C GLN A 94 -1.40 5.97 3.86
N GLU A 95 -2.40 5.61 4.66
CA GLU A 95 -3.52 4.81 4.17
C GLU A 95 -4.08 5.41 2.89
N HIS A 96 -4.49 4.54 1.97
CA HIS A 96 -5.06 4.98 0.70
C HIS A 96 -6.36 4.25 0.41
N HIS A 97 -7.26 4.92 -0.32
CA HIS A 97 -8.55 4.33 -0.66
C HIS A 97 -8.64 4.07 -2.16
N SER A 98 -8.45 2.82 -2.55
CA SER A 98 -8.51 2.44 -3.96
C SER A 98 -9.82 2.90 -4.59
N GLN A 99 -9.73 3.85 -5.52
CA GLN A 99 -10.91 4.37 -6.20
C GLN A 99 -11.24 3.53 -7.42
N THR A 100 -11.84 2.37 -7.19
CA THR A 100 -12.22 1.48 -8.29
C THR A 100 -13.20 2.15 -9.24
N GLN A 101 -13.30 1.61 -10.45
CA GLN A 101 -14.20 2.17 -11.46
C GLN A 101 -15.61 2.33 -10.90
N LEU A 102 -15.93 3.52 -10.43
CA LEU A 102 -17.24 3.81 -9.87
C LEU A 102 -17.58 5.29 -10.00
N ASP A 103 -18.73 5.57 -10.60
CA ASP A 103 -19.17 6.95 -10.79
C ASP A 103 -20.18 7.35 -9.71
N SER A 104 -19.87 8.42 -8.98
CA SER A 104 -20.74 8.90 -7.92
C SER A 104 -21.90 9.72 -8.49
N GLY A 105 -21.55 10.72 -9.30
CA GLY A 105 -22.56 11.57 -9.90
C GLY A 105 -21.97 12.80 -10.56
N PRO A 106 -22.84 13.72 -11.01
CA PRO A 106 -22.43 14.95 -11.67
C PRO A 106 -21.75 15.92 -10.71
N SER A 107 -20.45 15.74 -10.49
CA SER A 107 -19.70 16.60 -9.58
C SER A 107 -18.57 17.29 -10.32
N SER A 108 -17.94 18.26 -9.66
CA SER A 108 -16.84 19.01 -10.26
C SER A 108 -15.57 18.86 -9.42
N GLY A 109 -15.71 19.00 -8.10
CA GLY A 109 -14.56 18.88 -7.23
C GLY A 109 -13.66 17.72 -7.61
N GLY A 1 13.64 13.89 21.20
CA GLY A 1 13.50 12.74 22.07
C GLY A 1 12.46 11.75 21.56
N SER A 2 12.92 10.74 20.83
CA SER A 2 12.01 9.73 20.29
C SER A 2 12.08 8.44 21.11
N SER A 3 11.03 7.64 21.02
CA SER A 3 10.96 6.38 21.76
C SER A 3 11.65 5.26 20.99
N GLY A 4 11.22 5.05 19.75
CA GLY A 4 11.81 4.01 18.93
C GLY A 4 12.39 4.55 17.63
N SER A 5 11.56 5.24 16.86
CA SER A 5 12.01 5.81 15.59
C SER A 5 12.85 4.81 14.81
N SER A 6 12.40 3.56 14.78
CA SER A 6 13.12 2.50 14.08
C SER A 6 12.40 2.13 12.78
N GLY A 7 13.14 1.52 11.86
CA GLY A 7 12.57 1.12 10.59
C GLY A 7 12.59 2.24 9.56
N PRO A 8 12.30 1.90 8.30
CA PRO A 8 12.29 2.87 7.20
C PRO A 8 11.11 3.84 7.31
N PRO A 9 11.14 4.89 6.47
CA PRO A 9 10.10 5.92 6.45
C PRO A 9 8.79 5.40 5.88
N ALA A 10 7.67 5.92 6.39
CA ALA A 10 6.36 5.50 5.92
C ALA A 10 6.17 5.82 4.45
N VAL A 11 5.91 4.79 3.65
CA VAL A 11 5.70 4.96 2.22
C VAL A 11 4.69 6.07 1.94
N SER A 12 5.12 7.08 1.18
CA SER A 12 4.24 8.20 0.84
C SER A 12 3.94 8.21 -0.66
N ASP A 13 3.12 9.17 -1.07
CA ASP A 13 2.75 9.30 -2.48
C ASP A 13 2.32 7.96 -3.06
N ILE A 14 1.36 7.32 -2.41
CA ILE A 14 0.86 6.02 -2.86
C ILE A 14 -0.45 6.17 -3.62
N ARG A 15 -0.35 6.22 -4.95
CA ARG A 15 -1.54 6.37 -5.79
C ARG A 15 -1.76 5.11 -6.63
N VAL A 16 -2.96 4.98 -7.20
CA VAL A 16 -3.29 3.82 -8.02
C VAL A 16 -3.38 4.22 -9.49
N THR A 17 -2.47 3.68 -10.30
CA THR A 17 -2.45 3.97 -11.73
C THR A 17 -2.71 2.71 -12.54
N ARG A 18 -3.02 2.89 -13.82
CA ARG A 18 -3.29 1.77 -14.71
C ARG A 18 -4.38 0.86 -14.14
N SER A 19 -5.49 1.47 -13.75
CA SER A 19 -6.61 0.72 -13.18
C SER A 19 -7.01 -0.44 -14.09
N SER A 20 -7.88 -1.30 -13.58
CA SER A 20 -8.34 -2.45 -14.35
C SER A 20 -9.45 -3.19 -13.60
N PRO A 21 -10.27 -3.94 -14.35
CA PRO A 21 -11.38 -4.72 -13.79
C PRO A 21 -10.90 -5.90 -12.96
N SER A 22 -11.35 -5.96 -11.71
CA SER A 22 -10.96 -7.05 -10.82
C SER A 22 -9.45 -7.05 -10.60
N SER A 23 -8.83 -5.89 -10.73
CA SER A 23 -7.39 -5.76 -10.56
C SER A 23 -6.98 -4.29 -10.46
N LEU A 24 -6.03 -4.00 -9.57
CA LEU A 24 -5.55 -2.64 -9.38
C LEU A 24 -4.04 -2.62 -9.23
N SER A 25 -3.36 -1.89 -10.12
CA SER A 25 -1.91 -1.78 -10.08
C SER A 25 -1.47 -0.67 -9.14
N LEU A 26 -0.70 -1.04 -8.12
CA LEU A 26 -0.21 -0.07 -7.14
C LEU A 26 1.25 0.29 -7.42
N ALA A 27 1.65 1.48 -7.00
CA ALA A 27 3.02 1.95 -7.19
C ALA A 27 3.31 3.17 -6.33
N TRP A 28 4.36 3.08 -5.52
CA TRP A 28 4.75 4.17 -4.65
C TRP A 28 6.10 4.75 -5.07
N ALA A 29 6.45 5.90 -4.50
CA ALA A 29 7.72 6.56 -4.81
C ALA A 29 8.82 6.10 -3.86
N VAL A 30 9.80 5.39 -4.41
CA VAL A 30 10.92 4.90 -3.62
C VAL A 30 11.40 5.95 -2.63
N PRO A 31 11.14 5.72 -1.33
CA PRO A 31 11.54 6.64 -0.26
C PRO A 31 13.06 6.66 -0.05
N ARG A 32 13.56 7.77 0.48
CA ARG A 32 14.99 7.91 0.73
C ARG A 32 15.33 7.52 2.16
N ALA A 33 15.97 6.36 2.31
CA ALA A 33 16.35 5.86 3.63
C ALA A 33 17.83 6.13 3.91
N PRO A 34 18.14 6.52 5.16
CA PRO A 34 19.51 6.81 5.58
C PRO A 34 20.38 5.56 5.64
N SER A 35 19.74 4.40 5.63
CA SER A 35 20.46 3.13 5.68
C SER A 35 20.37 2.40 4.36
N GLY A 36 21.50 2.35 3.64
CA GLY A 36 21.54 1.68 2.35
C GLY A 36 20.27 1.89 1.55
N ALA A 37 19.66 0.80 1.08
CA ALA A 37 18.44 0.88 0.30
C ALA A 37 17.30 0.12 0.98
N VAL A 38 16.07 0.50 0.67
CA VAL A 38 14.89 -0.14 1.24
C VAL A 38 14.73 -1.56 0.72
N LEU A 39 14.38 -2.48 1.61
CA LEU A 39 14.18 -3.87 1.24
C LEU A 39 12.77 -4.10 0.69
N ASP A 40 12.44 -5.35 0.41
CA ASP A 40 11.14 -5.71 -0.11
C ASP A 40 10.03 -4.97 0.64
N TYR A 41 8.90 -4.78 -0.01
CA TYR A 41 7.77 -4.08 0.59
C TYR A 41 6.61 -5.03 0.85
N GLU A 42 5.62 -4.57 1.61
CA GLU A 42 4.45 -5.38 1.92
C GLU A 42 3.16 -4.58 1.75
N VAL A 43 2.26 -5.08 0.92
CA VAL A 43 0.99 -4.41 0.67
C VAL A 43 -0.14 -5.09 1.42
N LYS A 44 -0.80 -4.36 2.31
CA LYS A 44 -1.91 -4.89 3.08
C LYS A 44 -3.23 -4.28 2.64
N TYR A 45 -4.12 -5.12 2.10
CA TYR A 45 -5.43 -4.65 1.64
C TYR A 45 -6.55 -5.49 2.25
N HIS A 46 -7.56 -4.81 2.78
CA HIS A 46 -8.69 -5.49 3.40
C HIS A 46 -9.99 -4.75 3.09
N GLU A 47 -11.06 -5.52 2.86
CA GLU A 47 -12.37 -4.94 2.56
C GLU A 47 -12.77 -3.92 3.62
N LYS A 48 -13.32 -2.79 3.19
CA LYS A 48 -13.75 -1.74 4.09
C LYS A 48 -14.65 -2.31 5.19
N GLY A 49 -15.55 -3.21 4.80
CA GLY A 49 -16.46 -3.82 5.76
C GLY A 49 -15.99 -5.18 6.23
N ALA A 50 -14.89 -5.19 6.97
CA ALA A 50 -14.33 -6.44 7.48
C ALA A 50 -13.14 -6.18 8.41
N GLU A 51 -13.04 -6.97 9.47
CA GLU A 51 -11.95 -6.83 10.43
C GLU A 51 -11.42 -8.19 10.87
N GLY A 52 -10.23 -8.19 11.47
CA GLY A 52 -9.64 -9.43 11.93
C GLY A 52 -8.20 -9.58 11.47
N PRO A 53 -7.42 -10.39 12.21
CA PRO A 53 -6.01 -10.65 11.89
C PRO A 53 -5.83 -11.45 10.61
N SER A 54 -6.86 -12.21 10.25
CA SER A 54 -6.81 -13.03 9.05
C SER A 54 -7.63 -12.40 7.92
N SER A 55 -8.74 -11.77 8.29
CA SER A 55 -9.62 -11.14 7.31
C SER A 55 -8.80 -10.40 6.25
N VAL A 56 -7.89 -9.55 6.71
CA VAL A 56 -7.04 -8.77 5.80
C VAL A 56 -6.00 -9.66 5.13
N ARG A 57 -5.67 -9.35 3.89
CA ARG A 57 -4.70 -10.12 3.13
C ARG A 57 -3.31 -9.48 3.23
N PHE A 58 -2.30 -10.19 2.71
CA PHE A 58 -0.94 -9.69 2.75
C PHE A 58 -0.20 -10.04 1.46
N LEU A 59 0.46 -9.05 0.86
CA LEU A 59 1.21 -9.26 -0.37
C LEU A 59 2.64 -8.76 -0.24
N LYS A 60 3.59 -9.56 -0.72
CA LYS A 60 5.00 -9.19 -0.65
C LYS A 60 5.58 -9.04 -2.05
N THR A 61 6.35 -7.97 -2.26
CA THR A 61 6.96 -7.70 -3.54
C THR A 61 8.31 -7.00 -3.37
N SER A 62 9.35 -7.60 -3.92
CA SER A 62 10.70 -7.04 -3.83
C SER A 62 10.76 -5.66 -4.49
N GLU A 63 9.91 -5.45 -5.48
CA GLU A 63 9.86 -4.19 -6.19
C GLU A 63 8.95 -3.18 -5.47
N ASN A 64 8.96 -1.95 -5.94
CA ASN A 64 8.14 -0.89 -5.35
C ASN A 64 6.76 -0.83 -6.02
N ARG A 65 6.39 -1.91 -6.69
CA ARG A 65 5.10 -1.97 -7.38
C ARG A 65 4.52 -3.37 -7.32
N ALA A 66 3.19 -3.45 -7.28
CA ALA A 66 2.50 -4.74 -7.21
C ALA A 66 1.12 -4.66 -7.87
N GLU A 67 0.45 -5.79 -7.94
CA GLU A 67 -0.89 -5.86 -8.53
C GLU A 67 -1.80 -6.77 -7.72
N LEU A 68 -3.00 -6.28 -7.42
CA LEU A 68 -3.97 -7.04 -6.66
C LEU A 68 -4.94 -7.77 -7.58
N ARG A 69 -5.19 -9.05 -7.29
CA ARG A 69 -6.11 -9.85 -8.09
C ARG A 69 -7.34 -10.23 -7.29
N GLY A 70 -8.44 -10.51 -8.00
CA GLY A 70 -9.67 -10.87 -7.35
C GLY A 70 -10.25 -9.73 -6.52
N LEU A 71 -11.18 -8.99 -7.11
CA LEU A 71 -11.81 -7.87 -6.42
C LEU A 71 -13.27 -7.74 -6.81
N LYS A 72 -13.97 -6.83 -6.16
CA LYS A 72 -15.39 -6.61 -6.44
C LYS A 72 -15.58 -5.39 -7.34
N ARG A 73 -14.50 -4.96 -7.98
CA ARG A 73 -14.55 -3.80 -8.86
C ARG A 73 -15.51 -2.73 -8.33
N GLY A 74 -15.31 -2.36 -7.07
CA GLY A 74 -16.16 -1.36 -6.45
C GLY A 74 -16.04 -1.35 -4.94
N ALA A 75 -16.19 -2.50 -4.32
CA ALA A 75 -16.09 -2.62 -2.87
C ALA A 75 -14.85 -1.89 -2.35
N SER A 76 -15.08 -0.81 -1.61
CA SER A 76 -13.99 -0.01 -1.05
C SER A 76 -12.90 -0.92 -0.50
N TYR A 77 -11.67 -0.71 -0.97
CA TYR A 77 -10.54 -1.51 -0.52
C TYR A 77 -9.45 -0.62 0.08
N LEU A 78 -9.17 -0.82 1.36
CA LEU A 78 -8.15 -0.04 2.07
C LEU A 78 -6.77 -0.67 1.88
N VAL A 79 -5.97 -0.06 1.02
CA VAL A 79 -4.62 -0.55 0.76
C VAL A 79 -3.59 0.22 1.58
N GLN A 80 -2.56 -0.48 2.02
CA GLN A 80 -1.50 0.13 2.82
C GLN A 80 -0.13 -0.45 2.45
N VAL A 81 0.74 0.42 1.94
CA VAL A 81 2.08 0.01 1.53
C VAL A 81 3.10 0.35 2.61
N ARG A 82 3.91 -0.63 2.99
CA ARG A 82 4.94 -0.44 4.01
C ARG A 82 6.32 -0.73 3.45
N ALA A 83 7.35 -0.31 4.17
CA ALA A 83 8.73 -0.52 3.75
C ALA A 83 9.53 -1.21 4.85
N ARG A 84 10.49 -2.05 4.45
CA ARG A 84 11.32 -2.76 5.40
C ARG A 84 12.80 -2.44 5.18
N SER A 85 13.53 -2.27 6.28
CA SER A 85 14.95 -1.96 6.21
C SER A 85 15.76 -2.85 7.14
N GLU A 86 17.08 -2.83 6.98
CA GLU A 86 17.97 -3.64 7.80
C GLU A 86 17.53 -3.60 9.27
N ALA A 87 17.01 -2.46 9.69
CA ALA A 87 16.55 -2.29 11.07
C ALA A 87 15.30 -3.11 11.34
N GLY A 88 14.19 -2.73 10.71
CA GLY A 88 12.95 -3.45 10.90
C GLY A 88 11.80 -2.82 10.16
N TYR A 89 10.63 -3.46 10.20
CA TYR A 89 9.45 -2.94 9.52
C TYR A 89 9.10 -1.55 10.02
N GLY A 90 8.56 -0.73 9.11
CA GLY A 90 8.19 0.62 9.47
C GLY A 90 6.69 0.81 9.54
N PRO A 91 6.26 2.00 9.98
CA PRO A 91 4.84 2.34 10.11
C PRO A 91 4.15 2.48 8.76
N PHE A 92 3.04 1.77 8.59
CA PHE A 92 2.29 1.82 7.34
C PHE A 92 2.03 3.26 6.91
N GLY A 93 2.61 3.65 5.78
CA GLY A 93 2.42 5.00 5.28
C GLY A 93 0.96 5.39 5.18
N GLN A 94 0.71 6.64 4.83
CA GLN A 94 -0.66 7.14 4.70
C GLN A 94 -1.51 6.17 3.89
N GLU A 95 -2.53 5.62 4.53
CA GLU A 95 -3.43 4.67 3.88
C GLU A 95 -4.02 5.27 2.61
N HIS A 96 -4.53 4.41 1.74
CA HIS A 96 -5.13 4.85 0.48
C HIS A 96 -6.47 4.17 0.24
N HIS A 97 -7.28 4.75 -0.64
CA HIS A 97 -8.59 4.19 -0.97
C HIS A 97 -8.65 3.77 -2.43
N SER A 98 -8.65 2.46 -2.66
CA SER A 98 -8.70 1.92 -4.02
C SER A 98 -9.59 2.79 -4.91
N GLN A 99 -9.01 3.26 -6.02
CA GLN A 99 -9.74 4.10 -6.96
C GLN A 99 -10.08 3.34 -8.23
N THR A 100 -11.18 2.60 -8.19
CA THR A 100 -11.61 1.81 -9.34
C THR A 100 -13.11 1.99 -9.60
N GLN A 101 -13.44 2.61 -10.73
CA GLN A 101 -14.82 2.83 -11.10
C GLN A 101 -15.55 3.64 -10.02
N LEU A 102 -14.90 4.69 -9.53
CA LEU A 102 -15.47 5.54 -8.49
C LEU A 102 -15.21 7.00 -8.79
N ASP A 103 -16.26 7.73 -9.17
CA ASP A 103 -16.15 9.15 -9.47
C ASP A 103 -15.12 9.82 -8.57
N SER A 104 -15.22 9.56 -7.27
CA SER A 104 -14.30 10.14 -6.30
C SER A 104 -14.16 11.65 -6.51
N GLY A 105 -15.28 12.28 -6.87
CA GLY A 105 -15.27 13.71 -7.09
C GLY A 105 -15.41 14.08 -8.56
N PRO A 106 -16.08 15.20 -8.84
CA PRO A 106 -16.30 15.68 -10.20
C PRO A 106 -15.01 16.17 -10.86
N SER A 107 -14.21 16.90 -10.10
CA SER A 107 -12.96 17.44 -10.60
C SER A 107 -12.10 18.00 -9.47
N SER A 108 -10.79 18.04 -9.68
CA SER A 108 -9.87 18.55 -8.68
C SER A 108 -9.55 20.01 -8.92
N GLY A 109 -9.17 20.34 -10.15
CA GLY A 109 -8.86 21.72 -10.49
C GLY A 109 -7.63 22.23 -9.77
N GLY A 1 3.30 9.64 25.15
CA GLY A 1 3.64 9.27 23.78
C GLY A 1 5.01 8.66 23.66
N SER A 2 5.07 7.33 23.64
CA SER A 2 6.34 6.62 23.54
C SER A 2 6.85 6.64 22.10
N SER A 3 8.17 6.58 21.94
CA SER A 3 8.78 6.59 20.62
C SER A 3 9.19 5.19 20.20
N GLY A 4 9.56 5.03 18.93
CA GLY A 4 9.96 3.74 18.43
C GLY A 4 9.81 3.63 16.91
N SER A 5 10.59 4.42 16.19
CA SER A 5 10.55 4.42 14.73
C SER A 5 11.82 3.82 14.15
N SER A 6 11.77 2.53 13.84
CA SER A 6 12.92 1.83 13.28
C SER A 6 12.65 1.40 11.84
N GLY A 7 13.56 1.75 10.94
CA GLY A 7 13.40 1.38 9.54
C GLY A 7 13.21 2.60 8.65
N PRO A 8 12.85 2.35 7.38
CA PRO A 8 12.62 3.42 6.40
C PRO A 8 11.38 4.24 6.70
N PRO A 9 11.26 5.40 6.05
CA PRO A 9 10.13 6.31 6.24
C PRO A 9 8.84 5.74 5.64
N ALA A 10 7.72 6.00 6.31
CA ALA A 10 6.42 5.52 5.85
C ALA A 10 6.19 5.89 4.39
N VAL A 11 6.10 4.88 3.53
CA VAL A 11 5.87 5.10 2.11
C VAL A 11 4.84 6.20 1.89
N SER A 12 5.24 7.23 1.15
CA SER A 12 4.34 8.35 0.85
C SER A 12 4.14 8.51 -0.66
N ASP A 13 3.31 9.47 -1.03
CA ASP A 13 3.03 9.73 -2.44
C ASP A 13 2.67 8.44 -3.18
N ILE A 14 1.68 7.73 -2.66
CA ILE A 14 1.24 6.48 -3.26
C ILE A 14 0.10 6.72 -4.26
N ARG A 15 0.38 6.42 -5.52
CA ARG A 15 -0.61 6.61 -6.57
C ARG A 15 -1.05 5.26 -7.15
N VAL A 16 -2.25 5.24 -7.74
CA VAL A 16 -2.79 4.01 -8.31
C VAL A 16 -2.90 4.13 -9.84
N THR A 17 -2.06 3.38 -10.54
CA THR A 17 -2.06 3.40 -12.00
C THR A 17 -2.71 2.14 -12.56
N ARG A 18 -3.06 2.18 -13.84
CA ARG A 18 -3.70 1.04 -14.50
C ARG A 18 -4.81 0.47 -13.64
N SER A 19 -5.66 1.35 -13.11
CA SER A 19 -6.78 0.92 -12.26
C SER A 19 -7.70 -0.03 -13.01
N SER A 20 -7.71 -1.28 -12.59
CA SER A 20 -8.54 -2.29 -13.22
C SER A 20 -9.77 -2.60 -12.36
N PRO A 21 -10.81 -3.18 -12.99
CA PRO A 21 -12.05 -3.54 -12.31
C PRO A 21 -11.86 -4.70 -11.34
N SER A 22 -11.26 -5.78 -11.83
CA SER A 22 -11.02 -6.96 -11.02
C SER A 22 -9.67 -6.89 -10.32
N SER A 23 -8.73 -6.18 -10.95
CA SER A 23 -7.39 -6.03 -10.39
C SER A 23 -7.08 -4.57 -10.09
N LEU A 24 -6.08 -4.34 -9.26
CA LEU A 24 -5.68 -2.98 -8.90
C LEU A 24 -4.17 -2.88 -8.74
N SER A 25 -3.53 -2.18 -9.68
CA SER A 25 -2.08 -2.00 -9.66
C SER A 25 -1.69 -0.88 -8.70
N LEU A 26 -0.58 -1.08 -8.00
CA LEU A 26 -0.09 -0.09 -7.05
C LEU A 26 1.35 0.31 -7.36
N ALA A 27 1.70 1.54 -7.04
CA ALA A 27 3.05 2.05 -7.28
C ALA A 27 3.36 3.24 -6.38
N TRP A 28 4.46 3.15 -5.65
CA TRP A 28 4.87 4.22 -4.75
C TRP A 28 6.17 4.87 -5.23
N ALA A 29 6.52 6.00 -4.63
CA ALA A 29 7.74 6.71 -4.99
C ALA A 29 8.92 6.26 -4.13
N VAL A 30 9.90 5.62 -4.75
CA VAL A 30 11.08 5.15 -4.05
C VAL A 30 11.54 6.16 -3.00
N PRO A 31 11.19 5.89 -1.73
CA PRO A 31 11.56 6.77 -0.61
C PRO A 31 13.06 6.73 -0.32
N ARG A 32 13.45 7.33 0.80
CA ARG A 32 14.85 7.38 1.19
C ARG A 32 15.02 6.93 2.65
N ALA A 33 16.08 6.16 2.91
CA ALA A 33 16.36 5.68 4.24
C ALA A 33 17.76 6.06 4.70
N PRO A 34 17.87 6.54 5.95
CA PRO A 34 19.16 6.95 6.52
C PRO A 34 20.09 5.78 6.78
N SER A 35 19.55 4.56 6.67
CA SER A 35 20.32 3.36 6.90
C SER A 35 20.18 2.38 5.73
N GLY A 36 21.30 2.12 5.06
CA GLY A 36 21.28 1.22 3.92
C GLY A 36 20.27 1.64 2.86
N ALA A 37 19.58 0.65 2.29
CA ALA A 37 18.58 0.93 1.26
C ALA A 37 17.40 -0.03 1.37
N VAL A 38 16.26 0.38 0.83
CA VAL A 38 15.05 -0.43 0.87
C VAL A 38 15.29 -1.78 0.22
N LEU A 39 15.19 -2.84 1.01
CA LEU A 39 15.40 -4.20 0.51
C LEU A 39 14.14 -4.71 -0.19
N ASP A 40 13.01 -4.66 0.50
CA ASP A 40 11.74 -5.11 -0.07
C ASP A 40 10.58 -4.29 0.48
N TYR A 41 9.37 -4.60 0.03
CA TYR A 41 8.18 -3.88 0.46
C TYR A 41 7.08 -4.85 0.85
N GLU A 42 6.03 -4.34 1.48
CA GLU A 42 4.91 -5.15 1.91
C GLU A 42 3.57 -4.50 1.54
N VAL A 43 2.59 -5.33 1.21
CA VAL A 43 1.27 -4.83 0.83
C VAL A 43 0.18 -5.51 1.66
N LYS A 44 -0.41 -4.75 2.58
CA LYS A 44 -1.47 -5.27 3.43
C LYS A 44 -2.80 -4.62 3.09
N TYR A 45 -3.68 -5.38 2.44
CA TYR A 45 -5.00 -4.87 2.06
C TYR A 45 -6.10 -5.69 2.72
N HIS A 46 -7.05 -4.99 3.33
CA HIS A 46 -8.17 -5.65 4.01
C HIS A 46 -9.49 -4.94 3.68
N GLU A 47 -10.45 -5.72 3.17
CA GLU A 47 -11.75 -5.17 2.82
C GLU A 47 -12.33 -4.35 3.96
N LYS A 48 -12.73 -3.11 3.67
CA LYS A 48 -13.30 -2.22 4.66
C LYS A 48 -14.62 -2.77 5.20
N GLY A 49 -15.44 -3.30 4.29
CA GLY A 49 -16.72 -3.85 4.68
C GLY A 49 -16.61 -5.27 5.22
N ALA A 50 -15.66 -5.48 6.14
CA ALA A 50 -15.46 -6.79 6.74
C ALA A 50 -15.33 -6.70 8.25
N GLU A 51 -15.30 -7.85 8.91
CA GLU A 51 -15.17 -7.90 10.36
C GLU A 51 -13.98 -8.76 10.79
N GLY A 52 -13.24 -8.29 11.78
CA GLY A 52 -12.09 -9.03 12.26
C GLY A 52 -10.94 -9.02 11.27
N PRO A 53 -9.73 -9.30 11.77
CA PRO A 53 -8.52 -9.33 10.93
C PRO A 53 -8.51 -10.50 9.96
N SER A 54 -9.55 -11.32 10.03
CA SER A 54 -9.66 -12.49 9.16
C SER A 54 -9.70 -12.07 7.70
N SER A 55 -10.40 -10.97 7.42
CA SER A 55 -10.52 -10.48 6.06
C SER A 55 -9.34 -9.58 5.70
N VAL A 56 -8.15 -10.02 6.07
CA VAL A 56 -6.93 -9.26 5.79
C VAL A 56 -5.93 -10.09 5.00
N ARG A 57 -5.47 -9.55 3.88
CA ARG A 57 -4.51 -10.24 3.02
C ARG A 57 -3.15 -9.54 3.06
N PHE A 58 -2.12 -10.24 2.58
CA PHE A 58 -0.77 -9.69 2.57
C PHE A 58 -0.05 -10.07 1.27
N LEU A 59 0.85 -9.20 0.83
CA LEU A 59 1.61 -9.45 -0.39
C LEU A 59 2.97 -8.75 -0.34
N LYS A 60 4.03 -9.54 -0.29
CA LYS A 60 5.39 -9.00 -0.25
C LYS A 60 6.02 -9.00 -1.64
N THR A 61 6.70 -7.91 -1.97
CA THR A 61 7.36 -7.78 -3.26
C THR A 61 8.61 -6.92 -3.16
N SER A 62 9.66 -7.33 -3.86
CA SER A 62 10.92 -6.60 -3.85
C SER A 62 10.78 -5.25 -4.56
N GLU A 63 9.97 -5.23 -5.61
CA GLU A 63 9.75 -4.01 -6.38
C GLU A 63 8.82 -3.07 -5.63
N ASN A 64 8.79 -1.81 -6.07
CA ASN A 64 7.94 -0.80 -5.44
C ASN A 64 6.60 -0.71 -6.14
N ARG A 65 6.13 -1.83 -6.68
CA ARG A 65 4.85 -1.87 -7.39
C ARG A 65 4.32 -3.29 -7.46
N ALA A 66 3.02 -3.44 -7.26
CA ALA A 66 2.37 -4.74 -7.30
C ALA A 66 1.04 -4.69 -8.03
N GLU A 67 0.46 -5.85 -8.30
CA GLU A 67 -0.82 -5.93 -9.00
C GLU A 67 -1.75 -6.91 -8.31
N LEU A 68 -2.70 -6.39 -7.55
CA LEU A 68 -3.66 -7.23 -6.83
C LEU A 68 -4.69 -7.81 -7.79
N ARG A 69 -4.83 -9.13 -7.75
CA ARG A 69 -5.79 -9.82 -8.62
C ARG A 69 -6.93 -10.42 -7.80
N GLY A 70 -8.08 -10.61 -8.46
CA GLY A 70 -9.22 -11.17 -7.77
C GLY A 70 -9.78 -10.24 -6.71
N LEU A 71 -10.55 -9.24 -7.13
CA LEU A 71 -11.14 -8.29 -6.21
C LEU A 71 -12.61 -8.04 -6.54
N LYS A 72 -13.33 -7.44 -5.59
CA LYS A 72 -14.75 -7.15 -5.79
C LYS A 72 -14.94 -5.82 -6.51
N ARG A 73 -14.73 -5.84 -7.83
CA ARG A 73 -14.88 -4.63 -8.64
C ARG A 73 -15.99 -3.74 -8.09
N GLY A 74 -15.59 -2.74 -7.30
CA GLY A 74 -16.56 -1.82 -6.72
C GLY A 74 -16.76 -2.06 -5.24
N ALA A 75 -15.66 -2.19 -4.51
CA ALA A 75 -15.72 -2.42 -3.07
C ALA A 75 -14.58 -1.70 -2.35
N SER A 76 -14.90 -1.07 -1.22
CA SER A 76 -13.90 -0.35 -0.44
C SER A 76 -12.74 -1.26 -0.06
N TYR A 77 -11.53 -0.84 -0.40
CA TYR A 77 -10.34 -1.61 -0.09
C TYR A 77 -9.23 -0.72 0.45
N LEU A 78 -8.93 -0.86 1.74
CA LEU A 78 -7.88 -0.07 2.37
C LEU A 78 -6.50 -0.64 2.07
N VAL A 79 -5.82 -0.04 1.11
CA VAL A 79 -4.49 -0.48 0.72
C VAL A 79 -3.41 0.27 1.49
N GLN A 80 -2.54 -0.48 2.18
CA GLN A 80 -1.47 0.12 2.96
C GLN A 80 -0.13 -0.51 2.62
N VAL A 81 0.80 0.30 2.11
CA VAL A 81 2.12 -0.18 1.74
C VAL A 81 3.18 0.31 2.71
N ARG A 82 4.07 -0.59 3.11
CA ARG A 82 5.13 -0.25 4.05
C ARG A 82 6.49 -0.71 3.52
N ALA A 83 7.53 0.05 3.86
CA ALA A 83 8.89 -0.27 3.42
C ALA A 83 9.74 -0.75 4.58
N ARG A 84 10.81 -1.48 4.26
CA ARG A 84 11.71 -1.99 5.29
C ARG A 84 13.16 -1.93 4.81
N SER A 85 14.08 -1.77 5.76
CA SER A 85 15.50 -1.70 5.44
C SER A 85 16.31 -2.65 6.32
N GLU A 86 17.62 -2.62 6.15
CA GLU A 86 18.52 -3.48 6.92
C GLU A 86 18.10 -3.51 8.39
N ALA A 87 17.64 -2.37 8.90
CA ALA A 87 17.21 -2.26 10.29
C ALA A 87 16.01 -3.16 10.56
N GLY A 88 14.88 -2.82 9.94
CA GLY A 88 13.67 -3.60 10.13
C GLY A 88 12.50 -3.05 9.35
N TYR A 89 11.29 -3.50 9.68
CA TYR A 89 10.08 -3.05 9.02
C TYR A 89 9.72 -1.64 9.45
N GLY A 90 9.33 -0.80 8.49
CA GLY A 90 8.96 0.57 8.79
C GLY A 90 7.46 0.73 9.02
N PRO A 91 7.07 1.88 9.56
CA PRO A 91 5.65 2.18 9.85
C PRO A 91 4.83 2.37 8.57
N PHE A 92 3.64 1.79 8.56
CA PHE A 92 2.76 1.89 7.39
C PHE A 92 2.51 3.35 7.03
N GLY A 93 2.51 3.63 5.73
CA GLY A 93 2.28 4.99 5.27
C GLY A 93 0.82 5.34 5.18
N GLN A 94 0.52 6.61 4.95
CA GLN A 94 -0.87 7.07 4.84
C GLN A 94 -1.72 6.05 4.10
N GLU A 95 -2.92 5.80 4.61
CA GLU A 95 -3.84 4.85 4.01
C GLU A 95 -4.43 5.41 2.70
N HIS A 96 -4.62 4.53 1.74
CA HIS A 96 -5.18 4.93 0.45
C HIS A 96 -6.47 4.17 0.15
N HIS A 97 -7.47 4.88 -0.35
CA HIS A 97 -8.75 4.27 -0.67
C HIS A 97 -8.88 4.06 -2.18
N SER A 98 -8.69 2.82 -2.61
CA SER A 98 -8.78 2.48 -4.02
C SER A 98 -10.19 2.66 -4.54
N GLN A 99 -10.32 3.30 -5.69
CA GLN A 99 -11.63 3.56 -6.30
C GLN A 99 -11.73 2.89 -7.66
N THR A 100 -12.45 1.78 -7.73
CA THR A 100 -12.62 1.04 -8.97
C THR A 100 -13.66 1.72 -9.87
N GLN A 101 -13.43 1.67 -11.17
CA GLN A 101 -14.34 2.28 -12.14
C GLN A 101 -15.43 1.29 -12.55
N LEU A 102 -16.64 1.81 -12.73
CA LEU A 102 -17.77 0.97 -13.12
C LEU A 102 -18.82 1.79 -13.88
N ASP A 103 -19.20 1.33 -15.06
CA ASP A 103 -20.19 2.02 -15.88
C ASP A 103 -19.94 3.52 -15.87
N SER A 104 -18.67 3.90 -15.96
CA SER A 104 -18.30 5.32 -15.96
C SER A 104 -19.03 6.06 -17.08
N GLY A 105 -19.68 7.16 -16.71
CA GLY A 105 -20.40 7.95 -17.69
C GLY A 105 -19.48 8.66 -18.66
N PRO A 106 -20.08 9.38 -19.62
CA PRO A 106 -19.32 10.12 -20.64
C PRO A 106 -18.59 11.33 -20.05
N SER A 107 -18.96 11.69 -18.83
CA SER A 107 -18.34 12.83 -18.16
C SER A 107 -16.85 12.59 -17.94
N SER A 108 -16.52 11.42 -17.41
CA SER A 108 -15.13 11.06 -17.14
C SER A 108 -14.43 12.15 -16.34
N GLY A 109 -15.14 12.67 -15.34
CA GLY A 109 -14.58 13.72 -14.50
C GLY A 109 -15.63 14.46 -13.72
N GLY A 1 4.50 6.61 22.30
CA GLY A 1 4.41 5.18 22.53
C GLY A 1 5.77 4.54 22.74
N SER A 2 5.88 3.27 22.37
CA SER A 2 7.14 2.53 22.52
C SER A 2 7.74 2.22 21.16
N SER A 3 8.90 2.81 20.87
CA SER A 3 9.58 2.59 19.61
C SER A 3 10.06 1.15 19.48
N GLY A 4 9.61 0.47 18.43
CA GLY A 4 10.00 -0.91 18.21
C GLY A 4 11.26 -1.04 17.39
N SER A 5 11.16 -0.72 16.09
CA SER A 5 12.30 -0.81 15.19
C SER A 5 12.36 0.41 14.28
N SER A 6 13.51 1.08 14.26
CA SER A 6 13.69 2.26 13.43
C SER A 6 14.02 1.88 12.00
N GLY A 7 12.98 1.74 11.18
CA GLY A 7 13.18 1.38 9.78
C GLY A 7 13.03 2.55 8.84
N PRO A 8 12.75 2.27 7.56
CA PRO A 8 12.57 3.31 6.55
C PRO A 8 11.30 4.12 6.75
N PRO A 9 11.19 5.24 6.01
CA PRO A 9 10.03 6.12 6.09
C PRO A 9 8.76 5.49 5.51
N ALA A 10 7.63 5.72 6.16
CA ALA A 10 6.36 5.17 5.71
C ALA A 10 6.09 5.57 4.26
N VAL A 11 5.95 4.57 3.39
CA VAL A 11 5.69 4.80 1.97
C VAL A 11 4.66 5.91 1.80
N SER A 12 5.07 6.98 1.11
CA SER A 12 4.18 8.11 0.88
C SER A 12 3.90 8.27 -0.62
N ASP A 13 3.08 9.25 -0.96
CA ASP A 13 2.73 9.51 -2.35
C ASP A 13 2.36 8.22 -3.07
N ILE A 14 1.38 7.50 -2.52
CA ILE A 14 0.93 6.25 -3.11
C ILE A 14 -0.24 6.48 -4.06
N ARG A 15 -0.05 6.13 -5.32
CA ARG A 15 -1.09 6.29 -6.33
C ARG A 15 -1.36 4.97 -7.06
N VAL A 16 -2.49 4.90 -7.74
CA VAL A 16 -2.87 3.70 -8.48
C VAL A 16 -2.79 3.93 -9.99
N THR A 17 -2.00 3.10 -10.66
CA THR A 17 -1.83 3.21 -12.11
C THR A 17 -2.55 2.08 -12.83
N ARG A 18 -2.86 2.30 -14.11
CA ARG A 18 -3.54 1.29 -14.91
C ARG A 18 -4.54 0.52 -14.07
N SER A 19 -5.40 1.24 -13.35
CA SER A 19 -6.41 0.62 -12.50
C SER A 19 -7.37 -0.22 -13.33
N SER A 20 -8.05 -1.15 -12.66
CA SER A 20 -9.00 -2.02 -13.33
C SER A 20 -10.14 -2.42 -12.40
N PRO A 21 -11.28 -2.82 -12.99
CA PRO A 21 -12.46 -3.22 -12.23
C PRO A 21 -12.25 -4.55 -11.50
N SER A 22 -11.44 -5.42 -12.09
CA SER A 22 -11.16 -6.72 -11.50
C SER A 22 -9.80 -6.72 -10.80
N SER A 23 -8.84 -6.00 -11.38
CA SER A 23 -7.50 -5.92 -10.82
C SER A 23 -7.14 -4.48 -10.46
N LEU A 24 -6.07 -4.33 -9.70
CA LEU A 24 -5.62 -3.00 -9.27
C LEU A 24 -4.10 -2.95 -9.15
N SER A 25 -3.47 -2.22 -10.06
CA SER A 25 -2.01 -2.10 -10.06
C SER A 25 -1.57 -0.98 -9.11
N LEU A 26 -0.81 -1.34 -8.08
CA LEU A 26 -0.32 -0.38 -7.12
C LEU A 26 1.16 -0.10 -7.33
N ALA A 27 1.54 1.17 -7.21
CA ALA A 27 2.92 1.58 -7.39
C ALA A 27 3.22 2.90 -6.67
N TRP A 28 4.21 2.88 -5.78
CA TRP A 28 4.57 4.07 -5.02
C TRP A 28 5.97 4.54 -5.40
N ALA A 29 6.33 5.74 -4.95
CA ALA A 29 7.64 6.30 -5.24
C ALA A 29 8.68 5.85 -4.22
N VAL A 30 9.69 5.14 -4.69
CA VAL A 30 10.75 4.65 -3.81
C VAL A 30 11.23 5.74 -2.87
N PRO A 31 11.09 5.49 -1.55
CA PRO A 31 11.51 6.44 -0.52
C PRO A 31 13.02 6.59 -0.44
N ARG A 32 13.49 7.48 0.44
CA ARG A 32 14.92 7.71 0.60
C ARG A 32 15.32 7.50 2.06
N ALA A 33 16.17 6.51 2.29
CA ALA A 33 16.64 6.21 3.64
C ALA A 33 18.11 6.61 3.81
N PRO A 34 18.44 7.10 5.02
CA PRO A 34 19.81 7.52 5.33
C PRO A 34 20.78 6.35 5.44
N SER A 35 20.34 5.28 6.10
CA SER A 35 21.17 4.10 6.27
C SER A 35 20.70 2.97 5.36
N GLY A 36 21.63 2.39 4.61
CA GLY A 36 21.29 1.31 3.70
C GLY A 36 20.21 1.70 2.71
N ALA A 37 19.54 0.70 2.15
CA ALA A 37 18.48 0.93 1.18
C ALA A 37 17.30 0.00 1.42
N VAL A 38 16.10 0.48 1.13
CA VAL A 38 14.89 -0.32 1.31
C VAL A 38 15.06 -1.72 0.73
N LEU A 39 14.87 -2.73 1.57
CA LEU A 39 15.00 -4.12 1.12
C LEU A 39 13.75 -4.58 0.40
N ASP A 40 12.64 -4.65 1.11
CA ASP A 40 11.37 -5.08 0.53
C ASP A 40 10.20 -4.29 1.11
N TYR A 41 9.02 -4.49 0.56
CA TYR A 41 7.83 -3.79 1.03
C TYR A 41 6.74 -4.78 1.43
N GLU A 42 5.70 -4.28 2.09
CA GLU A 42 4.60 -5.13 2.53
C GLU A 42 3.25 -4.48 2.19
N VAL A 43 2.44 -5.20 1.42
CA VAL A 43 1.13 -4.69 1.02
C VAL A 43 0.01 -5.38 1.80
N LYS A 44 -0.65 -4.63 2.67
CA LYS A 44 -1.74 -5.16 3.48
C LYS A 44 -3.07 -4.54 3.08
N TYR A 45 -3.90 -5.33 2.41
CA TYR A 45 -5.21 -4.84 1.97
C TYR A 45 -6.33 -5.68 2.58
N HIS A 46 -7.34 -4.99 3.10
CA HIS A 46 -8.48 -5.67 3.72
C HIS A 46 -9.79 -4.99 3.35
N GLU A 47 -10.86 -5.77 3.22
CA GLU A 47 -12.17 -5.25 2.86
C GLU A 47 -12.67 -4.28 3.93
N LYS A 48 -12.98 -3.06 3.51
CA LYS A 48 -13.48 -2.04 4.43
C LYS A 48 -14.34 -2.67 5.53
N GLY A 49 -15.27 -3.53 5.12
CA GLY A 49 -16.13 -4.19 6.08
C GLY A 49 -15.62 -5.55 6.50
N ALA A 50 -14.53 -5.56 7.26
CA ALA A 50 -13.94 -6.80 7.74
C ALA A 50 -13.81 -6.81 9.25
N GLU A 51 -14.56 -7.71 9.90
CA GLU A 51 -14.53 -7.82 11.35
C GLU A 51 -13.32 -8.65 11.81
N GLY A 52 -12.19 -7.98 11.98
CA GLY A 52 -10.99 -8.67 12.42
C GLY A 52 -9.96 -8.80 11.31
N PRO A 53 -8.69 -8.98 11.69
CA PRO A 53 -7.59 -9.14 10.74
C PRO A 53 -7.66 -10.45 9.98
N SER A 54 -8.68 -11.26 10.28
CA SER A 54 -8.85 -12.55 9.63
C SER A 54 -9.06 -12.37 8.13
N SER A 55 -10.02 -11.53 7.76
CA SER A 55 -10.33 -11.27 6.36
C SER A 55 -9.36 -10.26 5.77
N VAL A 56 -8.07 -10.52 5.95
CA VAL A 56 -7.03 -9.63 5.42
C VAL A 56 -5.98 -10.41 4.64
N ARG A 57 -5.52 -9.83 3.53
CA ARG A 57 -4.52 -10.46 2.69
C ARG A 57 -3.20 -9.71 2.74
N PHE A 58 -2.11 -10.40 2.44
CA PHE A 58 -0.79 -9.79 2.45
C PHE A 58 -0.03 -10.11 1.17
N LEU A 59 0.89 -9.21 0.80
CA LEU A 59 1.69 -9.40 -0.41
C LEU A 59 3.06 -8.75 -0.26
N LYS A 60 4.10 -9.58 -0.21
CA LYS A 60 5.46 -9.10 -0.08
C LYS A 60 6.12 -8.92 -1.45
N THR A 61 6.43 -7.67 -1.78
CA THR A 61 7.06 -7.37 -3.06
C THR A 61 8.47 -6.81 -2.86
N SER A 62 9.39 -7.19 -3.75
CA SER A 62 10.77 -6.74 -3.66
C SER A 62 10.90 -5.31 -4.18
N GLU A 63 9.90 -4.86 -4.93
CA GLU A 63 9.90 -3.51 -5.50
C GLU A 63 8.77 -2.68 -4.89
N ASN A 64 8.79 -1.39 -5.19
CA ASN A 64 7.76 -0.47 -4.69
C ASN A 64 6.53 -0.48 -5.58
N ARG A 65 6.32 -1.59 -6.30
CA ARG A 65 5.18 -1.71 -7.19
C ARG A 65 4.67 -3.15 -7.20
N ALA A 66 3.35 -3.29 -7.09
CA ALA A 66 2.72 -4.61 -7.09
C ALA A 66 1.39 -4.58 -7.84
N GLU A 67 0.91 -5.77 -8.22
CA GLU A 67 -0.35 -5.88 -8.94
C GLU A 67 -1.27 -6.89 -8.27
N LEU A 68 -2.48 -6.45 -7.92
CA LEU A 68 -3.46 -7.31 -7.28
C LEU A 68 -4.53 -7.75 -8.26
N ARG A 69 -4.70 -9.06 -8.41
CA ARG A 69 -5.71 -9.61 -9.31
C ARG A 69 -6.81 -10.32 -8.54
N GLY A 70 -7.95 -10.50 -9.18
CA GLY A 70 -9.08 -11.17 -8.54
C GLY A 70 -9.68 -10.35 -7.42
N LEU A 71 -10.36 -9.26 -7.80
CA LEU A 71 -10.99 -8.38 -6.82
C LEU A 71 -12.34 -7.90 -7.33
N LYS A 72 -13.01 -7.08 -6.51
CA LYS A 72 -14.31 -6.53 -6.88
C LYS A 72 -14.17 -5.17 -7.55
N ARG A 73 -15.29 -4.60 -7.98
CA ARG A 73 -15.28 -3.29 -8.62
C ARG A 73 -16.15 -2.30 -7.87
N GLY A 74 -15.58 -1.71 -6.82
CA GLY A 74 -16.32 -0.75 -6.02
C GLY A 74 -16.12 -0.95 -4.53
N ALA A 75 -16.25 -2.19 -4.08
CA ALA A 75 -16.07 -2.52 -2.67
C ALA A 75 -14.87 -1.80 -2.08
N SER A 76 -15.12 -0.71 -1.35
CA SER A 76 -14.05 0.06 -0.75
C SER A 76 -12.90 -0.84 -0.30
N TYR A 77 -11.71 -0.57 -0.83
CA TYR A 77 -10.53 -1.37 -0.49
C TYR A 77 -9.48 -0.51 0.21
N LEU A 78 -9.25 -0.80 1.48
CA LEU A 78 -8.27 -0.05 2.27
C LEU A 78 -6.95 -0.81 2.34
N VAL A 79 -6.01 -0.44 1.47
CA VAL A 79 -4.69 -1.08 1.45
C VAL A 79 -3.60 -0.12 1.90
N GLN A 80 -2.65 -0.63 2.67
CA GLN A 80 -1.55 0.19 3.18
C GLN A 80 -0.21 -0.44 2.83
N VAL A 81 0.62 0.30 2.10
CA VAL A 81 1.94 -0.20 1.71
C VAL A 81 3.04 0.41 2.58
N ARG A 82 3.91 -0.44 3.10
CA ARG A 82 5.01 0.01 3.95
C ARG A 82 6.34 -0.49 3.43
N ALA A 83 7.42 0.17 3.85
CA ALA A 83 8.76 -0.22 3.43
C ALA A 83 9.53 -0.88 4.57
N ARG A 84 10.63 -1.55 4.22
CA ARG A 84 11.46 -2.21 5.23
C ARG A 84 12.94 -2.09 4.88
N SER A 85 13.76 -1.90 5.90
CA SER A 85 15.21 -1.76 5.71
C SER A 85 15.97 -2.78 6.54
N GLU A 86 17.28 -2.84 6.35
CA GLU A 86 18.12 -3.78 7.07
C GLU A 86 17.61 -3.98 8.49
N ALA A 87 17.29 -2.87 9.17
CA ALA A 87 16.78 -2.93 10.53
C ALA A 87 15.51 -3.77 10.61
N GLY A 88 14.44 -3.29 9.99
CA GLY A 88 13.18 -4.01 10.00
C GLY A 88 12.08 -3.27 9.27
N TYR A 89 10.87 -3.81 9.31
CA TYR A 89 9.73 -3.20 8.64
C TYR A 89 9.35 -1.89 9.32
N GLY A 90 9.21 -0.84 8.51
CA GLY A 90 8.84 0.46 9.05
C GLY A 90 7.36 0.58 9.31
N PRO A 91 6.95 1.71 9.90
CA PRO A 91 5.55 1.98 10.22
C PRO A 91 4.69 2.21 8.98
N PHE A 92 3.38 2.05 9.12
CA PHE A 92 2.46 2.23 8.01
C PHE A 92 2.19 3.71 7.77
N GLY A 93 2.04 4.08 6.49
CA GLY A 93 1.78 5.46 6.16
C GLY A 93 0.31 5.72 5.84
N GLN A 94 0.03 6.82 5.15
CA GLN A 94 -1.33 7.18 4.79
C GLN A 94 -2.01 6.04 4.04
N GLU A 95 -3.23 5.71 4.44
CA GLU A 95 -3.98 4.64 3.81
C GLU A 95 -4.04 4.84 2.30
N HIS A 96 -4.50 3.81 1.59
CA HIS A 96 -4.61 3.88 0.14
C HIS A 96 -6.04 3.58 -0.32
N HIS A 97 -6.53 4.36 -1.26
CA HIS A 97 -7.88 4.19 -1.78
C HIS A 97 -7.86 3.75 -3.24
N SER A 98 -8.14 2.48 -3.48
CA SER A 98 -8.14 1.93 -4.83
C SER A 98 -9.51 2.09 -5.49
N GLN A 99 -10.03 3.31 -5.46
CA GLN A 99 -11.33 3.59 -6.04
C GLN A 99 -11.39 3.12 -7.49
N THR A 100 -12.02 1.95 -7.70
CA THR A 100 -12.14 1.38 -9.04
C THR A 100 -12.96 2.29 -9.95
N GLN A 101 -14.27 2.31 -9.73
CA GLN A 101 -15.16 3.14 -10.53
C GLN A 101 -15.96 4.10 -9.65
N LEU A 102 -15.28 4.67 -8.66
CA LEU A 102 -15.92 5.61 -7.74
C LEU A 102 -15.44 7.03 -7.99
N ASP A 103 -15.50 7.46 -9.25
CA ASP A 103 -15.08 8.80 -9.63
C ASP A 103 -16.14 9.83 -9.29
N SER A 104 -15.72 10.98 -8.79
CA SER A 104 -16.65 12.04 -8.41
C SER A 104 -15.98 13.41 -8.55
N GLY A 105 -16.80 14.45 -8.68
CA GLY A 105 -16.28 15.79 -8.82
C GLY A 105 -15.29 16.15 -7.72
N PRO A 106 -14.24 16.89 -8.09
CA PRO A 106 -13.20 17.31 -7.14
C PRO A 106 -13.71 18.35 -6.15
N SER A 107 -14.17 17.88 -4.99
CA SER A 107 -14.70 18.76 -3.96
C SER A 107 -13.56 19.40 -3.16
N SER A 108 -13.88 20.42 -2.38
CA SER A 108 -12.89 21.12 -1.57
C SER A 108 -12.48 20.26 -0.37
N GLY A 109 -11.31 20.56 0.19
CA GLY A 109 -10.82 19.83 1.32
C GLY A 109 -11.88 19.64 2.40
N GLY A 1 22.93 -4.49 23.22
CA GLY A 1 21.49 -4.57 23.07
C GLY A 1 21.03 -4.08 21.71
N SER A 2 19.78 -4.39 21.37
CA SER A 2 19.21 -3.98 20.09
C SER A 2 18.31 -2.76 20.26
N SER A 3 18.76 -1.82 21.08
CA SER A 3 17.99 -0.60 21.32
C SER A 3 17.89 0.25 20.06
N GLY A 4 16.67 0.35 19.52
CA GLY A 4 16.46 1.13 18.31
C GLY A 4 15.58 0.40 17.31
N SER A 5 14.46 -0.15 17.79
CA SER A 5 13.54 -0.87 16.92
C SER A 5 12.78 0.09 16.02
N SER A 6 13.22 0.18 14.76
CA SER A 6 12.59 1.07 13.79
C SER A 6 12.93 0.66 12.37
N GLY A 7 12.26 1.28 11.40
CA GLY A 7 12.52 0.97 10.00
C GLY A 7 12.56 2.21 9.13
N PRO A 8 12.34 2.02 7.83
CA PRO A 8 12.36 3.12 6.86
C PRO A 8 11.18 4.07 7.03
N PRO A 9 11.23 5.21 6.33
CA PRO A 9 10.16 6.22 6.38
C PRO A 9 8.88 5.75 5.71
N ALA A 10 7.74 6.12 6.29
CA ALA A 10 6.45 5.74 5.74
C ALA A 10 6.38 6.03 4.25
N VAL A 11 5.98 5.03 3.47
CA VAL A 11 5.87 5.19 2.02
C VAL A 11 4.92 6.31 1.67
N SER A 12 5.41 7.26 0.87
CA SER A 12 4.61 8.40 0.45
C SER A 12 4.35 8.37 -1.05
N ASP A 13 3.58 9.33 -1.54
CA ASP A 13 3.27 9.42 -2.96
C ASP A 13 2.84 8.06 -3.50
N ILE A 14 1.86 7.44 -2.86
CA ILE A 14 1.37 6.13 -3.28
C ILE A 14 0.31 6.27 -4.35
N ARG A 15 0.73 6.28 -5.60
CA ARG A 15 -0.18 6.40 -6.74
C ARG A 15 -0.79 5.05 -7.09
N VAL A 16 -1.86 5.07 -7.88
CA VAL A 16 -2.52 3.85 -8.31
C VAL A 16 -2.65 3.79 -9.82
N THR A 17 -1.68 3.16 -10.47
CA THR A 17 -1.68 3.02 -11.92
C THR A 17 -2.56 1.85 -12.36
N ARG A 18 -2.84 1.79 -13.66
CA ARG A 18 -3.67 0.72 -14.21
C ARG A 18 -4.85 0.43 -13.29
N SER A 19 -5.63 1.46 -12.98
CA SER A 19 -6.79 1.31 -12.11
C SER A 19 -7.90 0.54 -12.83
N SER A 20 -7.89 -0.78 -12.68
CA SER A 20 -8.89 -1.63 -13.31
C SER A 20 -9.97 -2.03 -12.30
N PRO A 21 -11.15 -2.40 -12.83
CA PRO A 21 -12.28 -2.81 -11.99
C PRO A 21 -12.06 -4.15 -11.32
N SER A 22 -11.55 -5.12 -12.07
CA SER A 22 -11.28 -6.46 -11.54
C SER A 22 -9.97 -6.47 -10.75
N SER A 23 -8.93 -5.88 -11.33
CA SER A 23 -7.62 -5.83 -10.69
C SER A 23 -7.24 -4.38 -10.35
N LEU A 24 -6.34 -4.24 -9.38
CA LEU A 24 -5.89 -2.92 -8.95
C LEU A 24 -4.39 -2.91 -8.72
N SER A 25 -3.67 -2.21 -9.59
CA SER A 25 -2.22 -2.11 -9.49
C SER A 25 -1.81 -1.08 -8.44
N LEU A 26 -0.56 -1.16 -8.00
CA LEU A 26 -0.04 -0.24 -6.99
C LEU A 26 1.44 0.06 -7.22
N ALA A 27 1.84 1.29 -6.91
CA ALA A 27 3.23 1.69 -7.08
C ALA A 27 3.53 2.96 -6.28
N TRP A 28 4.57 2.90 -5.45
CA TRP A 28 4.97 4.03 -4.64
C TRP A 28 6.32 4.58 -5.08
N ALA A 29 6.67 5.75 -4.56
CA ALA A 29 7.95 6.38 -4.90
C ALA A 29 9.05 5.94 -3.95
N VAL A 30 10.18 5.50 -4.51
CA VAL A 30 11.30 5.05 -3.71
C VAL A 30 11.67 6.08 -2.65
N PRO A 31 11.34 5.77 -1.38
CA PRO A 31 11.63 6.65 -0.24
C PRO A 31 13.13 6.74 0.05
N ARG A 32 13.47 7.53 1.06
CA ARG A 32 14.87 7.71 1.45
C ARG A 32 15.08 7.26 2.90
N ALA A 33 15.69 6.09 3.07
CA ALA A 33 15.96 5.55 4.40
C ALA A 33 17.34 5.99 4.90
N PRO A 34 17.45 6.17 6.22
CA PRO A 34 18.71 6.58 6.85
C PRO A 34 19.77 5.49 6.79
N SER A 35 19.33 4.25 6.63
CA SER A 35 20.26 3.11 6.56
C SER A 35 20.22 2.46 5.18
N GLY A 36 21.37 2.38 4.54
CA GLY A 36 21.45 1.78 3.22
C GLY A 36 20.23 2.09 2.37
N ALA A 37 19.74 1.08 1.66
CA ALA A 37 18.57 1.25 0.81
C ALA A 37 17.53 0.17 1.07
N VAL A 38 16.25 0.53 0.91
CA VAL A 38 15.16 -0.42 1.13
C VAL A 38 15.42 -1.74 0.42
N LEU A 39 15.03 -2.84 1.06
CA LEU A 39 15.21 -4.16 0.48
C LEU A 39 13.94 -4.64 -0.21
N ASP A 40 12.89 -4.84 0.59
CA ASP A 40 11.61 -5.30 0.05
C ASP A 40 10.46 -4.43 0.57
N TYR A 41 9.24 -4.80 0.22
CA TYR A 41 8.06 -4.06 0.64
C TYR A 41 6.91 -4.99 0.99
N GLU A 42 5.85 -4.43 1.57
CA GLU A 42 4.69 -5.22 1.96
C GLU A 42 3.40 -4.45 1.68
N VAL A 43 2.36 -5.17 1.26
CA VAL A 43 1.08 -4.55 0.98
C VAL A 43 -0.05 -5.24 1.75
N LYS A 44 -0.54 -4.57 2.79
CA LYS A 44 -1.61 -5.11 3.61
C LYS A 44 -2.94 -4.42 3.29
N TYR A 45 -3.89 -5.18 2.76
CA TYR A 45 -5.19 -4.65 2.41
C TYR A 45 -6.31 -5.51 3.01
N HIS A 46 -7.48 -4.90 3.18
CA HIS A 46 -8.63 -5.60 3.74
C HIS A 46 -9.92 -4.83 3.48
N GLU A 47 -10.95 -5.55 3.08
CA GLU A 47 -12.25 -4.93 2.79
C GLU A 47 -12.76 -4.16 4.02
N LYS A 48 -12.96 -2.86 3.85
CA LYS A 48 -13.45 -2.02 4.93
C LYS A 48 -14.46 -2.78 5.80
N GLY A 49 -15.33 -3.53 5.14
CA GLY A 49 -16.34 -4.30 5.86
C GLY A 49 -15.73 -5.37 6.74
N ALA A 50 -15.03 -6.32 6.13
CA ALA A 50 -14.40 -7.41 6.86
C ALA A 50 -13.75 -6.90 8.14
N GLU A 51 -13.73 -7.74 9.17
CA GLU A 51 -13.13 -7.37 10.45
C GLU A 51 -12.63 -8.61 11.19
N GLY A 52 -11.37 -8.57 11.59
CA GLY A 52 -10.79 -9.70 12.31
C GLY A 52 -9.36 -9.97 11.90
N PRO A 53 -8.70 -10.91 12.60
CA PRO A 53 -7.31 -11.28 12.33
C PRO A 53 -7.16 -12.03 11.00
N SER A 54 -8.00 -13.05 10.82
CA SER A 54 -7.96 -13.85 9.60
C SER A 54 -8.85 -13.24 8.52
N SER A 55 -8.83 -11.92 8.42
CA SER A 55 -9.64 -11.21 7.44
C SER A 55 -8.75 -10.41 6.48
N VAL A 56 -7.69 -9.81 7.04
CA VAL A 56 -6.76 -9.02 6.24
C VAL A 56 -5.77 -9.91 5.51
N ARG A 57 -5.46 -9.54 4.27
CA ARG A 57 -4.51 -10.31 3.45
C ARG A 57 -3.12 -9.69 3.53
N PHE A 58 -2.18 -10.32 2.84
CA PHE A 58 -0.80 -9.84 2.82
C PHE A 58 -0.15 -10.10 1.47
N LEU A 59 0.76 -9.21 1.07
CA LEU A 59 1.46 -9.35 -0.21
C LEU A 59 2.83 -8.68 -0.14
N LYS A 60 3.87 -9.49 -0.28
CA LYS A 60 5.24 -8.98 -0.25
C LYS A 60 5.87 -9.02 -1.64
N THR A 61 6.54 -7.94 -2.00
CA THR A 61 7.19 -7.84 -3.31
C THR A 61 8.51 -7.09 -3.22
N SER A 62 9.54 -7.63 -3.87
CA SER A 62 10.86 -7.01 -3.85
C SER A 62 10.80 -5.59 -4.41
N GLU A 63 9.99 -5.40 -5.44
CA GLU A 63 9.84 -4.10 -6.07
C GLU A 63 8.93 -3.19 -5.24
N ASN A 64 8.84 -1.93 -5.64
CA ASN A 64 8.00 -0.96 -4.94
C ASN A 64 6.62 -0.87 -5.59
N ARG A 65 6.18 -1.95 -6.20
CA ARG A 65 4.88 -1.99 -6.87
C ARG A 65 4.33 -3.40 -6.91
N ALA A 66 3.01 -3.52 -7.02
CA ALA A 66 2.35 -4.82 -7.07
C ALA A 66 1.05 -4.75 -7.88
N GLU A 67 0.52 -5.91 -8.21
CA GLU A 67 -0.73 -5.98 -8.98
C GLU A 67 -1.70 -6.97 -8.36
N LEU A 68 -2.83 -6.46 -7.88
CA LEU A 68 -3.84 -7.31 -7.25
C LEU A 68 -4.85 -7.79 -8.29
N ARG A 69 -4.97 -9.11 -8.43
CA ARG A 69 -5.90 -9.70 -9.38
C ARG A 69 -7.09 -10.33 -8.65
N GLY A 70 -8.27 -10.20 -9.25
CA GLY A 70 -9.47 -10.77 -8.65
C GLY A 70 -9.99 -9.91 -7.50
N LEU A 71 -10.78 -8.90 -7.84
CA LEU A 71 -11.35 -8.01 -6.83
C LEU A 71 -12.71 -7.47 -7.28
N LYS A 72 -13.39 -6.78 -6.38
CA LYS A 72 -14.70 -6.21 -6.69
C LYS A 72 -14.55 -4.78 -7.20
N ARG A 73 -15.32 -4.46 -8.24
CA ARG A 73 -15.28 -3.12 -8.83
C ARG A 73 -16.32 -2.21 -8.20
N GLY A 74 -16.27 -2.09 -6.87
CA GLY A 74 -17.21 -1.25 -6.17
C GLY A 74 -16.94 -1.20 -4.67
N ALA A 75 -16.62 -2.36 -4.09
CA ALA A 75 -16.34 -2.44 -2.66
C ALA A 75 -15.09 -1.64 -2.31
N SER A 76 -15.13 -0.97 -1.16
CA SER A 76 -14.00 -0.17 -0.71
C SER A 76 -12.82 -1.06 -0.30
N TYR A 77 -11.62 -0.66 -0.69
CA TYR A 77 -10.42 -1.42 -0.37
C TYR A 77 -9.30 -0.49 0.10
N LEU A 78 -8.96 -0.57 1.38
CA LEU A 78 -7.90 0.25 1.95
C LEU A 78 -6.55 -0.43 1.82
N VAL A 79 -5.78 -0.01 0.82
CA VAL A 79 -4.46 -0.58 0.58
C VAL A 79 -3.38 0.22 1.30
N GLN A 80 -2.57 -0.48 2.10
CA GLN A 80 -1.49 0.17 2.85
C GLN A 80 -0.14 -0.43 2.49
N VAL A 81 0.74 0.40 1.93
CA VAL A 81 2.07 -0.05 1.54
C VAL A 81 3.11 0.34 2.59
N ARG A 82 4.04 -0.58 2.86
CA ARG A 82 5.08 -0.34 3.83
C ARG A 82 6.45 -0.74 3.28
N ALA A 83 7.50 -0.10 3.79
CA ALA A 83 8.86 -0.38 3.35
C ALA A 83 9.65 -1.10 4.44
N ARG A 84 10.62 -1.92 4.04
CA ARG A 84 11.44 -2.66 4.97
C ARG A 84 12.92 -2.36 4.75
N SER A 85 13.63 -2.04 5.83
CA SER A 85 15.05 -1.74 5.74
C SER A 85 15.85 -2.61 6.70
N GLU A 86 17.17 -2.64 6.51
CA GLU A 86 18.04 -3.43 7.36
C GLU A 86 17.67 -3.28 8.83
N ALA A 87 17.41 -2.04 9.24
CA ALA A 87 17.04 -1.76 10.61
C ALA A 87 15.78 -2.53 11.01
N GLY A 88 14.77 -2.49 10.15
CA GLY A 88 13.53 -3.18 10.43
C GLY A 88 12.38 -2.67 9.59
N TYR A 89 11.16 -3.07 9.95
CA TYR A 89 9.97 -2.64 9.22
C TYR A 89 9.52 -1.26 9.68
N GLY A 90 8.85 -0.55 8.77
CA GLY A 90 8.36 0.79 9.09
C GLY A 90 6.85 0.87 9.08
N PRO A 91 6.31 2.00 9.58
CA PRO A 91 4.87 2.23 9.63
C PRO A 91 4.26 2.44 8.24
N PHE A 92 3.10 1.84 8.01
CA PHE A 92 2.43 1.97 6.73
C PHE A 92 2.28 3.44 6.34
N GLY A 93 2.23 3.69 5.02
CA GLY A 93 2.11 5.06 4.55
C GLY A 93 0.66 5.54 4.57
N GLN A 94 0.44 6.74 4.05
CA GLN A 94 -0.89 7.32 4.01
C GLN A 94 -1.87 6.41 3.28
N GLU A 95 -2.81 5.82 4.02
CA GLU A 95 -3.79 4.92 3.44
C GLU A 95 -4.33 5.48 2.13
N HIS A 96 -4.72 4.59 1.22
CA HIS A 96 -5.25 5.00 -0.07
C HIS A 96 -6.52 4.20 -0.41
N HIS A 97 -7.48 4.87 -1.03
CA HIS A 97 -8.73 4.23 -1.41
C HIS A 97 -8.80 4.01 -2.92
N SER A 98 -8.54 2.78 -3.34
CA SER A 98 -8.56 2.44 -4.77
C SER A 98 -9.94 2.71 -5.36
N GLN A 99 -9.97 3.41 -6.49
CA GLN A 99 -11.23 3.74 -7.15
C GLN A 99 -11.43 2.84 -8.38
N THR A 100 -12.22 1.78 -8.19
CA THR A 100 -12.49 0.84 -9.27
C THR A 100 -13.53 1.41 -10.23
N GLN A 101 -13.08 2.23 -11.18
CA GLN A 101 -13.98 2.83 -12.15
C GLN A 101 -15.13 3.54 -11.47
N LEU A 102 -14.83 4.27 -10.40
CA LEU A 102 -15.85 4.99 -9.65
C LEU A 102 -15.22 5.92 -8.61
N ASP A 103 -15.57 7.19 -8.68
CA ASP A 103 -15.04 8.19 -7.75
C ASP A 103 -15.61 7.97 -6.35
N SER A 104 -14.83 8.31 -5.34
CA SER A 104 -15.25 8.16 -3.94
C SER A 104 -15.70 9.49 -3.37
N GLY A 105 -14.82 10.49 -3.44
CA GLY A 105 -15.15 11.80 -2.92
C GLY A 105 -13.94 12.48 -2.28
N PRO A 106 -13.10 13.10 -3.12
CA PRO A 106 -11.90 13.81 -2.65
C PRO A 106 -12.23 15.08 -1.89
N SER A 107 -13.52 15.36 -1.75
CA SER A 107 -13.97 16.56 -1.04
C SER A 107 -13.11 16.82 0.19
N SER A 108 -12.45 17.97 0.20
CA SER A 108 -11.58 18.35 1.31
C SER A 108 -12.35 18.32 2.63
N GLY A 109 -12.10 17.28 3.43
CA GLY A 109 -12.77 17.16 4.71
C GLY A 109 -13.00 15.71 5.11
N GLY A 1 2.86 11.93 19.98
CA GLY A 1 3.22 11.19 21.17
C GLY A 1 4.66 10.68 21.13
N SER A 2 4.95 9.80 20.19
CA SER A 2 6.29 9.24 20.05
C SER A 2 6.60 8.94 18.59
N SER A 3 7.79 9.35 18.15
CA SER A 3 8.22 9.13 16.77
C SER A 3 9.46 8.25 16.72
N GLY A 4 9.25 6.95 16.54
CA GLY A 4 10.35 6.02 16.47
C GLY A 4 11.15 6.17 15.19
N SER A 5 12.47 6.27 15.32
CA SER A 5 13.34 6.41 14.17
C SER A 5 14.03 5.09 13.84
N SER A 6 13.26 4.01 13.88
CA SER A 6 13.79 2.68 13.59
C SER A 6 13.20 2.13 12.29
N GLY A 7 13.95 2.27 11.20
CA GLY A 7 13.49 1.78 9.91
C GLY A 7 13.24 2.91 8.92
N PRO A 8 12.92 2.55 7.68
CA PRO A 8 12.65 3.52 6.61
C PRO A 8 11.34 4.27 6.84
N PRO A 9 11.17 5.39 6.10
CA PRO A 9 9.96 6.22 6.19
C PRO A 9 8.73 5.52 5.63
N ALA A 10 7.60 5.71 6.30
CA ALA A 10 6.35 5.09 5.86
C ALA A 10 6.01 5.50 4.43
N VAL A 11 6.00 4.52 3.53
CA VAL A 11 5.69 4.77 2.12
C VAL A 11 4.68 5.89 1.97
N SER A 12 4.96 6.84 1.09
CA SER A 12 4.08 7.97 0.85
C SER A 12 3.79 8.13 -0.63
N ASP A 13 2.96 9.10 -0.97
CA ASP A 13 2.60 9.37 -2.36
C ASP A 13 2.25 8.07 -3.09
N ILE A 14 1.34 7.30 -2.51
CA ILE A 14 0.92 6.04 -3.10
C ILE A 14 -0.26 6.23 -4.04
N ARG A 15 -0.07 5.88 -5.30
CA ARG A 15 -1.12 6.01 -6.31
C ARG A 15 -1.37 4.68 -7.01
N VAL A 16 -2.50 4.60 -7.70
CA VAL A 16 -2.86 3.38 -8.42
C VAL A 16 -2.97 3.65 -9.92
N THR A 17 -2.05 3.07 -10.68
CA THR A 17 -2.03 3.24 -12.13
C THR A 17 -2.53 1.99 -12.84
N ARG A 18 -2.87 2.13 -14.11
CA ARG A 18 -3.36 1.00 -14.89
C ARG A 18 -4.57 0.35 -14.23
N SER A 19 -5.50 1.18 -13.74
CA SER A 19 -6.69 0.69 -13.08
C SER A 19 -7.31 -0.48 -13.85
N SER A 20 -7.84 -1.44 -13.11
CA SER A 20 -8.46 -2.62 -13.73
C SER A 20 -9.80 -2.93 -13.07
N PRO A 21 -10.63 -3.72 -13.77
CA PRO A 21 -11.95 -4.11 -13.27
C PRO A 21 -11.86 -5.09 -12.10
N SER A 22 -11.03 -6.10 -12.24
CA SER A 22 -10.85 -7.10 -11.20
C SER A 22 -9.40 -7.17 -10.74
N SER A 23 -8.78 -6.00 -10.61
CA SER A 23 -7.38 -5.92 -10.18
C SER A 23 -6.95 -4.47 -9.99
N LEU A 24 -5.90 -4.27 -9.21
CA LEU A 24 -5.39 -2.93 -8.95
C LEU A 24 -3.87 -2.94 -8.82
N SER A 25 -3.20 -2.15 -9.65
CA SER A 25 -1.74 -2.08 -9.62
C SER A 25 -1.27 -0.95 -8.72
N LEU A 26 -0.51 -1.30 -7.69
CA LEU A 26 0.01 -0.33 -6.74
C LEU A 26 1.44 0.05 -7.08
N ALA A 27 1.80 1.30 -6.80
CA ALA A 27 3.14 1.79 -7.08
C ALA A 27 3.42 3.08 -6.30
N TRP A 28 4.50 3.06 -5.52
CA TRP A 28 4.88 4.22 -4.72
C TRP A 28 6.19 4.82 -5.22
N ALA A 29 6.53 6.01 -4.73
CA ALA A 29 7.75 6.68 -5.13
C ALA A 29 8.90 6.32 -4.19
N VAL A 30 9.91 5.64 -4.73
CA VAL A 30 11.07 5.25 -3.94
C VAL A 30 11.46 6.33 -2.93
N PRO A 31 11.05 6.14 -1.67
CA PRO A 31 11.35 7.09 -0.60
C PRO A 31 12.83 7.11 -0.22
N ARG A 32 13.23 8.12 0.54
CA ARG A 32 14.62 8.25 0.97
C ARG A 32 14.88 7.44 2.24
N ALA A 33 15.55 6.30 2.08
CA ALA A 33 15.86 5.45 3.22
C ALA A 33 17.01 6.02 4.03
N PRO A 34 17.06 5.65 5.33
CA PRO A 34 18.10 6.12 6.25
C PRO A 34 19.47 5.51 5.92
N SER A 35 20.31 6.29 5.24
CA SER A 35 21.64 5.83 4.87
C SER A 35 21.61 4.37 4.46
N GLY A 36 20.63 3.99 3.64
CA GLY A 36 20.51 2.62 3.19
C GLY A 36 19.50 2.46 2.09
N ALA A 37 19.29 1.23 1.64
CA ALA A 37 18.34 0.94 0.58
C ALA A 37 17.00 0.49 1.16
N VAL A 38 16.00 0.36 0.29
CA VAL A 38 14.67 -0.05 0.71
C VAL A 38 14.39 -1.49 0.29
N LEU A 39 14.50 -2.41 1.24
CA LEU A 39 14.26 -3.83 0.97
C LEU A 39 12.81 -4.06 0.53
N ASP A 40 12.50 -5.30 0.18
CA ASP A 40 11.14 -5.65 -0.25
C ASP A 40 10.10 -4.93 0.59
N TYR A 41 8.91 -4.77 0.03
CA TYR A 41 7.82 -4.09 0.73
C TYR A 41 6.72 -5.08 1.11
N GLU A 42 5.76 -4.61 1.90
CA GLU A 42 4.65 -5.45 2.33
C GLU A 42 3.31 -4.77 2.08
N VAL A 43 2.42 -5.48 1.38
CA VAL A 43 1.10 -4.94 1.05
C VAL A 43 0.04 -5.52 1.97
N LYS A 44 -0.58 -4.66 2.78
CA LYS A 44 -1.62 -5.08 3.71
C LYS A 44 -2.97 -4.46 3.34
N TYR A 45 -3.85 -5.27 2.77
CA TYR A 45 -5.17 -4.80 2.37
C TYR A 45 -6.27 -5.64 3.02
N HIS A 46 -7.46 -5.06 3.14
CA HIS A 46 -8.59 -5.75 3.73
C HIS A 46 -9.90 -5.00 3.46
N GLU A 47 -10.78 -5.62 2.70
CA GLU A 47 -12.06 -5.02 2.36
C GLU A 47 -12.65 -4.27 3.56
N LYS A 48 -13.39 -3.21 3.28
CA LYS A 48 -14.00 -2.41 4.33
C LYS A 48 -15.10 -3.19 5.04
N GLY A 49 -16.10 -3.64 4.28
CA GLY A 49 -17.18 -4.39 4.85
C GLY A 49 -16.71 -5.48 5.81
N ALA A 50 -15.56 -6.06 5.50
CA ALA A 50 -14.98 -7.11 6.34
C ALA A 50 -14.50 -6.55 7.67
N GLU A 51 -14.95 -7.16 8.76
CA GLU A 51 -14.56 -6.72 10.10
C GLU A 51 -14.17 -7.90 10.97
N GLY A 52 -12.87 -8.11 11.12
CA GLY A 52 -12.38 -9.21 11.94
C GLY A 52 -11.18 -9.91 11.31
N PRO A 53 -10.76 -11.02 11.92
CA PRO A 53 -9.61 -11.80 11.44
C PRO A 53 -9.91 -12.52 10.13
N SER A 54 -8.92 -13.24 9.62
CA SER A 54 -9.07 -13.97 8.36
C SER A 54 -9.75 -13.10 7.31
N SER A 55 -9.51 -11.80 7.39
CA SER A 55 -10.08 -10.85 6.44
C SER A 55 -9.00 -10.06 5.73
N VAL A 56 -7.94 -9.73 6.46
CA VAL A 56 -6.82 -8.97 5.91
C VAL A 56 -5.81 -9.89 5.25
N ARG A 57 -5.43 -9.57 4.02
CA ARG A 57 -4.45 -10.37 3.28
C ARG A 57 -3.08 -9.69 3.28
N PHE A 58 -2.05 -10.46 2.94
CA PHE A 58 -0.69 -9.94 2.90
C PHE A 58 0.00 -10.34 1.60
N LEU A 59 0.82 -9.42 1.07
CA LEU A 59 1.54 -9.68 -0.17
C LEU A 59 2.91 -9.01 -0.15
N LYS A 60 3.96 -9.81 -0.34
CA LYS A 60 5.32 -9.30 -0.35
C LYS A 60 5.83 -9.13 -1.78
N THR A 61 6.53 -8.02 -2.02
CA THR A 61 7.07 -7.73 -3.35
C THR A 61 8.42 -7.04 -3.25
N SER A 62 9.39 -7.50 -4.03
CA SER A 62 10.72 -6.93 -4.04
C SER A 62 10.69 -5.49 -4.54
N GLU A 63 9.89 -5.24 -5.56
CA GLU A 63 9.76 -3.91 -6.13
C GLU A 63 8.72 -3.08 -5.38
N ASN A 64 8.69 -1.78 -5.67
CA ASN A 64 7.74 -0.89 -5.01
C ASN A 64 6.42 -0.86 -5.76
N ARG A 65 6.12 -1.94 -6.48
CA ARG A 65 4.88 -2.03 -7.23
C ARG A 65 4.37 -3.47 -7.23
N ALA A 66 3.06 -3.62 -7.02
CA ALA A 66 2.44 -4.95 -7.00
C ALA A 66 1.06 -4.90 -7.64
N GLU A 67 0.51 -6.09 -7.93
CA GLU A 67 -0.80 -6.18 -8.54
C GLU A 67 -1.71 -7.10 -7.72
N LEU A 68 -2.84 -6.56 -7.27
CA LEU A 68 -3.80 -7.33 -6.48
C LEU A 68 -4.88 -7.94 -7.37
N ARG A 69 -4.87 -9.26 -7.48
CA ARG A 69 -5.85 -9.96 -8.30
C ARG A 69 -7.01 -10.46 -7.45
N GLY A 70 -8.22 -10.37 -7.99
CA GLY A 70 -9.39 -10.82 -7.27
C GLY A 70 -9.90 -9.77 -6.29
N LEU A 71 -10.69 -8.83 -6.80
CA LEU A 71 -11.25 -7.77 -5.97
C LEU A 71 -12.56 -7.24 -6.55
N LYS A 72 -13.19 -6.32 -5.84
CA LYS A 72 -14.45 -5.74 -6.29
C LYS A 72 -14.20 -4.49 -7.12
N ARG A 73 -14.92 -4.37 -8.24
CA ARG A 73 -14.77 -3.21 -9.12
C ARG A 73 -15.61 -2.03 -8.61
N GLY A 74 -15.62 -1.85 -7.29
CA GLY A 74 -16.38 -0.76 -6.71
C GLY A 74 -16.61 -0.95 -5.22
N ALA A 75 -15.53 -1.21 -4.49
CA ALA A 75 -15.63 -1.41 -3.05
C ALA A 75 -14.49 -0.69 -2.32
N SER A 76 -14.79 -0.18 -1.13
CA SER A 76 -13.81 0.54 -0.34
C SER A 76 -12.73 -0.42 0.19
N TYR A 77 -11.55 -0.35 -0.41
CA TYR A 77 -10.43 -1.20 -0.02
C TYR A 77 -9.36 -0.39 0.70
N LEU A 78 -9.13 -0.71 1.97
CA LEU A 78 -8.12 -0.02 2.76
C LEU A 78 -6.81 -0.80 2.78
N VAL A 79 -5.86 -0.36 1.96
CA VAL A 79 -4.55 -1.01 1.89
C VAL A 79 -3.45 -0.10 2.40
N GLN A 80 -2.44 -0.68 3.01
CA GLN A 80 -1.31 0.08 3.54
C GLN A 80 0.02 -0.50 3.06
N VAL A 81 0.81 0.33 2.39
CA VAL A 81 2.10 -0.11 1.88
C VAL A 81 3.24 0.34 2.80
N ARG A 82 4.01 -0.63 3.30
CA ARG A 82 5.12 -0.33 4.19
C ARG A 82 6.45 -0.71 3.54
N ALA A 83 7.51 0.00 3.94
CA ALA A 83 8.84 -0.26 3.39
C ALA A 83 9.75 -0.87 4.45
N ARG A 84 10.56 -1.84 4.02
CA ARG A 84 11.48 -2.51 4.93
C ARG A 84 12.93 -2.24 4.54
N SER A 85 13.77 -2.03 5.53
CA SER A 85 15.18 -1.75 5.30
C SER A 85 16.07 -2.67 6.14
N GLU A 86 17.38 -2.59 5.91
CA GLU A 86 18.33 -3.41 6.65
C GLU A 86 18.03 -3.38 8.14
N ALA A 87 17.95 -2.18 8.70
CA ALA A 87 17.66 -2.02 10.12
C ALA A 87 16.49 -2.88 10.55
N GLY A 88 15.31 -2.60 9.99
CA GLY A 88 14.12 -3.37 10.33
C GLY A 88 12.91 -2.94 9.53
N TYR A 89 11.72 -3.32 10.00
CA TYR A 89 10.49 -2.98 9.31
C TYR A 89 10.05 -1.56 9.66
N GLY A 90 9.70 -0.79 8.63
CA GLY A 90 9.26 0.58 8.86
C GLY A 90 7.78 0.68 9.14
N PRO A 91 7.38 1.77 9.81
CA PRO A 91 5.97 2.01 10.17
C PRO A 91 5.11 2.30 8.94
N PHE A 92 3.86 1.87 8.98
CA PHE A 92 2.93 2.09 7.88
C PHE A 92 2.69 3.58 7.66
N GLY A 93 2.27 3.93 6.45
CA GLY A 93 2.02 5.33 6.13
C GLY A 93 0.53 5.64 6.04
N GLN A 94 0.19 6.66 5.25
CA GLN A 94 -1.20 7.05 5.09
C GLN A 94 -2.00 5.96 4.38
N GLU A 95 -3.18 5.66 4.90
CA GLU A 95 -4.04 4.64 4.31
C GLU A 95 -4.17 4.85 2.81
N HIS A 96 -4.07 3.75 2.06
CA HIS A 96 -4.18 3.81 0.60
C HIS A 96 -5.57 3.38 0.15
N HIS A 97 -6.22 4.25 -0.61
CA HIS A 97 -7.57 3.97 -1.11
C HIS A 97 -7.55 3.76 -2.63
N SER A 98 -7.67 2.50 -3.05
CA SER A 98 -7.67 2.17 -4.47
C SER A 98 -8.74 2.95 -5.21
N GLN A 99 -8.35 3.53 -6.36
CA GLN A 99 -9.28 4.31 -7.16
C GLN A 99 -10.11 3.41 -8.06
N THR A 100 -11.12 2.77 -7.49
CA THR A 100 -11.99 1.87 -8.24
C THR A 100 -13.27 2.58 -8.67
N GLN A 101 -13.19 3.30 -9.77
CA GLN A 101 -14.36 4.03 -10.29
C GLN A 101 -15.06 4.80 -9.18
N LEU A 102 -14.26 5.38 -8.28
CA LEU A 102 -14.81 6.14 -7.16
C LEU A 102 -13.85 7.26 -6.74
N ASP A 103 -14.35 8.48 -6.74
CA ASP A 103 -13.54 9.64 -6.35
C ASP A 103 -13.22 9.59 -4.86
N SER A 104 -11.97 9.86 -4.51
CA SER A 104 -11.53 9.86 -3.13
C SER A 104 -11.63 11.25 -2.52
N GLY A 105 -11.14 12.25 -3.26
CA GLY A 105 -11.19 13.62 -2.79
C GLY A 105 -9.80 14.18 -2.51
N PRO A 106 -9.01 14.35 -3.58
CA PRO A 106 -7.65 14.88 -3.48
C PRO A 106 -7.63 16.35 -3.11
N SER A 107 -6.79 16.70 -2.13
CA SER A 107 -6.68 18.08 -1.68
C SER A 107 -5.23 18.47 -1.46
N SER A 108 -4.97 19.77 -1.31
CA SER A 108 -3.62 20.26 -1.10
C SER A 108 -2.92 19.48 0.01
N GLY A 109 -1.60 19.67 0.11
CA GLY A 109 -0.83 18.97 1.12
C GLY A 109 -1.34 19.24 2.52
#